data_5VYP
#
_entry.id   5VYP
#
_cell.length_a   75.605
_cell.length_b   83.489
_cell.length_c   105.194
_cell.angle_alpha   90.000
_cell.angle_beta   93.990
_cell.angle_gamma   90.000
#
_symmetry.space_group_name_H-M   'P 1 21 1'
#
loop_
_entity.id
_entity.type
_entity.pdbx_description
1 polymer 'Defensin NsD7'
2 non-polymer '[(2R)-2-octanoyloxy-3-[oxidanyl-[(1R,2R,3S,4R,5R,6S)-2,3,6-tris(oxidanyl)-4,5-diphosphonooxy-cyclohexyl]oxy-phosphoryl]oxy-propyl] octanoate'
3 non-polymer 'SULFATE ION'
4 non-polymer GLYCEROL
5 water water
#
_entity_poly.entity_id   1
_entity_poly.type   'polypeptide(L)'
_entity_poly.pdbx_seq_one_letter_code
;AKDCKRESNTFPGICITKPPCRKACIREKFTDGHCSKILRRCLCTKPC
;
_entity_poly.pdbx_strand_id   A,B,C,D,E,F,G,H,I,J,K,L,M,N,O,P,Q,R,S,T,U,V,W,X
#
loop_
_chem_comp.id
_chem_comp.type
_chem_comp.name
_chem_comp.formula
GOL non-polymer GLYCEROL 'C3 H8 O3'
PIO non-polymer '[(2R)-2-octanoyloxy-3-[oxidanyl-[(1R,2R,3S,4R,5R,6S)-2,3,6-tris(oxidanyl)-4,5-diphosphonooxy-cyclohexyl]oxy-phosphoryl]oxy-propyl] octanoate' 'C25 H49 O19 P3'
SO4 non-polymer 'SULFATE ION' 'O4 S -2'
#
# COMPACT_ATOMS: atom_id res chain seq x y z
N LYS A 2 23.68 -18.91 25.37
CA LYS A 2 22.46 -18.79 26.16
C LYS A 2 21.89 -20.17 26.50
N ASP A 3 20.72 -20.17 27.13
CA ASP A 3 20.06 -21.40 27.55
C ASP A 3 18.84 -21.67 26.67
N CYS A 4 18.28 -22.87 26.84
CA CYS A 4 17.06 -23.24 26.13
C CYS A 4 15.86 -22.65 26.84
N LYS A 5 14.97 -22.02 26.09
CA LYS A 5 13.87 -21.24 26.65
C LYS A 5 12.53 -21.83 26.22
N ARG A 6 11.56 -21.80 27.13
CA ARG A 6 10.21 -22.26 26.86
C ARG A 6 9.28 -21.64 27.89
N GLU A 7 8.08 -21.28 27.45
CA GLU A 7 7.11 -20.67 28.36
C GLU A 7 6.65 -21.67 29.41
N SER A 8 6.41 -21.18 30.62
CA SER A 8 5.98 -22.05 31.71
C SER A 8 4.59 -22.59 31.48
N ASN A 9 4.41 -23.88 31.75
CA ASN A 9 3.10 -24.52 31.65
C ASN A 9 2.29 -24.42 32.94
N THR A 10 2.90 -23.99 34.04
CA THR A 10 2.28 -24.07 35.35
C THR A 10 2.06 -22.73 36.03
N PHE A 11 2.64 -21.64 35.53
CA PHE A 11 2.49 -20.35 36.22
C PHE A 11 1.05 -19.87 36.09
N PRO A 12 0.40 -19.50 37.20
CA PRO A 12 -1.05 -19.25 37.15
C PRO A 12 -1.43 -17.89 36.59
N GLY A 13 -0.72 -16.83 36.96
CA GLY A 13 -1.14 -15.48 36.60
C GLY A 13 -0.16 -14.70 35.77
N ILE A 14 0.02 -13.42 36.12
CA ILE A 14 0.87 -12.50 35.37
C ILE A 14 2.22 -12.43 36.06
N CYS A 15 3.28 -12.56 35.26
CA CYS A 15 4.65 -12.53 35.78
C CYS A 15 4.98 -11.13 36.27
N ILE A 16 4.75 -10.86 37.56
CA ILE A 16 5.04 -9.54 38.10
C ILE A 16 6.52 -9.44 38.49
N THR A 17 6.99 -10.36 39.32
CA THR A 17 8.37 -10.42 39.75
C THR A 17 8.98 -11.76 39.34
N LYS A 18 10.30 -11.86 39.48
CA LYS A 18 11.06 -13.01 39.03
C LYS A 18 11.01 -14.20 39.98
N PRO A 19 11.13 -14.03 41.31
CA PRO A 19 11.16 -15.19 42.22
C PRO A 19 9.95 -16.11 42.05
N PRO A 20 8.72 -15.59 41.96
CA PRO A 20 7.59 -16.53 41.79
C PRO A 20 7.66 -17.35 40.51
N CYS A 21 8.10 -16.74 39.41
CA CYS A 21 8.24 -17.49 38.17
C CYS A 21 9.45 -18.41 38.20
N ARG A 22 10.51 -18.03 38.92
CA ARG A 22 11.69 -18.87 39.00
C ARG A 22 11.40 -20.15 39.76
N LYS A 23 10.63 -20.08 40.86
CA LYS A 23 10.29 -21.28 41.60
C LYS A 23 9.38 -22.19 40.78
N ALA A 24 8.42 -21.63 40.06
CA ALA A 24 7.52 -22.44 39.26
C ALA A 24 8.23 -23.15 38.13
N CYS A 25 9.33 -22.57 37.62
CA CYS A 25 10.09 -23.22 36.57
C CYS A 25 10.96 -24.35 37.11
N ILE A 26 11.48 -24.22 38.33
CA ILE A 26 12.26 -25.30 38.92
C ILE A 26 11.39 -26.52 39.17
N ARG A 27 10.12 -26.31 39.53
CA ARG A 27 9.20 -27.44 39.68
C ARG A 27 8.92 -28.13 38.35
N GLU A 28 9.12 -27.45 37.23
CA GLU A 28 9.03 -28.05 35.91
C GLU A 28 10.37 -28.59 35.42
N LYS A 29 11.31 -28.82 36.35
CA LYS A 29 12.63 -29.38 36.04
C LYS A 29 13.46 -28.45 35.15
N PHE A 30 13.26 -27.15 35.30
CA PHE A 30 14.14 -26.15 34.71
C PHE A 30 15.06 -25.58 35.78
N THR A 31 16.02 -24.75 35.35
CA THR A 31 17.01 -24.18 36.26
C THR A 31 16.78 -22.71 36.59
N ASP A 32 16.01 -21.99 35.78
CA ASP A 32 15.77 -20.57 36.03
C ASP A 32 14.54 -20.14 35.24
N GLY A 33 14.04 -18.95 35.57
CA GLY A 33 12.91 -18.39 34.86
C GLY A 33 12.85 -16.89 35.06
N HIS A 34 12.40 -16.18 34.02
CA HIS A 34 12.27 -14.73 34.07
C HIS A 34 10.98 -14.32 33.39
N CYS A 35 10.58 -13.07 33.64
CA CYS A 35 9.36 -12.54 33.07
C CYS A 35 9.60 -12.01 31.66
N SER A 36 8.63 -12.20 30.78
CA SER A 36 8.70 -11.59 29.46
C SER A 36 8.52 -10.08 29.58
N LYS A 37 9.19 -9.34 28.70
CA LYS A 37 9.28 -7.90 28.87
C LYS A 37 7.93 -7.22 28.67
N ILE A 38 7.15 -7.66 27.69
CA ILE A 38 5.93 -6.93 27.34
C ILE A 38 4.70 -7.67 27.82
N LEU A 39 4.53 -8.92 27.38
CA LEU A 39 3.35 -9.70 27.72
C LEU A 39 3.38 -10.24 29.14
N ARG A 40 4.49 -10.09 29.85
CA ARG A 40 4.61 -10.51 31.25
C ARG A 40 4.34 -12.01 31.39
N ARG A 41 4.99 -12.80 30.54
CA ARG A 41 4.89 -14.25 30.60
C ARG A 41 6.05 -14.83 31.41
N CYS A 42 5.83 -16.02 31.95
CA CYS A 42 6.86 -16.72 32.73
C CYS A 42 7.61 -17.66 31.79
N LEU A 43 8.83 -17.28 31.42
CA LEU A 43 9.65 -18.04 30.49
C LEU A 43 10.68 -18.83 31.27
N CYS A 44 10.64 -20.15 31.16
CA CYS A 44 11.58 -21.02 31.85
C CYS A 44 12.85 -21.21 31.00
N THR A 45 14.00 -21.23 31.67
CA THR A 45 15.28 -21.39 31.00
C THR A 45 16.07 -22.51 31.67
N LYS A 46 16.76 -23.31 30.86
CA LYS A 46 17.62 -24.37 31.34
C LYS A 46 18.74 -24.57 30.34
N PRO A 47 19.93 -24.98 30.81
CA PRO A 47 21.03 -25.22 29.87
C PRO A 47 20.73 -26.40 28.96
N CYS A 48 20.96 -26.20 27.66
CA CYS A 48 20.71 -27.24 26.66
C CYS A 48 21.81 -28.30 26.73
N ALA B 1 3.27 -26.90 24.46
CA ALA B 1 2.96 -27.15 23.06
C ALA B 1 4.17 -26.85 22.18
N LYS B 2 5.18 -26.21 22.76
CA LYS B 2 6.41 -25.87 22.07
C LYS B 2 7.60 -26.54 22.75
N ASP B 3 8.64 -26.79 21.97
CA ASP B 3 9.85 -27.41 22.49
C ASP B 3 10.83 -26.33 22.98
N CYS B 4 11.90 -26.78 23.63
CA CYS B 4 12.94 -25.86 24.08
C CYS B 4 13.64 -25.23 22.88
N LYS B 5 13.82 -23.92 22.94
CA LYS B 5 14.19 -23.14 21.76
C LYS B 5 15.32 -22.17 22.08
N ARG B 6 16.31 -22.11 21.19
CA ARG B 6 17.37 -21.13 21.26
C ARG B 6 17.86 -20.83 19.84
N GLU B 7 18.35 -19.62 19.64
CA GLU B 7 18.87 -19.25 18.33
C GLU B 7 20.15 -20.00 18.03
N SER B 8 20.30 -20.42 16.77
CA SER B 8 21.50 -21.15 16.37
C SER B 8 22.74 -20.26 16.50
N ASN B 9 23.84 -20.89 16.89
CA ASN B 9 25.13 -20.21 16.97
C ASN B 9 26.02 -20.43 15.76
N THR B 10 25.68 -21.39 14.90
CA THR B 10 26.48 -21.72 13.73
C THR B 10 25.81 -21.36 12.41
N PHE B 11 24.61 -20.76 12.46
CA PHE B 11 23.93 -20.34 11.24
C PHE B 11 24.44 -18.96 10.83
N PRO B 12 25.04 -18.81 9.65
CA PRO B 12 25.70 -17.55 9.33
C PRO B 12 24.77 -16.43 8.88
N GLY B 13 23.86 -16.72 7.95
CA GLY B 13 23.09 -15.71 7.27
C GLY B 13 21.72 -15.47 7.86
N ILE B 14 20.79 -15.10 6.99
CA ILE B 14 19.41 -14.80 7.37
C ILE B 14 18.54 -15.99 6.98
N CYS B 15 17.68 -16.41 7.91
CA CYS B 15 16.86 -17.60 7.72
C CYS B 15 15.72 -17.28 6.75
N ILE B 16 15.75 -17.91 5.57
CA ILE B 16 14.69 -17.76 4.57
C ILE B 16 13.93 -19.07 4.38
N THR B 17 14.64 -20.16 4.12
CA THR B 17 14.04 -21.47 4.00
C THR B 17 14.45 -22.34 5.18
N LYS B 18 13.66 -23.38 5.42
CA LYS B 18 13.83 -24.25 6.58
C LYS B 18 14.99 -25.24 6.47
N PRO B 19 15.21 -25.90 5.32
CA PRO B 19 16.29 -26.90 5.23
C PRO B 19 17.65 -26.36 5.64
N PRO B 20 18.05 -25.15 5.21
CA PRO B 20 19.38 -24.66 5.64
C PRO B 20 19.50 -24.50 7.14
N CYS B 21 18.47 -23.99 7.81
CA CYS B 21 18.51 -23.82 9.26
C CYS B 21 18.36 -25.15 9.98
N ARG B 22 17.56 -26.06 9.44
CA ARG B 22 17.38 -27.36 10.09
C ARG B 22 18.67 -28.16 10.08
N LYS B 23 19.45 -28.07 9.01
CA LYS B 23 20.71 -28.79 8.94
C LYS B 23 21.72 -28.23 9.93
N ALA B 24 21.71 -26.91 10.13
CA ALA B 24 22.66 -26.30 11.06
C ALA B 24 22.29 -26.62 12.50
N CYS B 25 21.01 -26.78 12.80
CA CYS B 25 20.59 -27.08 14.17
C CYS B 25 20.90 -28.51 14.55
N ILE B 26 20.70 -29.45 13.62
CA ILE B 26 20.97 -30.86 13.92
C ILE B 26 22.46 -31.06 14.21
N ARG B 27 23.32 -30.34 13.50
CA ARG B 27 24.75 -30.39 13.79
C ARG B 27 25.07 -29.83 15.18
N GLU B 28 24.18 -29.01 15.75
CA GLU B 28 24.34 -28.50 17.10
C GLU B 28 23.61 -29.36 18.14
N LYS B 29 23.38 -30.64 17.83
CA LYS B 29 22.72 -31.57 18.75
C LYS B 29 21.28 -31.17 19.04
N PHE B 30 20.58 -30.71 18.00
CA PHE B 30 19.16 -30.40 18.07
C PHE B 30 18.39 -31.32 17.13
N THR B 31 17.07 -31.33 17.29
CA THR B 31 16.21 -32.21 16.51
C THR B 31 15.53 -31.52 15.35
N ASP B 32 15.46 -30.19 15.35
CA ASP B 32 14.76 -29.48 14.28
C ASP B 32 15.24 -28.04 14.25
N GLY B 33 14.79 -27.30 13.24
CA GLY B 33 15.12 -25.90 13.10
C GLY B 33 14.16 -25.18 12.16
N HIS B 34 13.71 -23.99 12.56
CA HIS B 34 12.77 -23.22 11.77
C HIS B 34 13.09 -21.74 11.87
N CYS B 35 12.69 -21.00 10.85
CA CYS B 35 12.94 -19.56 10.80
C CYS B 35 11.90 -18.81 11.63
N SER B 36 12.35 -17.76 12.32
CA SER B 36 11.41 -16.84 12.94
C SER B 36 10.66 -16.05 11.87
N LYS B 37 9.47 -15.58 12.22
CA LYS B 37 8.57 -15.02 11.22
C LYS B 37 9.05 -13.65 10.73
N ILE B 38 9.40 -12.77 11.67
CA ILE B 38 9.70 -11.38 11.32
C ILE B 38 11.21 -11.17 11.20
N LEU B 39 11.96 -11.47 12.27
CA LEU B 39 13.40 -11.23 12.23
C LEU B 39 14.14 -12.24 11.37
N ARG B 40 13.50 -13.35 11.00
CA ARG B 40 14.11 -14.37 10.14
C ARG B 40 15.39 -14.93 10.76
N ARG B 41 15.30 -15.32 12.02
CA ARG B 41 16.40 -15.94 12.74
C ARG B 41 16.26 -17.46 12.71
N CYS B 42 17.40 -18.14 12.75
CA CYS B 42 17.43 -19.61 12.74
C CYS B 42 17.29 -20.10 14.17
N LEU B 43 16.09 -20.57 14.51
CA LEU B 43 15.77 -21.02 15.86
C LEU B 43 15.86 -22.55 15.92
N CYS B 44 16.69 -23.06 16.82
CA CYS B 44 16.84 -24.49 17.01
C CYS B 44 15.92 -24.98 18.11
N THR B 45 15.29 -26.12 17.89
CA THR B 45 14.33 -26.69 18.83
C THR B 45 14.71 -28.13 19.15
N LYS B 46 14.44 -28.52 20.39
CA LYS B 46 14.63 -29.90 20.85
C LYS B 46 13.67 -30.13 22.01
N PRO B 47 13.22 -31.36 22.22
CA PRO B 47 12.31 -31.63 23.33
C PRO B 47 12.95 -31.29 24.67
N CYS B 48 12.21 -30.55 25.49
CA CYS B 48 12.72 -30.14 26.81
C CYS B 48 12.88 -31.35 27.71
N ALA C 1 9.01 -29.18 16.00
CA ALA C 1 7.65 -29.35 15.51
C ALA C 1 6.62 -29.06 16.60
N LYS C 2 6.00 -27.88 16.52
CA LYS C 2 4.94 -27.53 17.44
C LYS C 2 3.67 -28.32 17.10
N ASP C 3 2.69 -28.24 18.00
CA ASP C 3 1.45 -28.98 17.85
C ASP C 3 0.53 -28.26 16.86
N CYS C 4 -0.60 -28.88 16.56
CA CYS C 4 -1.60 -28.21 15.73
C CYS C 4 -2.26 -27.08 16.50
N LYS C 5 -3.13 -26.36 15.81
CA LYS C 5 -3.74 -25.18 16.41
C LYS C 5 -5.08 -24.88 15.76
N ARG C 6 -6.06 -24.53 16.60
CA ARG C 6 -7.36 -24.09 16.15
C ARG C 6 -7.95 -23.18 17.22
N GLU C 7 -8.49 -22.04 16.79
CA GLU C 7 -9.07 -21.09 17.73
C GLU C 7 -10.24 -21.73 18.48
N SER C 8 -10.35 -21.43 19.77
CA SER C 8 -11.37 -22.03 20.61
C SER C 8 -12.76 -21.62 20.14
N ASN C 9 -13.70 -22.57 20.18
CA ASN C 9 -15.09 -22.33 19.85
C ASN C 9 -15.96 -22.09 21.07
N THR C 10 -15.44 -22.35 22.27
CA THR C 10 -16.21 -22.20 23.49
C THR C 10 -15.69 -21.10 24.42
N PHE C 11 -14.51 -20.54 24.15
CA PHE C 11 -13.95 -19.51 25.02
C PHE C 11 -14.67 -18.19 24.78
N PRO C 12 -15.23 -17.56 25.81
CA PRO C 12 -16.11 -16.39 25.57
C PRO C 12 -15.38 -15.05 25.59
N GLY C 13 -14.45 -14.85 26.52
CA GLY C 13 -13.84 -13.56 26.75
C GLY C 13 -12.57 -13.33 25.95
N ILE C 14 -11.72 -12.47 26.50
CA ILE C 14 -10.46 -12.11 25.86
C ILE C 14 -9.33 -12.82 26.61
N CYS C 15 -8.53 -13.57 25.87
CA CYS C 15 -7.50 -14.42 26.47
C CYS C 15 -6.44 -13.55 27.13
N ILE C 16 -6.39 -13.57 28.46
CA ILE C 16 -5.40 -12.82 29.24
C ILE C 16 -4.36 -13.76 29.84
N THR C 17 -4.80 -14.75 30.59
CA THR C 17 -3.92 -15.73 31.21
C THR C 17 -4.13 -17.10 30.60
N LYS C 18 -3.12 -17.95 30.74
CA LYS C 18 -3.07 -19.26 30.10
C LYS C 18 -3.99 -20.30 30.75
N PRO C 19 -4.08 -20.40 32.08
CA PRO C 19 -4.92 -21.45 32.70
C PRO C 19 -6.38 -21.39 32.24
N PRO C 20 -7.01 -20.21 32.17
CA PRO C 20 -8.42 -20.21 31.73
C PRO C 20 -8.62 -20.72 30.30
N CYS C 21 -7.73 -20.33 29.38
CA CYS C 21 -7.86 -20.81 28.00
C CYS C 21 -7.60 -22.31 27.89
N ARG C 22 -6.71 -22.86 28.72
CA ARG C 22 -6.46 -24.29 28.71
C ARG C 22 -7.70 -25.06 29.15
N LYS C 23 -8.44 -24.52 30.13
CA LYS C 23 -9.60 -25.23 30.65
C LYS C 23 -10.69 -25.36 29.60
N ALA C 24 -10.90 -24.32 28.79
CA ALA C 24 -11.90 -24.38 27.74
C ALA C 24 -11.45 -25.30 26.61
N CYS C 25 -10.14 -25.32 26.32
CA CYS C 25 -9.64 -26.17 25.25
C CYS C 25 -9.71 -27.65 25.62
N ILE C 26 -9.57 -27.98 26.91
CA ILE C 26 -9.67 -29.38 27.32
C ILE C 26 -11.07 -29.91 27.10
N ARG C 27 -12.09 -29.04 27.23
CA ARG C 27 -13.46 -29.46 26.90
C ARG C 27 -13.57 -29.88 25.45
N GLU C 28 -12.82 -29.23 24.55
CA GLU C 28 -12.82 -29.54 23.13
C GLU C 28 -11.83 -30.65 22.78
N LYS C 29 -11.41 -31.46 23.76
CA LYS C 29 -10.52 -32.59 23.54
C LYS C 29 -9.15 -32.15 23.00
N PHE C 30 -8.66 -31.02 23.49
CA PHE C 30 -7.31 -30.56 23.21
C PHE C 30 -6.45 -30.72 24.46
N THR C 31 -5.14 -30.88 24.24
CA THR C 31 -4.24 -31.14 25.36
C THR C 31 -3.78 -29.88 26.07
N ASP C 32 -3.82 -28.72 25.41
CA ASP C 32 -3.36 -27.49 26.02
C ASP C 32 -4.03 -26.32 25.32
N GLY C 33 -3.72 -25.11 25.77
CA GLY C 33 -4.25 -23.90 25.19
C GLY C 33 -3.51 -22.66 25.67
N HIS C 34 -3.32 -21.69 24.78
CA HIS C 34 -2.58 -20.49 25.13
C HIS C 34 -3.20 -19.29 24.41
N CYS C 35 -2.82 -18.10 24.87
CA CYS C 35 -3.33 -16.85 24.32
C CYS C 35 -2.49 -16.40 23.14
N SER C 36 -3.17 -15.96 22.08
CA SER C 36 -2.47 -15.35 20.97
C SER C 36 -1.86 -14.02 21.39
N LYS C 37 -0.71 -13.69 20.80
CA LYS C 37 0.12 -12.61 21.35
C LYS C 37 -0.51 -11.24 21.10
N ILE C 38 -1.02 -10.99 19.89
CA ILE C 38 -1.52 -9.66 19.54
C ILE C 38 -3.03 -9.60 19.71
N LEU C 39 -3.76 -10.43 18.96
CA LEU C 39 -5.21 -10.36 18.98
C LEU C 39 -5.83 -10.93 20.25
N ARG C 40 -5.03 -11.56 21.11
CA ARG C 40 -5.49 -12.08 22.40
C ARG C 40 -6.60 -13.12 22.21
N ARG C 41 -6.34 -14.08 21.34
CA ARG C 41 -7.27 -15.17 21.07
C ARG C 41 -6.84 -16.44 21.80
N CYS C 42 -7.81 -17.21 22.25
CA CYS C 42 -7.54 -18.47 22.93
C CYS C 42 -7.33 -19.55 21.88
N LEU C 43 -6.11 -20.06 21.78
CA LEU C 43 -5.73 -21.03 20.77
C LEU C 43 -5.54 -22.40 21.40
N CYS C 44 -6.24 -23.40 20.87
CA CYS C 44 -6.14 -24.76 21.38
C CYS C 44 -5.11 -25.54 20.57
N THR C 45 -4.33 -26.37 21.27
CA THR C 45 -3.25 -27.13 20.67
C THR C 45 -3.40 -28.61 21.01
N LYS C 46 -2.88 -29.46 20.13
CA LYS C 46 -2.94 -30.91 20.33
C LYS C 46 -1.91 -31.56 19.44
N PRO C 47 -1.38 -32.72 19.83
CA PRO C 47 -0.38 -33.40 18.99
C PRO C 47 -1.02 -33.91 17.70
N CYS C 48 -0.45 -33.49 16.58
CA CYS C 48 -0.99 -33.84 15.28
C CYS C 48 -0.23 -35.00 14.66
N ALA D 1 -14.75 -20.82 11.49
CA ALA D 1 -14.59 -22.25 11.66
C ALA D 1 -13.54 -22.81 10.71
N LYS D 2 -12.64 -23.64 11.23
CA LYS D 2 -11.58 -24.24 10.44
C LYS D 2 -11.34 -25.66 10.96
N ASP D 3 -10.16 -26.19 10.69
CA ASP D 3 -9.68 -27.44 11.27
C ASP D 3 -8.25 -27.23 11.77
N CYS D 4 -7.64 -28.30 12.27
CA CYS D 4 -6.31 -28.18 12.85
C CYS D 4 -5.28 -27.82 11.78
N LYS D 5 -4.37 -26.92 12.15
CA LYS D 5 -3.43 -26.33 11.21
C LYS D 5 -2.04 -26.32 11.80
N ARG D 6 -1.03 -26.56 10.95
CA ARG D 6 0.36 -26.53 11.38
C ARG D 6 1.25 -26.30 10.17
N GLU D 7 2.36 -25.61 10.41
CA GLU D 7 3.31 -25.32 9.34
C GLU D 7 4.02 -26.60 8.90
N SER D 8 4.31 -26.70 7.60
CA SER D 8 4.94 -27.89 7.06
C SER D 8 6.40 -27.98 7.50
N ASN D 9 6.80 -29.17 7.96
CA ASN D 9 8.18 -29.43 8.35
C ASN D 9 9.06 -29.88 7.20
N THR D 10 8.46 -30.32 6.09
CA THR D 10 9.20 -30.88 4.97
C THR D 10 9.14 -30.05 3.70
N PHE D 11 8.42 -28.93 3.71
CA PHE D 11 8.30 -28.11 2.50
C PHE D 11 9.60 -27.35 2.27
N PRO D 12 10.21 -27.44 1.08
CA PRO D 12 11.56 -26.91 0.89
C PRO D 12 11.64 -25.40 0.74
N GLY D 13 10.77 -24.79 -0.06
CA GLY D 13 10.93 -23.40 -0.41
C GLY D 13 9.75 -22.50 -0.10
N ILE D 14 9.37 -21.68 -1.07
CA ILE D 14 8.27 -20.74 -0.91
C ILE D 14 6.98 -21.39 -1.38
N CYS D 15 5.90 -21.18 -0.63
CA CYS D 15 4.58 -21.65 -1.04
C CYS D 15 3.97 -20.62 -1.98
N ILE D 16 3.86 -21.00 -3.25
CA ILE D 16 3.19 -20.18 -4.26
C ILE D 16 2.00 -20.91 -4.87
N THR D 17 2.22 -22.13 -5.32
CA THR D 17 1.16 -22.98 -5.84
C THR D 17 0.74 -23.98 -4.78
N LYS D 18 -0.54 -24.34 -4.79
CA LYS D 18 -1.13 -25.24 -3.81
C LYS D 18 -0.70 -26.70 -3.99
N PRO D 19 -0.64 -27.25 -5.20
CA PRO D 19 -0.28 -28.68 -5.35
C PRO D 19 1.06 -29.02 -4.71
N PRO D 20 2.12 -28.22 -4.89
CA PRO D 20 3.38 -28.59 -4.21
C PRO D 20 3.28 -28.61 -2.70
N CYS D 21 2.50 -27.70 -2.12
CA CYS D 21 2.32 -27.69 -0.67
C CYS D 21 1.36 -28.79 -0.21
N ARG D 22 0.36 -29.13 -1.04
CA ARG D 22 -0.54 -30.23 -0.69
C ARG D 22 0.20 -31.56 -0.65
N LYS D 23 1.02 -31.83 -1.67
CA LYS D 23 1.73 -33.10 -1.72
C LYS D 23 2.71 -33.25 -0.56
N ALA D 24 3.30 -32.14 -0.11
CA ALA D 24 4.20 -32.21 1.04
C ALA D 24 3.44 -32.44 2.33
N CYS D 25 2.23 -31.87 2.45
CA CYS D 25 1.45 -32.05 3.67
C CYS D 25 0.86 -33.46 3.75
N ILE D 26 0.45 -34.02 2.61
CA ILE D 26 -0.09 -35.37 2.61
C ILE D 26 1.00 -36.38 2.98
N ARG D 27 2.23 -36.12 2.58
CA ARG D 27 3.34 -36.97 3.03
C ARG D 27 3.56 -36.85 4.53
N GLU D 28 3.19 -35.72 5.14
CA GLU D 28 3.26 -35.54 6.57
C GLU D 28 2.00 -36.02 7.29
N LYS D 29 1.21 -36.88 6.65
CA LYS D 29 0.01 -37.46 7.24
C LYS D 29 -1.06 -36.40 7.52
N PHE D 30 -1.12 -35.37 6.69
CA PHE D 30 -2.20 -34.39 6.73
C PHE D 30 -3.14 -34.63 5.55
N THR D 31 -4.24 -33.87 5.54
CA THR D 31 -5.25 -34.02 4.48
C THR D 31 -5.16 -32.96 3.41
N ASP D 32 -4.63 -31.77 3.73
CA ASP D 32 -4.56 -30.70 2.75
C ASP D 32 -3.39 -29.78 3.12
N GLY D 33 -3.17 -28.78 2.28
CA GLY D 33 -2.14 -27.79 2.51
C GLY D 33 -2.36 -26.56 1.64
N HIS D 34 -2.16 -25.38 2.21
CA HIS D 34 -2.39 -24.13 1.49
C HIS D 34 -1.31 -23.13 1.87
N CYS D 35 -1.12 -22.14 1.00
CA CYS D 35 -0.10 -21.12 1.22
C CYS D 35 -0.62 -20.02 2.14
N SER D 36 0.22 -19.60 3.08
CA SER D 36 -0.10 -18.44 3.90
C SER D 36 -0.11 -17.18 3.03
N LYS D 37 -0.79 -16.15 3.53
CA LYS D 37 -1.05 -14.97 2.71
C LYS D 37 0.23 -14.18 2.44
N ILE D 38 0.96 -13.82 3.50
CA ILE D 38 2.06 -12.88 3.38
C ILE D 38 3.41 -13.59 3.28
N LEU D 39 3.77 -14.34 4.33
CA LEU D 39 5.08 -14.99 4.35
C LEU D 39 5.16 -16.18 3.41
N ARG D 40 4.05 -16.58 2.78
CA ARG D 40 4.04 -17.64 1.77
C ARG D 40 4.58 -18.95 2.35
N ARG D 41 4.12 -19.29 3.54
CA ARG D 41 4.46 -20.56 4.18
C ARG D 41 3.49 -21.64 3.74
N CYS D 42 3.93 -22.89 3.84
CA CYS D 42 3.09 -24.04 3.52
C CYS D 42 2.45 -24.52 4.81
N LEU D 43 1.18 -24.18 5.00
CA LEU D 43 0.43 -24.55 6.21
C LEU D 43 -0.36 -25.82 5.93
N CYS D 44 -0.10 -26.86 6.73
CA CYS D 44 -0.79 -28.13 6.58
C CYS D 44 -2.04 -28.16 7.45
N THR D 45 -3.12 -28.73 6.92
CA THR D 45 -4.39 -28.81 7.63
C THR D 45 -4.86 -30.25 7.67
N LYS D 46 -5.61 -30.57 8.74
CA LYS D 46 -6.24 -31.88 8.90
C LYS D 46 -7.36 -31.74 9.90
N PRO D 47 -8.38 -32.58 9.82
CA PRO D 47 -9.46 -32.54 10.83
C PRO D 47 -8.93 -32.86 12.22
N CYS D 48 -9.35 -32.05 13.20
CA CYS D 48 -8.89 -32.23 14.57
C CYS D 48 -9.43 -33.53 15.17
N ALA E 1 -9.00 -27.12 5.38
CA ALA E 1 -9.99 -26.28 4.72
C ALA E 1 -10.78 -25.46 5.73
N LYS E 2 -11.70 -24.64 5.24
CA LYS E 2 -12.54 -23.79 6.07
C LYS E 2 -14.00 -24.02 5.71
N ASP E 3 -14.89 -23.34 6.42
CA ASP E 3 -16.31 -23.36 6.11
C ASP E 3 -16.65 -22.17 5.21
N CYS E 4 -17.90 -22.09 4.80
CA CYS E 4 -18.36 -20.97 3.97
C CYS E 4 -18.60 -19.75 4.84
N LYS E 5 -18.12 -18.59 4.38
CA LYS E 5 -18.07 -17.39 5.18
C LYS E 5 -18.89 -16.28 4.53
N ARG E 6 -19.48 -15.43 5.37
CA ARG E 6 -20.21 -14.26 4.90
C ARG E 6 -20.37 -13.28 6.06
N GLU E 7 -20.37 -11.99 5.73
CA GLU E 7 -20.51 -10.98 6.76
C GLU E 7 -21.95 -10.92 7.26
N SER E 8 -22.10 -10.62 8.56
CA SER E 8 -23.40 -10.56 9.19
C SER E 8 -24.15 -9.29 8.77
N ASN E 9 -25.47 -9.41 8.67
CA ASN E 9 -26.33 -8.28 8.34
C ASN E 9 -26.96 -7.61 9.55
N THR E 10 -27.00 -8.31 10.70
CA THR E 10 -27.71 -7.82 11.87
C THR E 10 -26.79 -7.42 13.03
N PHE E 11 -25.49 -7.68 12.94
CA PHE E 11 -24.60 -7.37 14.05
C PHE E 11 -24.51 -5.86 14.25
N PRO E 12 -24.70 -5.36 15.47
CA PRO E 12 -24.86 -3.91 15.66
C PRO E 12 -23.57 -3.11 15.63
N GLY E 13 -22.52 -3.56 16.30
CA GLY E 13 -21.35 -2.72 16.50
C GLY E 13 -20.04 -3.32 16.06
N ILE E 14 -19.07 -3.31 16.96
CA ILE E 14 -17.72 -3.79 16.68
C ILE E 14 -17.56 -5.18 17.30
N CYS E 15 -17.07 -6.12 16.50
CA CYS E 15 -16.85 -7.48 16.98
C CYS E 15 -15.58 -7.51 17.82
N ILE E 16 -15.75 -7.56 19.14
CA ILE E 16 -14.64 -7.66 20.08
C ILE E 16 -14.55 -9.05 20.69
N THR E 17 -15.68 -9.60 21.12
CA THR E 17 -15.75 -10.94 21.68
C THR E 17 -16.62 -11.83 20.79
N LYS E 18 -16.44 -13.15 20.95
CA LYS E 18 -17.14 -14.09 20.07
C LYS E 18 -18.64 -14.21 20.37
N PRO E 19 -19.09 -14.39 21.62
CA PRO E 19 -20.51 -14.69 21.86
C PRO E 19 -21.48 -13.70 21.21
N PRO E 20 -21.22 -12.38 21.26
CA PRO E 20 -22.16 -11.47 20.58
C PRO E 20 -22.28 -11.70 19.08
N CYS E 21 -21.20 -12.09 18.41
CA CYS E 21 -21.26 -12.33 16.98
C CYS E 21 -21.80 -13.72 16.65
N ARG E 22 -21.54 -14.71 17.52
CA ARG E 22 -22.06 -16.05 17.27
C ARG E 22 -23.58 -16.09 17.37
N LYS E 23 -24.15 -15.38 18.36
CA LYS E 23 -25.60 -15.36 18.51
C LYS E 23 -26.27 -14.64 17.34
N ALA E 24 -25.67 -13.54 16.88
CA ALA E 24 -26.24 -12.82 15.75
C ALA E 24 -26.16 -13.64 14.47
N CYS E 25 -25.13 -14.47 14.33
CA CYS E 25 -25.01 -15.32 13.15
C CYS E 25 -25.94 -16.52 13.22
N ILE E 26 -26.11 -17.09 14.41
CA ILE E 26 -27.03 -18.23 14.56
C ILE E 26 -28.45 -17.81 14.21
N ARG E 27 -28.83 -16.59 14.59
CA ARG E 27 -30.14 -16.07 14.22
C ARG E 27 -30.30 -15.90 12.72
N GLU E 28 -29.19 -15.73 11.99
CA GLU E 28 -29.21 -15.64 10.54
C GLU E 28 -29.14 -17.01 9.87
N LYS E 29 -29.55 -18.06 10.57
CA LYS E 29 -29.54 -19.43 10.05
C LYS E 29 -28.14 -19.90 9.69
N PHE E 30 -27.14 -19.44 10.45
CA PHE E 30 -25.78 -19.94 10.36
C PHE E 30 -25.47 -20.81 11.58
N THR E 31 -24.27 -21.37 11.61
CA THR E 31 -23.88 -22.29 12.67
C THR E 31 -22.82 -21.73 13.62
N ASP E 32 -22.11 -20.68 13.22
CA ASP E 32 -21.05 -20.13 14.06
C ASP E 32 -20.73 -18.72 13.59
N GLY E 33 -19.89 -18.04 14.36
CA GLY E 33 -19.46 -16.70 14.02
C GLY E 33 -18.19 -16.33 14.74
N HIS E 34 -17.41 -15.44 14.14
CA HIS E 34 -16.18 -14.97 14.75
C HIS E 34 -15.88 -13.57 14.21
N CYS E 35 -14.89 -12.92 14.83
CA CYS E 35 -14.53 -11.55 14.49
C CYS E 35 -13.42 -11.54 13.43
N SER E 36 -13.51 -10.59 12.51
CA SER E 36 -12.41 -10.37 11.58
C SER E 36 -11.22 -9.81 12.33
N LYS E 37 -10.02 -10.11 11.82
CA LYS E 37 -8.80 -9.82 12.58
C LYS E 37 -8.57 -8.32 12.75
N ILE E 38 -8.64 -7.56 11.66
CA ILE E 38 -8.25 -6.15 11.73
C ILE E 38 -9.48 -5.25 11.82
N LEU E 39 -10.39 -5.38 10.85
CA LEU E 39 -11.57 -4.53 10.82
C LEU E 39 -12.59 -4.89 11.89
N ARG E 40 -12.42 -6.02 12.58
CA ARG E 40 -13.29 -6.42 13.69
C ARG E 40 -14.75 -6.49 13.26
N ARG E 41 -14.99 -7.19 12.15
CA ARG E 41 -16.33 -7.41 11.63
C ARG E 41 -16.83 -8.79 12.04
N CYS E 42 -18.15 -8.90 12.18
CA CYS E 42 -18.78 -10.17 12.54
C CYS E 42 -18.92 -11.02 11.29
N LEU E 43 -18.18 -12.11 11.23
CA LEU E 43 -18.18 -13.01 10.07
C LEU E 43 -18.97 -14.27 10.42
N CYS E 44 -20.02 -14.54 9.67
CA CYS E 44 -20.83 -15.73 9.89
C CYS E 44 -20.31 -16.89 9.07
N THR E 45 -20.32 -18.08 9.66
CA THR E 45 -19.79 -19.28 9.03
C THR E 45 -20.80 -20.41 9.12
N LYS E 46 -20.68 -21.34 8.16
CA LYS E 46 -21.45 -22.58 8.15
C LYS E 46 -20.84 -23.53 7.14
N PRO E 47 -20.98 -24.84 7.33
CA PRO E 47 -20.40 -25.79 6.37
C PRO E 47 -21.03 -25.63 4.99
N CYS E 48 -20.18 -25.59 3.97
CA CYS E 48 -20.64 -25.45 2.60
C CYS E 48 -21.43 -26.68 2.15
N ALA F 1 -28.16 -9.63 -0.91
CA ALA F 1 -28.01 -11.03 -0.55
C ALA F 1 -26.70 -11.60 -1.11
N LYS F 2 -25.59 -11.26 -0.46
CA LYS F 2 -24.29 -11.74 -0.89
C LYS F 2 -24.18 -13.25 -0.65
N ASP F 3 -23.41 -13.91 -1.51
CA ASP F 3 -23.23 -15.35 -1.42
C ASP F 3 -22.18 -15.69 -0.35
N CYS F 4 -22.17 -16.95 0.05
CA CYS F 4 -21.12 -17.45 0.92
C CYS F 4 -19.85 -17.69 0.13
N LYS F 5 -18.71 -17.47 0.77
CA LYS F 5 -17.43 -17.42 0.09
C LYS F 5 -16.42 -18.35 0.76
N ARG F 6 -15.56 -18.96 -0.06
CA ARG F 6 -14.50 -19.83 0.43
C ARG F 6 -13.44 -19.94 -0.65
N GLU F 7 -12.18 -20.04 -0.22
CA GLU F 7 -11.08 -20.16 -1.16
C GLU F 7 -11.02 -21.55 -1.76
N SER F 8 -10.70 -21.62 -3.05
CA SER F 8 -10.67 -22.90 -3.76
C SER F 8 -9.61 -23.83 -3.18
N ASN F 9 -9.94 -25.12 -3.12
CA ASN F 9 -8.99 -26.14 -2.72
C ASN F 9 -8.28 -26.80 -3.90
N THR F 10 -8.73 -26.55 -5.12
CA THR F 10 -8.20 -27.22 -6.29
C THR F 10 -7.50 -26.29 -7.28
N PHE F 11 -7.69 -24.98 -7.16
CA PHE F 11 -7.05 -24.05 -8.09
C PHE F 11 -5.55 -24.03 -7.85
N PRO F 12 -4.74 -24.43 -8.82
CA PRO F 12 -3.30 -24.59 -8.58
C PRO F 12 -2.53 -23.27 -8.52
N GLY F 13 -2.60 -22.50 -9.60
CA GLY F 13 -1.74 -21.34 -9.77
C GLY F 13 -2.29 -20.06 -9.18
N ILE F 14 -1.96 -18.94 -9.84
CA ILE F 14 -2.31 -17.61 -9.37
C ILE F 14 -3.51 -17.12 -10.17
N CYS F 15 -4.52 -16.61 -9.46
CA CYS F 15 -5.76 -16.17 -10.12
C CYS F 15 -5.49 -14.88 -10.87
N ILE F 16 -5.59 -14.93 -12.20
CA ILE F 16 -5.39 -13.78 -13.06
C ILE F 16 -6.67 -13.41 -13.80
N THR F 17 -7.29 -14.37 -14.46
CA THR F 17 -8.56 -14.18 -15.13
C THR F 17 -9.63 -15.04 -14.47
N LYS F 18 -10.88 -14.66 -14.70
CA LYS F 18 -12.04 -15.30 -14.07
C LYS F 18 -12.32 -16.72 -14.58
N PRO F 19 -12.23 -17.00 -15.89
CA PRO F 19 -12.63 -18.34 -16.38
C PRO F 19 -11.91 -19.48 -15.69
N PRO F 20 -10.57 -19.44 -15.53
CA PRO F 20 -9.91 -20.59 -14.89
C PRO F 20 -10.34 -20.81 -13.46
N CYS F 21 -10.52 -19.73 -12.68
CA CYS F 21 -10.99 -19.88 -11.30
C CYS F 21 -12.44 -20.34 -11.27
N ARG F 22 -13.26 -19.83 -12.20
CA ARG F 22 -14.65 -20.28 -12.27
C ARG F 22 -14.75 -21.75 -12.62
N LYS F 23 -13.83 -22.26 -13.43
CA LYS F 23 -13.81 -23.67 -13.76
C LYS F 23 -13.50 -24.54 -12.54
N ALA F 24 -12.50 -24.12 -11.75
CA ALA F 24 -12.14 -24.89 -10.56
C ALA F 24 -13.21 -24.79 -9.48
N CYS F 25 -13.91 -23.66 -9.39
CA CYS F 25 -14.93 -23.51 -8.36
C CYS F 25 -16.20 -24.27 -8.71
N ILE F 26 -16.64 -24.22 -9.97
CA ILE F 26 -17.83 -24.96 -10.38
C ILE F 26 -17.59 -26.46 -10.23
N ARG F 27 -16.35 -26.92 -10.46
CA ARG F 27 -16.03 -28.33 -10.25
C ARG F 27 -16.18 -28.72 -8.79
N GLU F 28 -15.97 -27.78 -7.87
CA GLU F 28 -16.14 -28.01 -6.44
C GLU F 28 -17.57 -27.77 -5.98
N LYS F 29 -18.55 -27.86 -6.90
CA LYS F 29 -19.97 -27.70 -6.59
C LYS F 29 -20.29 -26.29 -6.08
N PHE F 30 -19.50 -25.30 -6.50
CA PHE F 30 -19.82 -23.90 -6.31
C PHE F 30 -20.42 -23.33 -7.58
N THR F 31 -21.05 -22.16 -7.45
CA THR F 31 -21.74 -21.55 -8.59
C THR F 31 -20.93 -20.48 -9.30
N ASP F 32 -19.88 -19.97 -8.68
CA ASP F 32 -19.07 -18.90 -9.29
C ASP F 32 -17.69 -18.90 -8.66
N GLY F 33 -16.79 -18.14 -9.28
CA GLY F 33 -15.47 -17.94 -8.75
C GLY F 33 -14.87 -16.67 -9.30
N HIS F 34 -14.04 -16.01 -8.49
CA HIS F 34 -13.44 -14.76 -8.90
C HIS F 34 -12.06 -14.63 -8.26
N CYS F 35 -11.26 -13.74 -8.81
CA CYS F 35 -9.91 -13.51 -8.33
C CYS F 35 -9.90 -12.43 -7.24
N SER F 36 -9.10 -12.66 -6.21
CA SER F 36 -8.82 -11.59 -5.26
C SER F 36 -7.93 -10.56 -5.91
N LYS F 37 -8.10 -9.30 -5.50
CA LYS F 37 -7.48 -8.20 -6.24
C LYS F 37 -5.99 -8.08 -5.96
N ILE F 38 -5.57 -8.23 -4.70
CA ILE F 38 -4.17 -7.98 -4.34
C ILE F 38 -3.36 -9.27 -4.37
N LEU F 39 -3.76 -10.25 -3.56
CA LEU F 39 -3.01 -11.51 -3.48
C LEU F 39 -3.35 -12.47 -4.61
N ARG F 40 -4.37 -12.19 -5.40
CA ARG F 40 -4.70 -12.96 -6.61
C ARG F 40 -5.02 -14.41 -6.27
N ARG F 41 -5.91 -14.59 -5.30
CA ARG F 41 -6.40 -15.91 -4.94
C ARG F 41 -7.71 -16.19 -5.67
N CYS F 42 -8.02 -17.48 -5.78
CA CYS F 42 -9.26 -17.94 -6.42
C CYS F 42 -10.30 -18.17 -5.33
N LEU F 43 -11.29 -17.29 -5.27
CA LEU F 43 -12.34 -17.34 -4.24
C LEU F 43 -13.62 -17.89 -4.85
N CYS F 44 -14.08 -19.02 -4.31
CA CYS F 44 -15.32 -19.64 -4.78
C CYS F 44 -16.50 -19.09 -4.01
N THR F 45 -17.63 -18.95 -4.69
CA THR F 45 -18.84 -18.42 -4.10
C THR F 45 -20.03 -19.28 -4.52
N LYS F 46 -21.01 -19.40 -3.63
CA LYS F 46 -22.25 -20.11 -3.91
C LYS F 46 -23.33 -19.57 -3.00
N PRO F 47 -24.59 -19.63 -3.42
CA PRO F 47 -25.68 -19.09 -2.59
C PRO F 47 -25.79 -19.86 -1.27
N CYS F 48 -26.37 -19.18 -0.28
CA CYS F 48 -26.55 -19.76 1.04
C CYS F 48 -27.61 -19.01 1.84
N ALA G 1 -24.47 -15.84 -8.49
CA ALA G 1 -25.58 -15.18 -7.82
C ALA G 1 -25.08 -13.91 -7.11
N LYS G 2 -23.95 -13.39 -7.57
CA LYS G 2 -23.43 -12.13 -7.02
C LYS G 2 -24.33 -10.98 -7.44
N ASP G 3 -24.63 -10.09 -6.50
CA ASP G 3 -25.56 -9.00 -6.72
C ASP G 3 -24.85 -7.83 -7.42
N CYS G 4 -25.64 -6.92 -7.98
CA CYS G 4 -25.04 -5.69 -8.49
C CYS G 4 -24.68 -4.77 -7.33
N LYS G 5 -24.25 -3.57 -7.69
CA LYS G 5 -23.73 -2.64 -6.70
C LYS G 5 -23.82 -1.22 -7.23
N ARG G 6 -24.22 -0.30 -6.35
CA ARG G 6 -24.23 1.12 -6.66
C ARG G 6 -24.07 1.89 -5.37
N GLU G 7 -23.24 2.93 -5.40
CA GLU G 7 -23.02 3.75 -4.21
C GLU G 7 -24.30 4.45 -3.81
N SER G 8 -24.50 4.60 -2.50
CA SER G 8 -25.72 5.21 -1.98
C SER G 8 -25.74 6.70 -2.30
N ASN G 9 -26.89 7.16 -2.81
CA ASN G 9 -27.11 8.58 -3.04
C ASN G 9 -27.62 9.32 -1.82
N THR G 10 -28.01 8.60 -0.77
CA THR G 10 -28.61 9.20 0.42
C THR G 10 -27.77 9.07 1.69
N PHE G 11 -26.65 8.36 1.65
CA PHE G 11 -25.86 8.19 2.86
C PHE G 11 -25.14 9.49 3.21
N PRO G 12 -25.41 10.10 4.36
CA PRO G 12 -24.92 11.46 4.61
C PRO G 12 -23.49 11.55 5.08
N GLY G 13 -22.91 10.47 5.57
CA GLY G 13 -21.61 10.55 6.21
C GLY G 13 -20.64 9.49 5.71
N ILE G 14 -19.88 8.94 6.65
CA ILE G 14 -18.81 8.00 6.37
C ILE G 14 -19.26 6.62 6.83
N CYS G 15 -19.14 5.63 5.96
CA CYS G 15 -19.56 4.26 6.28
C CYS G 15 -18.58 3.65 7.27
N ILE G 16 -18.95 3.64 8.54
CA ILE G 16 -18.10 3.10 9.60
C ILE G 16 -18.59 1.74 10.07
N THR G 17 -19.88 1.62 10.35
CA THR G 17 -20.50 0.35 10.69
C THR G 17 -21.62 0.06 9.70
N LYS G 18 -21.98 -1.21 9.60
CA LYS G 18 -22.85 -1.71 8.54
C LYS G 18 -24.33 -1.37 8.70
N PRO G 19 -24.94 -1.48 9.88
CA PRO G 19 -26.39 -1.25 10.01
C PRO G 19 -26.85 0.09 9.43
N PRO G 20 -26.18 1.21 9.74
CA PRO G 20 -26.68 2.47 9.17
C PRO G 20 -26.57 2.54 7.66
N CYS G 21 -25.65 1.80 7.05
CA CYS G 21 -25.59 1.73 5.59
C CYS G 21 -26.63 0.78 5.02
N ARG G 22 -26.94 -0.30 5.74
CA ARG G 22 -27.99 -1.21 5.28
C ARG G 22 -29.35 -0.54 5.32
N LYS G 23 -29.63 0.24 6.37
CA LYS G 23 -30.90 0.94 6.47
C LYS G 23 -31.03 2.01 5.39
N ALA G 24 -29.95 2.72 5.10
CA ALA G 24 -30.00 3.77 4.08
C ALA G 24 -30.21 3.19 2.69
N CYS G 25 -29.77 1.95 2.47
CA CYS G 25 -29.94 1.33 1.16
C CYS G 25 -31.34 0.76 0.99
N ILE G 26 -31.92 0.21 2.07
CA ILE G 26 -33.28 -0.34 1.99
C ILE G 26 -34.27 0.77 1.67
N ARG G 27 -34.03 1.97 2.17
CA ARG G 27 -34.88 3.11 1.82
C ARG G 27 -34.74 3.49 0.35
N GLU G 28 -33.67 3.07 -0.31
CA GLU G 28 -33.47 3.31 -1.74
C GLU G 28 -33.90 2.12 -2.59
N LYS G 29 -34.80 1.28 -2.07
CA LYS G 29 -35.31 0.11 -2.79
C LYS G 29 -34.21 -0.92 -3.07
N PHE G 30 -33.20 -0.97 -2.21
CA PHE G 30 -32.16 -1.99 -2.27
C PHE G 30 -32.36 -3.01 -1.15
N THR G 31 -31.64 -4.12 -1.25
CA THR G 31 -31.79 -5.22 -0.30
C THR G 31 -30.70 -5.27 0.76
N ASP G 32 -29.51 -4.74 0.47
CA ASP G 32 -28.40 -4.83 1.41
C ASP G 32 -27.46 -3.66 1.20
N GLY G 33 -26.67 -3.36 2.22
CA GLY G 33 -25.67 -2.31 2.15
C GLY G 33 -24.45 -2.61 3.00
N HIS G 34 -23.27 -2.39 2.44
CA HIS G 34 -22.02 -2.67 3.13
C HIS G 34 -21.05 -1.52 2.93
N CYS G 35 -20.08 -1.42 3.83
CA CYS G 35 -19.07 -0.37 3.76
C CYS G 35 -17.91 -0.79 2.88
N SER G 36 -17.44 0.13 2.04
CA SER G 36 -16.17 -0.08 1.36
C SER G 36 -15.04 -0.01 2.38
N LYS G 37 -14.02 -0.83 2.18
CA LYS G 37 -13.03 -1.04 3.23
C LYS G 37 -12.13 0.17 3.41
N ILE G 38 -11.72 0.81 2.31
CA ILE G 38 -10.74 1.89 2.39
C ILE G 38 -11.44 3.24 2.47
N LEU G 39 -12.13 3.62 1.39
CA LEU G 39 -12.78 4.92 1.33
C LEU G 39 -14.01 5.02 2.22
N ARG G 40 -14.46 3.90 2.79
CA ARG G 40 -15.59 3.90 3.74
C ARG G 40 -16.85 4.48 3.10
N ARG G 41 -17.18 3.98 1.92
CA ARG G 41 -18.40 4.37 1.22
C ARG G 41 -19.49 3.35 1.47
N CYS G 42 -20.73 3.82 1.44
CA CYS G 42 -21.90 2.95 1.61
C CYS G 42 -22.33 2.45 0.25
N LEU G 43 -22.15 1.16 0.00
CA LEU G 43 -22.43 0.54 -1.29
C LEU G 43 -23.70 -0.31 -1.16
N CYS G 44 -24.71 0.01 -1.95
CA CYS G 44 -25.95 -0.74 -1.94
C CYS G 44 -25.89 -1.88 -2.95
N THR G 45 -26.61 -2.96 -2.64
CA THR G 45 -26.63 -4.15 -3.48
C THR G 45 -28.06 -4.64 -3.64
N LYS G 46 -28.28 -5.41 -4.69
CA LYS G 46 -29.58 -6.01 -4.97
C LYS G 46 -29.40 -7.05 -6.08
N PRO G 47 -30.32 -8.02 -6.18
CA PRO G 47 -30.03 -9.24 -6.96
C PRO G 47 -29.44 -9.05 -8.34
N CYS G 48 -30.01 -8.15 -9.15
CA CYS G 48 -29.58 -7.93 -10.54
C CYS G 48 -29.72 -9.18 -11.38
N ALA H 1 -25.93 8.70 -9.45
CA ALA H 1 -25.73 9.17 -10.82
C ALA H 1 -25.07 8.11 -11.68
N LYS H 2 -25.28 6.84 -11.32
CA LYS H 2 -24.75 5.70 -12.05
C LYS H 2 -25.80 4.61 -12.11
N ASP H 3 -25.48 3.57 -12.87
CA ASP H 3 -26.32 2.37 -12.95
C ASP H 3 -25.74 1.28 -12.05
N CYS H 4 -26.52 0.21 -11.90
CA CYS H 4 -26.07 -0.95 -11.14
C CYS H 4 -25.10 -1.76 -11.98
N LYS H 5 -23.93 -2.07 -11.42
CA LYS H 5 -22.87 -2.74 -12.16
C LYS H 5 -22.50 -4.05 -11.49
N ARG H 6 -21.96 -4.96 -12.30
CA ARG H 6 -21.47 -6.25 -11.82
C ARG H 6 -20.48 -6.79 -12.84
N GLU H 7 -19.45 -7.48 -12.37
CA GLU H 7 -18.45 -8.03 -13.27
C GLU H 7 -19.04 -9.17 -14.09
N SER H 8 -18.57 -9.29 -15.33
CA SER H 8 -19.11 -10.30 -16.24
C SER H 8 -18.65 -11.69 -15.84
N ASN H 9 -19.51 -12.68 -16.06
CA ASN H 9 -19.18 -14.07 -15.76
C ASN H 9 -18.69 -14.85 -16.98
N THR H 10 -18.99 -14.38 -18.19
CA THR H 10 -18.67 -15.09 -19.41
C THR H 10 -17.52 -14.47 -20.20
N PHE H 11 -17.10 -13.25 -19.88
CA PHE H 11 -16.07 -12.59 -20.68
C PHE H 11 -14.76 -13.38 -20.57
N PRO H 12 -14.11 -13.68 -21.70
CA PRO H 12 -13.02 -14.66 -21.66
C PRO H 12 -11.67 -14.12 -21.24
N GLY H 13 -11.32 -12.90 -21.67
CA GLY H 13 -9.96 -12.41 -21.46
C GLY H 13 -9.93 -11.05 -20.79
N ILE H 14 -9.07 -10.18 -21.32
CA ILE H 14 -8.84 -8.85 -20.78
C ILE H 14 -9.68 -7.85 -21.56
N CYS H 15 -10.35 -6.97 -20.83
CA CYS H 15 -11.15 -5.92 -21.46
C CYS H 15 -10.23 -4.84 -22.01
N ILE H 16 -10.09 -4.80 -23.32
CA ILE H 16 -9.33 -3.75 -24.01
C ILE H 16 -10.26 -2.74 -24.68
N THR H 17 -11.18 -3.22 -25.51
CA THR H 17 -12.19 -2.39 -26.14
C THR H 17 -13.55 -2.69 -25.53
N LYS H 18 -14.53 -1.85 -25.87
CA LYS H 18 -15.87 -1.92 -25.31
C LYS H 18 -16.78 -2.94 -25.98
N PRO H 19 -16.82 -3.04 -27.32
CA PRO H 19 -17.80 -3.93 -27.97
C PRO H 19 -17.73 -5.37 -27.47
N PRO H 20 -16.54 -6.00 -27.38
CA PRO H 20 -16.52 -7.40 -26.91
C PRO H 20 -17.06 -7.57 -25.51
N CYS H 21 -16.84 -6.59 -24.63
CA CYS H 21 -17.42 -6.64 -23.29
C CYS H 21 -18.90 -6.31 -23.28
N ARG H 22 -19.33 -5.41 -24.16
CA ARG H 22 -20.74 -5.05 -24.20
C ARG H 22 -21.60 -6.19 -24.73
N LYS H 23 -21.07 -6.97 -25.68
CA LYS H 23 -21.83 -8.08 -26.23
C LYS H 23 -22.01 -9.19 -25.20
N ALA H 24 -20.97 -9.45 -24.40
CA ALA H 24 -21.08 -10.50 -23.39
C ALA H 24 -22.02 -10.09 -22.26
N CYS H 25 -22.19 -8.78 -22.04
CA CYS H 25 -23.08 -8.32 -20.97
C CYS H 25 -24.54 -8.35 -21.39
N ILE H 26 -24.82 -7.99 -22.64
CA ILE H 26 -26.21 -8.03 -23.12
C ILE H 26 -26.70 -9.47 -23.16
N ARG H 27 -25.81 -10.41 -23.49
CA ARG H 27 -26.15 -11.82 -23.41
C ARG H 27 -26.47 -12.24 -21.98
N GLU H 28 -25.89 -11.55 -20.99
CA GLU H 28 -26.15 -11.79 -19.58
C GLU H 28 -27.31 -10.95 -19.06
N LYS H 29 -28.22 -10.52 -19.94
CA LYS H 29 -29.41 -9.75 -19.59
C LYS H 29 -29.09 -8.37 -19.03
N PHE H 30 -27.90 -7.84 -19.31
CA PHE H 30 -27.56 -6.47 -18.99
C PHE H 30 -27.73 -5.59 -20.21
N THR H 31 -27.58 -4.28 -20.01
CA THR H 31 -27.81 -3.32 -21.08
C THR H 31 -26.52 -2.78 -21.68
N ASP H 32 -25.43 -2.75 -20.93
CA ASP H 32 -24.17 -2.20 -21.43
C ASP H 32 -23.03 -2.81 -20.64
N GLY H 33 -21.81 -2.57 -21.12
CA GLY H 33 -20.61 -3.06 -20.46
C GLY H 33 -19.39 -2.26 -20.86
N HIS H 34 -18.50 -2.01 -19.89
CA HIS H 34 -17.29 -1.23 -20.14
C HIS H 34 -16.13 -1.86 -19.40
N CYS H 35 -14.92 -1.44 -19.78
CA CYS H 35 -13.71 -1.96 -19.17
C CYS H 35 -13.40 -1.23 -17.87
N SER H 36 -12.97 -1.99 -16.87
CA SER H 36 -12.45 -1.37 -15.65
C SER H 36 -11.12 -0.69 -15.96
N LYS H 37 -10.82 0.36 -15.20
CA LYS H 37 -9.71 1.24 -15.56
C LYS H 37 -8.36 0.55 -15.40
N ILE H 38 -8.11 -0.06 -14.24
CA ILE H 38 -6.77 -0.55 -13.97
C ILE H 38 -6.69 -2.06 -14.20
N LEU H 39 -7.55 -2.82 -13.51
CA LEU H 39 -7.52 -4.27 -13.64
C LEU H 39 -8.06 -4.75 -14.98
N ARG H 40 -8.68 -3.88 -15.76
CA ARG H 40 -9.16 -4.21 -17.11
C ARG H 40 -10.16 -5.37 -17.07
N ARG H 41 -11.19 -5.21 -16.26
CA ARG H 41 -12.25 -6.20 -16.13
C ARG H 41 -13.49 -5.73 -16.90
N CYS H 42 -14.27 -6.70 -17.38
CA CYS H 42 -15.51 -6.40 -18.09
C CYS H 42 -16.62 -6.22 -17.06
N LEU H 43 -17.09 -4.98 -16.92
CA LEU H 43 -18.10 -4.63 -15.92
C LEU H 43 -19.44 -4.45 -16.62
N CYS H 44 -20.38 -5.34 -16.32
CA CYS H 44 -21.71 -5.25 -16.88
C CYS H 44 -22.57 -4.28 -16.07
N THR H 45 -23.33 -3.45 -16.77
CA THR H 45 -24.18 -2.46 -16.15
C THR H 45 -25.61 -2.58 -16.68
N LYS H 46 -26.56 -2.13 -15.86
CA LYS H 46 -27.96 -2.12 -16.23
C LYS H 46 -28.69 -1.15 -15.31
N PRO H 47 -29.82 -0.57 -15.74
CA PRO H 47 -30.55 0.34 -14.86
C PRO H 47 -31.05 -0.39 -13.62
N CYS H 48 -30.88 0.25 -12.46
CA CYS H 48 -31.35 -0.32 -11.20
C CYS H 48 -32.88 -0.27 -11.14
N ALA I 1 -25.67 4.28 -18.26
CA ALA I 1 -24.22 4.41 -18.15
C ALA I 1 -23.84 5.32 -17.00
N LYS I 2 -23.52 6.58 -17.32
CA LYS I 2 -23.18 7.58 -16.32
C LYS I 2 -23.83 8.90 -16.71
N ASP I 3 -23.85 9.82 -15.75
CA ASP I 3 -24.35 11.17 -15.99
C ASP I 3 -23.19 12.10 -16.33
N CYS I 4 -23.49 13.14 -17.12
CA CYS I 4 -22.50 14.15 -17.43
C CYS I 4 -22.08 14.88 -16.16
N LYS I 5 -20.77 15.01 -15.95
CA LYS I 5 -20.25 15.54 -14.71
C LYS I 5 -19.24 16.65 -14.97
N ARG I 6 -19.07 17.51 -13.96
CA ARG I 6 -18.10 18.59 -13.98
C ARG I 6 -17.81 18.98 -12.54
N GLU I 7 -16.55 19.35 -12.28
CA GLU I 7 -16.16 19.73 -10.93
C GLU I 7 -16.86 21.02 -10.50
N SER I 8 -17.25 21.06 -9.23
CA SER I 8 -17.93 22.23 -8.68
C SER I 8 -17.02 23.44 -8.70
N ASN I 9 -17.61 24.61 -8.97
CA ASN I 9 -16.88 25.87 -8.98
C ASN I 9 -17.02 26.63 -7.66
N THR I 10 -17.92 26.20 -6.77
CA THR I 10 -18.18 26.92 -5.54
C THR I 10 -17.94 26.09 -4.28
N PHE I 11 -17.63 24.81 -4.39
CA PHE I 11 -17.35 24.01 -3.20
C PHE I 11 -16.05 24.50 -2.55
N PRO I 12 -16.05 24.80 -1.25
CA PRO I 12 -14.92 25.54 -0.69
C PRO I 12 -13.65 24.74 -0.46
N GLY I 13 -13.77 23.51 0.05
CA GLY I 13 -12.60 22.79 0.49
C GLY I 13 -12.45 21.38 -0.03
N ILE I 14 -12.32 20.41 0.89
CA ILE I 14 -12.11 19.02 0.55
C ILE I 14 -13.42 18.26 0.68
N CYS I 15 -13.75 17.47 -0.33
CA CYS I 15 -14.99 16.68 -0.33
C CYS I 15 -14.79 15.46 0.57
N ILE I 16 -15.45 15.45 1.71
CA ILE I 16 -15.42 14.34 2.65
C ILE I 16 -16.72 13.55 2.62
N THR I 17 -17.85 14.24 2.83
CA THR I 17 -19.17 13.64 2.79
C THR I 17 -19.91 14.12 1.54
N LYS I 18 -21.03 13.46 1.26
CA LYS I 18 -21.76 13.66 0.01
C LYS I 18 -22.74 14.83 0.07
N PRO I 19 -23.54 15.00 1.13
CA PRO I 19 -24.53 16.10 1.15
C PRO I 19 -23.89 17.47 0.96
N PRO I 20 -22.78 17.81 1.63
CA PRO I 20 -22.21 19.15 1.43
C PRO I 20 -21.82 19.42 -0.01
N CYS I 21 -21.30 18.41 -0.72
CA CYS I 21 -21.01 18.58 -2.14
C CYS I 21 -22.27 18.54 -2.99
N ARG I 22 -23.27 17.76 -2.56
CA ARG I 22 -24.53 17.71 -3.30
C ARG I 22 -25.24 19.05 -3.26
N LYS I 23 -25.22 19.73 -2.12
CA LYS I 23 -25.88 21.03 -2.01
C LYS I 23 -25.17 22.09 -2.85
N ALA I 24 -23.83 22.06 -2.86
CA ALA I 24 -23.07 23.01 -3.67
C ALA I 24 -23.30 22.81 -5.16
N CYS I 25 -23.70 21.60 -5.58
CA CYS I 25 -23.97 21.35 -6.99
C CYS I 25 -25.37 21.77 -7.39
N ILE I 26 -26.35 21.53 -6.51
CA ILE I 26 -27.72 21.95 -6.79
C ILE I 26 -27.79 23.47 -6.88
N ARG I 27 -26.97 24.18 -6.11
CA ARG I 27 -26.87 25.63 -6.25
C ARG I 27 -26.24 26.04 -7.58
N GLU I 28 -25.47 25.13 -8.21
CA GLU I 28 -24.90 25.37 -9.52
C GLU I 28 -25.74 24.78 -10.65
N LYS I 29 -27.03 24.54 -10.40
CA LYS I 29 -27.95 23.98 -11.39
C LYS I 29 -27.51 22.57 -11.81
N PHE I 30 -27.32 21.70 -10.82
CA PHE I 30 -27.04 20.29 -11.05
C PHE I 30 -27.99 19.45 -10.21
N THR I 31 -28.00 18.14 -10.47
CA THR I 31 -28.92 17.25 -9.79
C THR I 31 -28.29 16.50 -8.63
N ASP I 32 -26.97 16.35 -8.59
CA ASP I 32 -26.33 15.58 -7.54
C ASP I 32 -24.87 16.00 -7.45
N GLY I 33 -24.20 15.51 -6.42
CA GLY I 33 -22.79 15.75 -6.22
C GLY I 33 -22.13 14.70 -5.35
N HIS I 34 -20.97 14.20 -5.77
CA HIS I 34 -20.26 13.18 -5.03
C HIS I 34 -18.78 13.55 -4.96
N CYS I 35 -18.07 12.88 -4.07
CA CYS I 35 -16.64 13.13 -3.88
C CYS I 35 -15.82 12.26 -4.81
N SER I 36 -14.80 12.86 -5.42
CA SER I 36 -13.84 12.08 -6.19
C SER I 36 -13.05 11.16 -5.26
N LYS I 37 -12.61 10.03 -5.81
CA LYS I 37 -12.08 8.95 -4.98
C LYS I 37 -10.80 9.36 -4.26
N ILE I 38 -9.81 9.84 -5.02
CA ILE I 38 -8.48 10.10 -4.47
C ILE I 38 -8.26 11.57 -4.21
N LEU I 39 -8.46 12.43 -5.23
CA LEU I 39 -8.26 13.86 -5.06
C LEU I 39 -9.29 14.49 -4.13
N ARG I 40 -10.37 13.78 -3.81
CA ARG I 40 -11.41 14.28 -2.90
C ARG I 40 -12.01 15.59 -3.39
N ARG I 41 -12.30 15.67 -4.68
CA ARG I 41 -12.92 16.83 -5.27
C ARG I 41 -14.44 16.66 -5.31
N CYS I 42 -15.14 17.79 -5.32
CA CYS I 42 -16.60 17.80 -5.41
C CYS I 42 -17.00 17.79 -6.89
N LEU I 43 -17.57 16.67 -7.34
CA LEU I 43 -17.97 16.50 -8.73
C LEU I 43 -19.48 16.65 -8.85
N CYS I 44 -19.91 17.53 -9.74
CA CYS I 44 -21.32 17.80 -9.97
C CYS I 44 -21.79 17.01 -11.18
N THR I 45 -22.79 16.18 -10.98
CA THR I 45 -23.36 15.35 -12.04
C THR I 45 -24.78 15.81 -12.35
N LYS I 46 -25.21 15.50 -13.57
CA LYS I 46 -26.57 15.79 -14.01
C LYS I 46 -26.85 15.02 -15.29
N PRO I 47 -28.10 14.70 -15.59
CA PRO I 47 -28.42 14.03 -16.84
C PRO I 47 -28.06 14.90 -18.03
N CYS I 48 -27.36 14.30 -19.00
CA CYS I 48 -26.92 15.02 -20.19
C CYS I 48 -28.10 15.51 -21.01
N ALA J 1 -17.89 28.00 -19.39
CA ALA J 1 -16.98 27.30 -18.48
C ALA J 1 -16.58 25.94 -19.05
N LYS J 2 -16.04 25.09 -18.19
CA LYS J 2 -15.65 23.75 -18.60
C LYS J 2 -16.88 22.95 -19.01
N ASP J 3 -16.75 22.20 -20.10
CA ASP J 3 -17.87 21.42 -20.61
C ASP J 3 -18.13 20.21 -19.73
N CYS J 4 -19.38 19.76 -19.73
CA CYS J 4 -19.70 18.48 -19.12
C CYS J 4 -19.01 17.36 -19.88
N LYS J 5 -18.70 16.28 -19.18
CA LYS J 5 -17.91 15.20 -19.74
C LYS J 5 -18.57 13.85 -19.44
N ARG J 6 -18.49 12.94 -20.42
CA ARG J 6 -18.91 11.56 -20.24
C ARG J 6 -18.21 10.71 -21.30
N GLU J 7 -17.78 9.52 -20.90
CA GLU J 7 -17.14 8.61 -21.83
C GLU J 7 -18.13 8.19 -22.92
N SER J 8 -17.58 7.93 -24.10
CA SER J 8 -18.42 7.57 -25.25
C SER J 8 -18.99 6.16 -25.08
N ASN J 9 -20.26 6.01 -25.49
CA ASN J 9 -20.92 4.70 -25.46
C ASN J 9 -20.71 3.89 -26.72
N THR J 10 -20.30 4.53 -27.82
CA THR J 10 -20.30 3.88 -29.14
C THR J 10 -18.94 3.82 -29.80
N PHE J 11 -17.87 4.27 -29.13
CA PHE J 11 -16.54 4.21 -29.73
C PHE J 11 -16.03 2.77 -29.69
N PRO J 12 -15.80 2.13 -30.83
CA PRO J 12 -15.46 0.70 -30.85
C PRO J 12 -14.02 0.38 -30.49
N GLY J 13 -13.10 1.23 -30.92
CA GLY J 13 -11.69 0.99 -30.86
C GLY J 13 -10.98 1.77 -29.77
N ILE J 14 -9.68 1.94 -29.94
CA ILE J 14 -8.84 2.63 -28.97
C ILE J 14 -8.70 4.08 -29.43
N CYS J 15 -8.98 5.02 -28.53
CA CYS J 15 -8.91 6.43 -28.89
C CYS J 15 -7.47 6.83 -29.20
N ILE J 16 -7.10 6.76 -30.48
CA ILE J 16 -5.77 7.11 -30.94
C ILE J 16 -5.70 8.55 -31.42
N THR J 17 -6.66 8.96 -32.24
CA THR J 17 -6.74 10.32 -32.76
C THR J 17 -8.09 10.93 -32.41
N LYS J 18 -8.17 12.25 -32.55
CA LYS J 18 -9.34 13.02 -32.17
C LYS J 18 -10.47 13.01 -33.20
N PRO J 19 -10.20 13.10 -34.50
CA PRO J 19 -11.29 13.12 -35.49
C PRO J 19 -12.25 11.94 -35.34
N PRO J 20 -11.77 10.69 -35.23
CA PRO J 20 -12.74 9.59 -35.09
C PRO J 20 -13.51 9.62 -33.79
N CYS J 21 -12.91 10.11 -32.70
CA CYS J 21 -13.63 10.21 -31.44
C CYS J 21 -14.62 11.37 -31.45
N ARG J 22 -14.31 12.44 -32.17
CA ARG J 22 -15.23 13.56 -32.25
C ARG J 22 -16.48 13.22 -33.04
N LYS J 23 -16.31 12.46 -34.13
CA LYS J 23 -17.47 12.07 -34.94
C LYS J 23 -18.42 11.18 -34.16
N ALA J 24 -17.88 10.29 -33.32
CA ALA J 24 -18.74 9.40 -32.54
C ALA J 24 -19.49 10.17 -31.46
N CYS J 25 -18.87 11.21 -30.90
CA CYS J 25 -19.55 11.99 -29.86
C CYS J 25 -20.69 12.81 -30.45
N ILE J 26 -20.49 13.38 -31.64
CA ILE J 26 -21.56 14.15 -32.27
C ILE J 26 -22.76 13.26 -32.58
N ARG J 27 -22.53 12.00 -32.94
CA ARG J 27 -23.64 11.08 -33.15
C ARG J 27 -24.37 10.77 -31.86
N GLU J 28 -23.74 10.97 -30.70
CA GLU J 28 -24.36 10.77 -29.40
C GLU J 28 -24.93 12.07 -28.83
N LYS J 29 -25.22 13.05 -29.68
CA LYS J 29 -25.77 14.34 -29.26
C LYS J 29 -24.81 15.09 -28.36
N PHE J 30 -23.53 15.10 -28.74
CA PHE J 30 -22.50 15.92 -28.10
C PHE J 30 -21.87 16.83 -29.14
N THR J 31 -21.09 17.80 -28.67
CA THR J 31 -20.48 18.77 -29.56
C THR J 31 -19.04 18.44 -29.93
N ASP J 32 -18.27 17.84 -29.04
CA ASP J 32 -16.87 17.55 -29.31
C ASP J 32 -16.46 16.31 -28.55
N GLY J 33 -15.31 15.76 -28.92
CA GLY J 33 -14.74 14.60 -28.26
C GLY J 33 -13.23 14.54 -28.38
N HIS J 34 -12.56 14.17 -27.30
CA HIS J 34 -11.11 14.08 -27.29
C HIS J 34 -10.67 12.80 -26.59
N CYS J 35 -9.44 12.38 -26.89
CA CYS J 35 -8.89 11.18 -26.30
C CYS J 35 -8.31 11.48 -24.92
N SER J 36 -8.54 10.57 -23.98
CA SER J 36 -8.00 10.73 -22.64
C SER J 36 -6.49 10.53 -22.64
N LYS J 37 -5.85 10.97 -21.57
CA LYS J 37 -4.39 11.02 -21.52
C LYS J 37 -3.79 9.63 -21.43
N ILE J 38 -4.14 8.88 -20.39
CA ILE J 38 -3.43 7.65 -20.05
C ILE J 38 -4.10 6.43 -20.70
N LEU J 39 -5.36 6.20 -20.36
CA LEU J 39 -6.04 4.97 -20.77
C LEU J 39 -6.57 5.01 -22.20
N ARG J 40 -6.41 6.13 -22.90
CA ARG J 40 -6.79 6.25 -24.31
C ARG J 40 -8.28 5.97 -24.51
N ARG J 41 -9.11 6.70 -23.78
CA ARG J 41 -10.56 6.59 -23.90
C ARG J 41 -11.11 7.79 -24.67
N CYS J 42 -12.26 7.57 -25.31
CA CYS J 42 -12.92 8.61 -26.09
C CYS J 42 -13.92 9.33 -25.18
N LEU J 43 -13.53 10.51 -24.70
CA LEU J 43 -14.39 11.31 -23.84
C LEU J 43 -15.19 12.31 -24.67
N CYS J 44 -16.48 12.41 -24.36
CA CYS J 44 -17.37 13.31 -25.07
C CYS J 44 -17.69 14.52 -24.21
N THR J 45 -17.66 15.70 -24.81
CA THR J 45 -17.93 16.95 -24.13
C THR J 45 -19.06 17.70 -24.82
N LYS J 46 -19.81 18.46 -24.04
CA LYS J 46 -20.89 19.30 -24.56
C LYS J 46 -21.09 20.47 -23.63
N PRO J 47 -21.63 21.58 -24.12
CA PRO J 47 -21.77 22.78 -23.28
C PRO J 47 -22.61 22.53 -22.04
N CYS J 48 -22.31 23.28 -20.99
CA CYS J 48 -23.00 23.16 -19.71
C CYS J 48 -22.98 24.49 -18.95
N ALA K 1 -14.79 21.52 -26.95
CA ALA K 1 -13.35 21.56 -26.83
C ALA K 1 -12.93 22.08 -25.46
N LYS K 2 -11.81 22.81 -25.41
CA LYS K 2 -11.30 23.39 -24.19
C LYS K 2 -11.00 24.87 -24.41
N ASP K 3 -10.80 25.58 -23.31
CA ASP K 3 -10.45 26.99 -23.35
C ASP K 3 -8.93 27.15 -23.33
N CYS K 4 -8.47 28.34 -23.73
CA CYS K 4 -7.05 28.63 -23.72
C CYS K 4 -6.54 28.71 -22.29
N LYS K 5 -5.51 27.93 -21.99
CA LYS K 5 -4.98 27.85 -20.63
C LYS K 5 -3.57 28.43 -20.56
N ARG K 6 -3.23 28.97 -19.39
CA ARG K 6 -1.92 29.52 -19.12
C ARG K 6 -1.70 29.55 -17.62
N GLU K 7 -0.48 29.27 -17.18
CA GLU K 7 -0.18 29.26 -15.76
C GLU K 7 -0.28 30.68 -15.19
N SER K 8 -0.94 30.80 -14.03
CA SER K 8 -1.14 32.10 -13.41
C SER K 8 0.20 32.69 -12.96
N ASN K 9 0.30 34.01 -13.07
CA ASN K 9 1.52 34.72 -12.70
C ASN K 9 1.46 35.39 -11.33
N THR K 10 0.29 35.87 -10.92
CA THR K 10 0.18 36.51 -9.61
C THR K 10 0.28 35.49 -8.48
N PHE K 11 -0.51 34.42 -8.57
CA PHE K 11 -0.58 33.38 -7.54
C PHE K 11 0.72 32.58 -7.51
N PRO K 12 1.55 32.71 -6.48
CA PRO K 12 2.84 32.01 -6.45
C PRO K 12 2.88 30.74 -5.60
N GLY K 13 1.80 30.40 -4.91
CA GLY K 13 1.78 29.26 -4.01
C GLY K 13 1.44 27.96 -4.71
N ILE K 14 0.99 27.00 -3.91
CA ILE K 14 0.62 25.68 -4.38
C ILE K 14 -0.89 25.58 -4.37
N CYS K 15 -1.46 25.22 -5.51
CA CYS K 15 -2.92 25.20 -5.70
C CYS K 15 -3.51 24.01 -4.95
N ILE K 16 -4.08 24.29 -3.78
CA ILE K 16 -4.70 23.25 -2.96
C ILE K 16 -6.20 23.16 -3.24
N THR K 17 -6.89 24.28 -3.21
CA THR K 17 -8.32 24.33 -3.47
C THR K 17 -8.60 25.25 -4.65
N LYS K 18 -9.80 25.12 -5.20
CA LYS K 18 -10.20 25.81 -6.42
C LYS K 18 -10.56 27.28 -6.22
N PRO K 19 -11.32 27.66 -5.19
CA PRO K 19 -11.72 29.07 -5.04
C PRO K 19 -10.54 30.03 -4.98
N PRO K 20 -9.47 29.72 -4.21
CA PRO K 20 -8.35 30.69 -4.17
C PRO K 20 -7.71 30.94 -5.53
N CYS K 21 -7.59 29.91 -6.36
CA CYS K 21 -7.01 30.10 -7.69
C CYS K 21 -7.99 30.73 -8.66
N ARG K 22 -9.28 30.40 -8.52
CA ARG K 22 -10.29 30.98 -9.40
C ARG K 22 -10.43 32.48 -9.19
N LYS K 23 -10.22 32.97 -7.97
CA LYS K 23 -10.36 34.39 -7.69
C LYS K 23 -9.16 35.19 -8.20
N ALA K 24 -7.95 34.75 -7.80
CA ALA K 24 -6.73 35.49 -8.15
C ALA K 24 -6.44 35.43 -9.65
N CYS K 25 -6.86 34.36 -10.32
CA CYS K 25 -6.66 34.30 -11.77
C CYS K 25 -7.51 35.33 -12.49
N ILE K 26 -8.76 35.53 -12.03
CA ILE K 26 -9.63 36.52 -12.67
C ILE K 26 -9.02 37.91 -12.55
N ARG K 27 -8.35 38.19 -11.42
CA ARG K 27 -7.70 39.48 -11.23
C ARG K 27 -6.56 39.69 -12.19
N GLU K 28 -6.18 38.66 -12.94
CA GLU K 28 -5.29 38.77 -14.09
C GLU K 28 -6.09 38.91 -15.39
N LYS K 29 -7.38 39.23 -15.29
CA LYS K 29 -8.27 39.41 -16.44
C LYS K 29 -8.42 38.10 -17.23
N PHE K 30 -8.95 37.09 -16.55
CA PHE K 30 -9.37 35.83 -17.13
C PHE K 30 -10.78 35.50 -16.66
N THR K 31 -11.28 34.33 -17.06
CA THR K 31 -12.65 33.95 -16.74
C THR K 31 -12.77 32.80 -15.76
N ASP K 32 -11.74 31.98 -15.59
CA ASP K 32 -11.82 30.84 -14.70
C ASP K 32 -10.42 30.41 -14.30
N GLY K 33 -10.34 29.71 -13.17
CA GLY K 33 -9.08 29.19 -12.69
C GLY K 33 -9.30 27.87 -11.98
N HIS K 34 -8.32 26.97 -12.09
CA HIS K 34 -8.41 25.65 -11.49
C HIS K 34 -7.02 25.17 -11.15
N CYS K 35 -6.97 24.10 -10.35
CA CYS K 35 -5.72 23.49 -9.93
C CYS K 35 -5.37 22.31 -10.83
N SER K 36 -4.10 22.22 -11.21
CA SER K 36 -3.60 21.01 -11.85
C SER K 36 -3.56 19.88 -10.82
N LYS K 37 -3.89 18.67 -11.27
CA LYS K 37 -4.09 17.57 -10.31
C LYS K 37 -2.79 17.17 -9.65
N ILE K 38 -1.70 17.07 -10.41
CA ILE K 38 -0.45 16.54 -9.88
C ILE K 38 0.45 17.69 -9.42
N LEU K 39 0.76 18.63 -10.31
CA LEU K 39 1.69 19.71 -9.99
C LEU K 39 1.04 20.82 -9.17
N ARG K 40 -0.27 20.80 -8.98
CA ARG K 40 -0.97 21.80 -8.19
C ARG K 40 -0.63 23.21 -8.66
N ARG K 41 -0.68 23.40 -9.98
CA ARG K 41 -0.45 24.71 -10.59
C ARG K 41 -1.78 25.39 -10.84
N CYS K 42 -1.84 26.68 -10.52
CA CYS K 42 -3.04 27.49 -10.75
C CYS K 42 -3.11 27.85 -12.23
N LEU K 43 -3.93 27.12 -12.98
CA LEU K 43 -4.02 27.31 -14.43
C LEU K 43 -5.16 28.26 -14.76
N CYS K 44 -4.82 29.36 -15.43
CA CYS K 44 -5.82 30.31 -15.88
C CYS K 44 -6.47 29.83 -17.17
N THR K 45 -7.72 30.20 -17.36
CA THR K 45 -8.46 29.83 -18.56
C THR K 45 -9.37 30.96 -18.98
N LYS K 46 -9.62 31.04 -20.29
CA LYS K 46 -10.51 32.02 -20.87
C LYS K 46 -10.83 31.60 -22.30
N PRO K 47 -11.99 32.01 -22.84
CA PRO K 47 -12.37 31.65 -24.21
C PRO K 47 -11.35 32.06 -25.25
N ASP L 3 2.61 31.91 -23.52
CA ASP L 3 1.29 32.36 -23.94
C ASP L 3 0.24 31.27 -23.76
N CYS L 4 -0.96 31.53 -24.24
CA CYS L 4 -2.05 30.57 -24.12
C CYS L 4 -1.81 29.36 -25.03
N LYS L 5 -2.41 28.23 -24.65
CA LYS L 5 -2.22 26.98 -25.37
C LYS L 5 -3.54 26.24 -25.45
N ARG L 6 -3.73 25.54 -26.57
CA ARG L 6 -4.95 24.76 -26.78
C ARG L 6 -4.65 23.66 -27.78
N GLU L 7 -5.35 22.52 -27.62
CA GLU L 7 -5.22 21.42 -28.56
C GLU L 7 -5.98 21.71 -29.84
N SER L 8 -5.44 21.23 -30.95
CA SER L 8 -6.05 21.44 -32.25
C SER L 8 -7.27 20.54 -32.44
N ASN L 9 -8.32 21.11 -33.06
CA ASN L 9 -9.50 20.36 -33.44
C ASN L 9 -9.54 20.03 -34.92
N THR L 10 -8.73 20.71 -35.73
CA THR L 10 -8.67 20.49 -37.16
C THR L 10 -7.63 19.46 -37.58
N PHE L 11 -6.76 19.04 -36.67
CA PHE L 11 -5.64 18.18 -37.08
C PHE L 11 -6.12 16.75 -37.29
N PRO L 12 -5.78 16.12 -38.42
CA PRO L 12 -6.37 14.80 -38.72
C PRO L 12 -5.64 13.63 -38.09
N GLY L 13 -4.32 13.71 -37.95
CA GLY L 13 -3.56 12.57 -37.51
C GLY L 13 -2.49 12.89 -36.49
N ILE L 14 -1.55 11.97 -36.33
CA ILE L 14 -0.51 12.10 -35.31
C ILE L 14 0.45 13.21 -35.70
N CYS L 15 0.78 14.07 -34.74
CA CYS L 15 1.65 15.22 -34.96
C CYS L 15 3.09 14.75 -34.92
N ILE L 16 3.67 14.49 -36.08
CA ILE L 16 5.06 14.09 -36.17
C ILE L 16 5.97 15.29 -36.40
N THR L 17 5.65 16.12 -37.39
CA THR L 17 6.42 17.32 -37.70
C THR L 17 5.57 18.56 -37.41
N LYS L 18 6.26 19.71 -37.39
CA LYS L 18 5.65 20.98 -37.01
C LYS L 18 4.91 21.69 -38.15
N PRO L 19 5.44 21.73 -39.38
CA PRO L 19 4.74 22.46 -40.46
C PRO L 19 3.31 22.00 -40.67
N PRO L 20 3.00 20.69 -40.64
CA PRO L 20 1.59 20.30 -40.78
C PRO L 20 0.70 20.84 -39.66
N CYS L 21 1.19 20.84 -38.43
CA CYS L 21 0.42 21.37 -37.31
C CYS L 21 0.40 22.90 -37.29
N ARG L 22 1.44 23.53 -37.86
CA ARG L 22 1.49 24.99 -37.87
C ARG L 22 0.41 25.57 -38.78
N LYS L 23 0.16 24.93 -39.93
CA LYS L 23 -0.86 25.42 -40.84
C LYS L 23 -2.26 25.17 -40.31
N ALA L 24 -2.48 24.02 -39.66
CA ALA L 24 -3.80 23.70 -39.14
C ALA L 24 -4.21 24.65 -38.02
N CYS L 25 -3.25 25.16 -37.25
CA CYS L 25 -3.57 26.10 -36.18
C CYS L 25 -3.80 27.50 -36.72
N ILE L 26 -3.09 27.91 -37.78
CA ILE L 26 -3.31 29.21 -38.37
C ILE L 26 -4.73 29.33 -38.92
N ARG L 27 -5.26 28.22 -39.47
CA ARG L 27 -6.65 28.23 -39.91
C ARG L 27 -7.60 28.38 -38.73
N GLU L 28 -7.20 27.95 -37.53
CA GLU L 28 -7.99 28.13 -36.32
C GLU L 28 -7.78 29.50 -35.69
N LYS L 29 -7.22 30.45 -36.44
CA LYS L 29 -6.95 31.81 -35.95
C LYS L 29 -5.93 31.80 -34.81
N PHE L 30 -4.99 30.86 -34.85
CA PHE L 30 -3.86 30.82 -33.95
C PHE L 30 -2.60 31.28 -34.68
N THR L 31 -1.58 31.64 -33.90
CA THR L 31 -0.34 32.14 -34.47
C THR L 31 0.69 31.05 -34.74
N ASP L 32 0.57 29.89 -34.09
CA ASP L 32 1.57 28.84 -34.24
C ASP L 32 0.93 27.51 -33.84
N GLY L 33 1.62 26.43 -34.18
CA GLY L 33 1.22 25.09 -33.80
C GLY L 33 2.40 24.15 -33.70
N HIS L 34 2.52 23.45 -32.58
CA HIS L 34 3.64 22.54 -32.34
C HIS L 34 3.12 21.22 -31.80
N CYS L 35 3.94 20.18 -31.92
CA CYS L 35 3.58 18.84 -31.48
C CYS L 35 3.95 18.64 -30.02
N SER L 36 3.07 17.96 -29.29
CA SER L 36 3.39 17.55 -27.93
C SER L 36 4.51 16.51 -27.96
N LYS L 37 5.27 16.44 -26.86
CA LYS L 37 6.46 15.60 -26.84
C LYS L 37 6.10 14.12 -26.93
N ILE L 38 5.09 13.68 -26.19
CA ILE L 38 4.78 12.26 -26.03
C ILE L 38 3.52 11.87 -26.80
N LEU L 39 2.37 12.46 -26.45
CA LEU L 39 1.11 12.11 -27.08
C LEU L 39 1.05 12.47 -28.56
N ARG L 40 2.00 13.27 -29.06
CA ARG L 40 2.06 13.63 -30.47
C ARG L 40 0.78 14.34 -30.91
N ARG L 41 0.34 15.30 -30.08
CA ARG L 41 -0.84 16.10 -30.36
C ARG L 41 -0.43 17.45 -30.94
N CYS L 42 -1.31 18.00 -31.77
CA CYS L 42 -1.10 19.33 -32.35
C CYS L 42 -1.62 20.36 -31.35
N LEU L 43 -0.71 21.01 -30.63
CA LEU L 43 -1.07 21.99 -29.61
C LEU L 43 -0.89 23.39 -30.20
N CYS L 44 -2.00 24.10 -30.38
CA CYS L 44 -1.96 25.45 -30.91
C CYS L 44 -1.66 26.45 -29.79
N THR L 45 -0.97 27.53 -30.15
CA THR L 45 -0.60 28.57 -29.22
C THR L 45 -0.99 29.93 -29.78
N LYS L 46 -1.30 30.86 -28.88
CA LYS L 46 -1.72 32.20 -29.25
C LYS L 46 -1.58 33.10 -28.03
N PRO L 47 -1.50 34.43 -28.23
CA PRO L 47 -1.47 35.34 -27.08
C PRO L 47 -2.79 35.37 -26.33
N LYS M 2 -2.12 -21.02 -34.00
CA LYS M 2 -1.98 -19.75 -34.71
C LYS M 2 -0.53 -19.58 -35.19
N ASP M 3 -0.25 -18.45 -35.82
CA ASP M 3 1.07 -18.20 -36.38
C ASP M 3 2.00 -17.61 -35.32
N CYS M 4 3.30 -17.61 -35.65
CA CYS M 4 4.31 -17.01 -34.79
C CYS M 4 4.43 -15.51 -35.11
N LYS M 5 4.64 -14.71 -34.08
CA LYS M 5 4.57 -13.27 -34.18
C LYS M 5 5.89 -12.62 -33.78
N ARG M 6 6.20 -11.50 -34.44
CA ARG M 6 7.38 -10.69 -34.13
C ARG M 6 7.19 -9.32 -34.76
N GLU M 7 7.69 -8.30 -34.08
CA GLU M 7 7.57 -6.94 -34.60
C GLU M 7 8.49 -6.74 -35.80
N SER M 8 8.00 -6.00 -36.78
CA SER M 8 8.77 -5.75 -37.99
C SER M 8 10.01 -4.92 -37.67
N ASN M 9 11.15 -5.31 -38.26
CA ASN M 9 12.39 -4.57 -38.10
C ASN M 9 12.63 -3.54 -39.19
N THR M 10 11.84 -3.57 -40.27
CA THR M 10 12.03 -2.69 -41.40
C THR M 10 10.95 -1.62 -41.53
N PHE M 11 9.86 -1.71 -40.76
CA PHE M 11 8.78 -0.73 -40.89
C PHE M 11 9.22 0.61 -40.31
N PRO M 12 9.07 1.71 -41.04
CA PRO M 12 9.72 2.97 -40.63
C PRO M 12 8.97 3.77 -39.57
N GLY M 13 7.64 3.85 -39.67
CA GLY M 13 6.89 4.77 -38.84
C GLY M 13 5.72 4.09 -38.15
N ILE M 14 4.68 4.90 -37.90
CA ILE M 14 3.52 4.43 -37.17
C ILE M 14 2.67 3.54 -38.08
N CYS M 15 2.23 2.41 -37.56
CA CYS M 15 1.39 1.48 -38.33
C CYS M 15 -0.02 2.05 -38.35
N ILE M 16 -0.35 2.78 -39.40
CA ILE M 16 -1.68 3.36 -39.55
C ILE M 16 -2.62 2.42 -40.28
N THR M 17 -2.20 1.94 -41.46
CA THR M 17 -2.97 0.98 -42.23
C THR M 17 -2.19 -0.31 -42.37
N LYS M 18 -2.90 -1.39 -42.70
CA LYS M 18 -2.32 -2.73 -42.75
C LYS M 18 -1.47 -3.00 -44.00
N PRO M 19 -1.91 -2.63 -45.20
CA PRO M 19 -1.14 -3.00 -46.42
C PRO M 19 0.31 -2.55 -46.37
N PRO M 20 0.63 -1.32 -45.91
CA PRO M 20 2.05 -0.96 -45.81
C PRO M 20 2.82 -1.85 -44.86
N CYS M 21 2.20 -2.28 -43.77
CA CYS M 21 2.88 -3.19 -42.84
C CYS M 21 2.94 -4.60 -43.39
N ARG M 22 1.93 -5.00 -44.18
CA ARG M 22 1.94 -6.33 -44.78
C ARG M 22 3.05 -6.46 -45.83
N LYS M 23 3.26 -5.41 -46.63
CA LYS M 23 4.31 -5.45 -47.64
C LYS M 23 5.69 -5.52 -47.00
N ALA M 24 5.89 -4.78 -45.91
CA ALA M 24 7.19 -4.80 -45.25
C ALA M 24 7.46 -6.13 -44.57
N CYS M 25 6.42 -6.82 -44.09
CA CYS M 25 6.61 -8.12 -43.46
C CYS M 25 6.94 -9.20 -44.49
N ILE M 26 6.30 -9.14 -45.66
CA ILE M 26 6.59 -10.12 -46.71
C ILE M 26 8.02 -9.97 -47.19
N ARG M 27 8.55 -8.74 -47.23
CA ARG M 27 9.95 -8.55 -47.58
C ARG M 27 10.90 -9.14 -46.54
N GLU M 28 10.44 -9.31 -45.30
CA GLU M 28 11.22 -9.95 -44.25
C GLU M 28 11.00 -11.45 -44.19
N LYS M 29 10.52 -12.07 -45.28
CA LYS M 29 10.28 -13.50 -45.36
C LYS M 29 9.19 -13.94 -44.39
N PHE M 30 8.18 -13.09 -44.22
CA PHE M 30 6.97 -13.43 -43.48
C PHE M 30 5.80 -13.53 -44.45
N THR M 31 4.63 -13.88 -43.91
CA THR M 31 3.43 -14.06 -44.73
C THR M 31 2.40 -12.96 -44.56
N ASP M 32 2.35 -12.29 -43.41
CA ASP M 32 1.36 -11.26 -43.18
C ASP M 32 1.85 -10.34 -42.07
N GLY M 33 1.21 -9.18 -41.97
CA GLY M 33 1.51 -8.22 -40.93
C GLY M 33 0.33 -7.32 -40.62
N HIS M 34 0.14 -6.99 -39.35
CA HIS M 34 -0.99 -6.15 -38.94
C HIS M 34 -0.53 -5.16 -37.88
N CYS M 35 -1.30 -4.09 -37.74
CA CYS M 35 -0.99 -3.05 -36.76
C CYS M 35 -1.47 -3.46 -35.37
N SER M 36 -0.71 -3.07 -34.36
CA SER M 36 -1.12 -3.34 -32.99
C SER M 36 -2.23 -2.38 -32.57
N LYS M 37 -2.97 -2.78 -31.54
CA LYS M 37 -4.13 -2.01 -31.10
C LYS M 37 -3.72 -0.64 -30.57
N ILE M 38 -2.84 -0.63 -29.57
CA ILE M 38 -2.62 0.59 -28.79
C ILE M 38 -1.40 1.35 -29.30
N LEU M 39 -0.24 0.69 -29.35
CA LEU M 39 0.98 1.36 -29.73
C LEU M 39 1.14 1.50 -31.24
N ARG M 40 0.29 0.84 -32.03
CA ARG M 40 0.32 0.93 -33.49
C ARG M 40 1.69 0.52 -34.04
N ARG M 41 2.08 -0.70 -33.70
CA ARG M 41 3.32 -1.29 -34.19
C ARG M 41 3.02 -2.27 -35.31
N CYS M 42 3.98 -2.41 -36.22
CA CYS M 42 3.85 -3.36 -37.33
C CYS M 42 4.35 -4.72 -36.86
N LEU M 43 3.41 -5.62 -36.58
CA LEU M 43 3.72 -6.96 -36.10
C LEU M 43 3.61 -7.94 -37.25
N CYS M 44 4.69 -8.67 -37.53
CA CYS M 44 4.69 -9.66 -38.59
C CYS M 44 4.25 -11.02 -38.07
N THR M 45 3.57 -11.77 -38.93
CA THR M 45 3.07 -13.09 -38.61
C THR M 45 3.40 -14.06 -39.72
N LYS M 46 3.79 -15.28 -39.35
CA LYS M 46 4.05 -16.35 -40.31
C LYS M 46 3.84 -17.68 -39.59
N PRO M 47 3.42 -18.72 -40.31
CA PRO M 47 3.19 -20.01 -39.66
C PRO M 47 4.45 -20.56 -39.03
N CYS M 48 4.34 -21.01 -37.78
CA CYS M 48 5.48 -21.56 -37.06
C CYS M 48 5.93 -22.87 -37.70
N LYS N 2 14.26 -9.74 -30.87
CA LYS N 2 13.57 -10.89 -30.30
C LYS N 2 13.38 -12.00 -31.32
N ASP N 3 12.87 -13.14 -30.87
CA ASP N 3 12.55 -14.27 -31.74
C ASP N 3 11.04 -14.36 -31.95
N CYS N 4 10.65 -15.21 -32.90
CA CYS N 4 9.24 -15.44 -33.18
C CYS N 4 8.59 -16.13 -32.00
N LYS N 5 7.57 -15.50 -31.42
CA LYS N 5 6.92 -16.00 -30.23
C LYS N 5 5.50 -16.45 -30.52
N ARG N 6 5.00 -17.35 -29.68
CA ARG N 6 3.63 -17.82 -29.76
C ARG N 6 3.26 -18.47 -28.43
N GLU N 7 2.01 -18.31 -28.03
CA GLU N 7 1.54 -18.94 -26.80
C GLU N 7 1.46 -20.45 -26.97
N SER N 8 1.80 -21.17 -25.91
CA SER N 8 1.79 -22.63 -25.96
C SER N 8 0.36 -23.15 -26.05
N ASN N 9 0.18 -24.20 -26.84
CA ASN N 9 -1.11 -24.88 -26.97
C ASN N 9 -1.22 -26.12 -26.11
N THR N 10 -0.17 -26.46 -25.36
CA THR N 10 -0.18 -27.64 -24.52
C THR N 10 0.13 -27.36 -23.05
N PHE N 11 0.54 -26.14 -22.69
CA PHE N 11 0.81 -25.83 -21.29
C PHE N 11 -0.51 -25.61 -20.55
N PRO N 12 -0.86 -26.46 -19.58
CA PRO N 12 -2.21 -26.39 -19.00
C PRO N 12 -2.42 -25.24 -18.03
N GLY N 13 -1.53 -25.08 -17.06
CA GLY N 13 -1.72 -24.14 -15.97
C GLY N 13 -1.25 -22.72 -16.29
N ILE N 14 -0.79 -22.04 -15.25
CA ILE N 14 -0.34 -20.66 -15.34
C ILE N 14 1.17 -20.64 -15.18
N CYS N 15 1.86 -19.96 -16.10
CA CYS N 15 3.31 -19.92 -16.12
C CYS N 15 3.84 -19.14 -14.92
N ILE N 16 4.56 -19.82 -14.04
CA ILE N 16 5.18 -19.20 -12.87
C ILE N 16 6.70 -19.29 -12.94
N THR N 17 7.22 -20.51 -13.12
CA THR N 17 8.65 -20.71 -13.34
C THR N 17 8.89 -21.11 -14.79
N LYS N 18 10.10 -20.86 -15.25
CA LYS N 18 10.47 -21.04 -16.65
C LYS N 18 10.68 -22.51 -17.07
N PRO N 19 11.30 -23.37 -16.27
CA PRO N 19 11.55 -24.76 -16.70
C PRO N 19 10.29 -25.48 -17.16
N PRO N 20 9.17 -25.43 -16.42
CA PRO N 20 7.99 -26.17 -16.88
C PRO N 20 7.43 -25.67 -18.20
N CYS N 21 7.54 -24.38 -18.48
CA CYS N 21 7.07 -23.85 -19.76
C CYS N 21 8.07 -24.10 -20.88
N ARG N 22 9.36 -24.13 -20.56
CA ARG N 22 10.38 -24.41 -21.57
C ARG N 22 10.26 -25.83 -22.10
N LYS N 23 9.93 -26.78 -21.22
CA LYS N 23 9.78 -28.16 -21.67
C LYS N 23 8.55 -28.33 -22.54
N ALA N 24 7.47 -27.60 -22.23
CA ALA N 24 6.26 -27.70 -23.04
C ALA N 24 6.47 -27.14 -24.44
N CYS N 25 7.28 -26.08 -24.56
CA CYS N 25 7.54 -25.50 -25.86
C CYS N 25 8.47 -26.36 -26.70
N ILE N 26 9.42 -27.05 -26.06
CA ILE N 26 10.31 -27.94 -26.80
C ILE N 26 9.52 -29.10 -27.41
N ARG N 27 8.51 -29.59 -26.68
CA ARG N 27 7.65 -30.63 -27.24
C ARG N 27 6.79 -30.09 -28.37
N GLU N 28 6.49 -28.80 -28.36
CA GLU N 28 5.76 -28.15 -29.45
C GLU N 28 6.67 -27.67 -30.57
N LYS N 29 7.86 -28.24 -30.69
CA LYS N 29 8.82 -27.93 -31.76
C LYS N 29 9.31 -26.48 -31.68
N PHE N 30 9.55 -26.01 -30.46
CA PHE N 30 10.18 -24.72 -30.22
C PHE N 30 11.51 -24.93 -29.51
N THR N 31 12.31 -23.87 -29.43
CA THR N 31 13.63 -23.95 -28.82
C THR N 31 13.67 -23.47 -27.38
N ASP N 32 12.73 -22.61 -26.98
CA ASP N 32 12.73 -22.07 -25.63
C ASP N 32 11.32 -21.63 -25.27
N GLY N 33 11.12 -21.38 -23.98
CA GLY N 33 9.84 -20.90 -23.48
C GLY N 33 10.00 -20.06 -22.23
N HIS N 34 9.22 -18.97 -22.14
CA HIS N 34 9.29 -18.09 -20.98
C HIS N 34 7.89 -17.59 -20.64
N CYS N 35 7.75 -17.14 -19.40
CA CYS N 35 6.46 -16.64 -18.93
C CYS N 35 6.29 -15.18 -19.30
N SER N 36 5.06 -14.81 -19.68
CA SER N 36 4.72 -13.41 -19.81
C SER N 36 4.71 -12.75 -18.44
N LYS N 37 5.02 -11.45 -18.42
CA LYS N 37 5.28 -10.80 -17.14
C LYS N 37 4.01 -10.57 -16.33
N ILE N 38 2.91 -10.19 -16.97
CA ILE N 38 1.68 -9.85 -16.27
C ILE N 38 0.68 -10.99 -16.29
N LEU N 39 0.38 -11.51 -17.48
CA LEU N 39 -0.60 -12.57 -17.63
C LEU N 39 -0.06 -13.94 -17.27
N ARG N 40 1.25 -14.07 -17.11
CA ARG N 40 1.89 -15.33 -16.73
C ARG N 40 1.51 -16.45 -17.71
N ARG N 41 1.54 -16.12 -18.99
CA ARG N 41 1.28 -17.08 -20.06
C ARG N 41 2.59 -17.71 -20.52
N CYS N 42 2.50 -18.96 -20.95
CA CYS N 42 3.66 -19.69 -21.44
C CYS N 42 3.87 -19.34 -22.90
N LEU N 43 4.85 -18.49 -23.17
CA LEU N 43 5.19 -18.07 -24.53
C LEU N 43 6.31 -18.94 -25.08
N CYS N 44 6.11 -19.46 -26.28
CA CYS N 44 7.11 -20.31 -26.94
C CYS N 44 7.86 -19.47 -27.97
N THR N 45 9.19 -19.58 -27.95
CA THR N 45 10.05 -18.84 -28.86
C THR N 45 10.91 -19.79 -29.67
N LYS N 46 11.18 -19.42 -30.92
CA LYS N 46 12.05 -20.19 -31.79
C LYS N 46 12.64 -19.23 -32.82
N PRO N 47 13.82 -19.55 -33.36
CA PRO N 47 14.41 -18.65 -34.37
C PRO N 47 13.53 -18.56 -35.61
N CYS N 48 13.23 -17.34 -36.02
CA CYS N 48 12.38 -17.11 -37.18
C CYS N 48 13.06 -17.64 -38.45
N ALA O 1 15.14 -16.01 -25.21
CA ALA O 1 15.83 -15.87 -26.48
C ALA O 1 16.09 -14.40 -26.81
N LYS O 2 16.16 -13.58 -25.78
CA LYS O 2 16.41 -12.15 -25.95
C LYS O 2 17.91 -11.86 -26.02
N ASP O 3 18.23 -10.64 -26.43
CA ASP O 3 19.60 -10.17 -26.49
C ASP O 3 19.93 -9.34 -25.26
N CYS O 4 21.20 -8.96 -25.15
CA CYS O 4 21.64 -8.13 -24.03
C CYS O 4 21.18 -6.70 -24.24
N LYS O 5 20.46 -6.17 -23.24
CA LYS O 5 19.76 -4.90 -23.35
C LYS O 5 20.41 -3.86 -22.44
N ARG O 6 20.43 -2.61 -22.91
CA ARG O 6 20.92 -1.49 -22.12
C ARG O 6 20.32 -0.22 -22.70
N GLU O 7 19.87 0.68 -21.81
CA GLU O 7 19.22 1.90 -22.24
C GLU O 7 20.22 2.83 -22.93
N SER O 8 19.75 3.52 -23.97
CA SER O 8 20.61 4.40 -24.74
C SER O 8 21.07 5.59 -23.89
N ASN O 9 22.30 6.04 -24.17
CA ASN O 9 22.85 7.22 -23.52
C ASN O 9 22.92 8.44 -24.44
N THR O 10 22.60 8.28 -25.73
CA THR O 10 22.73 9.37 -26.68
C THR O 10 21.40 9.82 -27.29
N PHE O 11 20.33 9.06 -27.12
CA PHE O 11 19.05 9.45 -27.69
C PHE O 11 18.52 10.67 -26.95
N PRO O 12 18.21 11.76 -27.65
CA PRO O 12 17.89 13.02 -26.95
C PRO O 12 16.42 13.19 -26.59
N GLY O 13 15.52 12.51 -27.30
CA GLY O 13 14.10 12.76 -27.10
C GLY O 13 13.30 11.56 -26.65
N ILE O 14 12.01 11.57 -26.96
CA ILE O 14 11.10 10.49 -26.62
C ILE O 14 11.09 9.48 -27.76
N CYS O 15 11.26 8.20 -27.42
CA CYS O 15 11.31 7.14 -28.43
C CYS O 15 9.91 6.94 -28.99
N ILE O 16 9.65 7.53 -30.15
CA ILE O 16 8.36 7.41 -30.83
C ILE O 16 8.43 6.39 -31.96
N THR O 17 9.40 6.55 -32.86
CA THR O 17 9.64 5.60 -33.94
C THR O 17 10.98 4.90 -33.72
N LYS O 18 11.12 3.76 -34.39
CA LYS O 18 12.26 2.87 -34.16
C LYS O 18 13.53 3.25 -34.93
N PRO O 19 13.45 3.67 -36.19
CA PRO O 19 14.68 4.02 -36.94
C PRO O 19 15.53 5.07 -36.22
N PRO O 20 14.95 6.13 -35.64
CA PRO O 20 15.81 7.09 -34.93
C PRO O 20 16.54 6.48 -33.74
N CYS O 21 15.90 5.57 -33.01
CA CYS O 21 16.56 4.95 -31.86
C CYS O 21 17.57 3.90 -32.30
N ARG O 22 17.29 3.18 -33.40
CA ARG O 22 18.22 2.17 -33.88
C ARG O 22 19.53 2.80 -34.36
N LYS O 23 19.44 3.98 -34.99
CA LYS O 23 20.65 4.65 -35.46
C LYS O 23 21.53 5.09 -34.30
N ALA O 24 20.92 5.67 -33.27
CA ALA O 24 21.69 6.13 -32.11
C ALA O 24 22.31 4.96 -31.36
N CYS O 25 21.67 3.80 -31.39
CA CYS O 25 22.23 2.63 -30.72
C CYS O 25 23.40 2.03 -31.50
N ILE O 26 23.40 2.15 -32.83
CA ILE O 26 24.50 1.60 -33.62
C ILE O 26 25.78 2.39 -33.36
N ARG O 27 25.67 3.71 -33.18
CA ARG O 27 26.84 4.50 -32.82
C ARG O 27 27.40 4.09 -31.47
N GLU O 28 26.60 3.49 -30.60
CA GLU O 28 27.05 2.94 -29.33
C GLU O 28 27.50 1.49 -29.44
N LYS O 29 27.84 1.04 -30.66
CA LYS O 29 28.32 -0.31 -30.92
C LYS O 29 27.29 -1.38 -30.57
N PHE O 30 26.01 -1.02 -30.64
CA PHE O 30 24.93 -1.98 -30.50
C PHE O 30 24.36 -2.32 -31.88
N THR O 31 23.83 -3.54 -32.00
CA THR O 31 23.34 -4.00 -33.29
C THR O 31 21.93 -3.50 -33.61
N ASP O 32 21.13 -3.21 -32.60
CA ASP O 32 19.74 -2.84 -32.82
C ASP O 32 19.26 -1.95 -31.68
N GLY O 33 18.12 -1.32 -31.90
CA GLY O 33 17.48 -0.48 -30.90
C GLY O 33 15.99 -0.39 -31.10
N HIS O 34 15.21 -0.43 -30.02
CA HIS O 34 13.76 -0.35 -30.10
C HIS O 34 13.22 0.49 -28.95
N CYS O 35 11.98 0.93 -29.10
CA CYS O 35 11.34 1.77 -28.10
C CYS O 35 10.68 0.92 -27.03
N SER O 36 10.83 1.34 -25.78
CA SER O 36 10.11 0.71 -24.69
C SER O 36 8.63 1.05 -24.78
N LYS O 37 7.79 0.12 -24.33
CA LYS O 37 6.36 0.22 -24.63
C LYS O 37 5.67 1.31 -23.83
N ILE O 38 5.97 1.40 -22.53
CA ILE O 38 5.24 2.30 -21.66
C ILE O 38 5.96 3.64 -21.53
N LEU O 39 7.21 3.61 -21.08
CA LEU O 39 7.95 4.85 -20.83
C LEU O 39 8.54 5.44 -22.10
N ARG O 40 8.49 4.73 -23.23
CA ARG O 40 8.98 5.23 -24.52
C ARG O 40 10.47 5.58 -24.44
N ARG O 41 11.26 4.65 -23.92
CA ARG O 41 12.71 4.79 -23.84
C ARG O 41 13.37 4.10 -25.02
N CYS O 42 14.53 4.61 -25.41
CA CYS O 42 15.33 4.02 -26.48
C CYS O 42 16.23 2.95 -25.87
N LEU O 43 15.91 1.68 -26.13
CA LEU O 43 16.65 0.55 -25.58
C LEU O 43 17.55 -0.05 -26.66
N CYS O 44 18.84 -0.16 -26.36
CA CYS O 44 19.83 -0.71 -27.28
C CYS O 44 20.06 -2.18 -26.94
N THR O 45 20.03 -3.03 -27.98
CA THR O 45 20.23 -4.46 -27.82
C THR O 45 21.40 -4.93 -28.67
N LYS O 46 21.99 -6.05 -28.25
CA LYS O 46 23.09 -6.68 -28.98
C LYS O 46 23.25 -8.10 -28.47
N PRO O 47 23.79 -9.01 -29.28
CA PRO O 47 23.95 -10.40 -28.84
C PRO O 47 24.88 -10.50 -27.64
N CYS O 48 24.48 -11.30 -26.67
CA CYS O 48 25.30 -11.52 -25.48
C CYS O 48 26.50 -12.40 -25.81
N ALA P 1 24.01 5.21 -15.21
CA ALA P 1 24.73 4.17 -15.94
C ALA P 1 24.29 2.78 -15.47
N LYS P 2 24.49 1.79 -16.34
CA LYS P 2 24.09 0.42 -16.04
C LYS P 2 24.78 -0.51 -17.02
N ASP P 3 24.86 -1.79 -16.65
CA ASP P 3 25.43 -2.81 -17.52
C ASP P 3 24.35 -3.44 -18.40
N CYS P 4 24.79 -4.21 -19.37
CA CYS P 4 23.87 -4.96 -20.23
C CYS P 4 23.26 -6.11 -19.44
N LYS P 5 21.94 -6.14 -19.35
CA LYS P 5 21.25 -7.15 -18.56
C LYS P 5 20.28 -7.94 -19.43
N ARG P 6 20.12 -9.22 -19.07
CA ARG P 6 19.19 -10.12 -19.72
C ARG P 6 18.73 -11.14 -18.68
N GLU P 7 17.45 -11.49 -18.73
CA GLU P 7 16.90 -12.42 -17.76
C GLU P 7 17.57 -13.78 -17.89
N SER P 8 17.83 -14.42 -16.76
CA SER P 8 18.54 -15.70 -16.76
C SER P 8 17.71 -16.78 -17.43
N ASN P 9 18.38 -17.63 -18.20
CA ASN P 9 17.73 -18.74 -18.89
C ASN P 9 17.79 -20.04 -18.10
N THR P 10 18.60 -20.10 -17.05
CA THR P 10 18.79 -21.33 -16.28
C THR P 10 18.39 -21.21 -14.82
N PHE P 11 17.89 -20.08 -14.36
CA PHE P 11 17.49 -19.95 -12.96
C PHE P 11 16.20 -20.73 -12.74
N PRO P 12 16.19 -21.75 -11.88
CA PRO P 12 15.02 -22.63 -11.82
C PRO P 12 13.84 -22.05 -11.05
N GLY P 13 14.09 -21.34 -9.97
CA GLY P 13 13.00 -20.92 -9.09
C GLY P 13 12.72 -19.44 -9.09
N ILE P 14 12.76 -18.84 -7.89
CA ILE P 14 12.40 -17.44 -7.71
C ILE P 14 13.52 -16.74 -6.96
N CYS P 15 13.90 -15.56 -7.43
CA CYS P 15 15.05 -14.84 -6.91
C CYS P 15 14.67 -14.16 -5.61
N ILE P 16 15.16 -14.68 -4.50
CA ILE P 16 15.05 -14.04 -3.20
C ILE P 16 16.39 -13.44 -2.77
N THR P 17 17.45 -14.22 -2.87
CA THR P 17 18.78 -13.80 -2.49
C THR P 17 19.68 -13.74 -3.71
N LYS P 18 20.76 -12.98 -3.59
CA LYS P 18 21.67 -12.72 -4.70
C LYS P 18 22.59 -13.91 -5.04
N PRO P 19 23.18 -14.60 -4.07
CA PRO P 19 24.14 -15.68 -4.42
C PRO P 19 23.54 -16.74 -5.34
N PRO P 20 22.31 -17.22 -5.11
CA PRO P 20 21.78 -18.24 -6.03
C PRO P 20 21.64 -17.76 -7.46
N CYS P 21 21.18 -16.52 -7.65
CA CYS P 21 21.04 -15.97 -9.00
C CYS P 21 22.37 -15.53 -9.58
N ARG P 22 23.31 -15.10 -8.72
CA ARG P 22 24.63 -14.70 -9.21
C ARG P 22 25.39 -15.90 -9.77
N LYS P 23 25.32 -17.05 -9.08
CA LYS P 23 26.03 -18.24 -9.57
C LYS P 23 25.43 -18.74 -10.87
N ALA P 24 24.11 -18.63 -11.03
CA ALA P 24 23.48 -19.05 -12.27
C ALA P 24 23.88 -18.15 -13.44
N CYS P 25 24.10 -16.86 -13.17
CA CYS P 25 24.49 -15.94 -14.23
C CYS P 25 25.96 -16.11 -14.59
N ILE P 26 26.83 -16.26 -13.60
CA ILE P 26 28.24 -16.55 -13.87
C ILE P 26 28.37 -17.86 -14.63
N ARG P 27 27.46 -18.81 -14.38
CA ARG P 27 27.44 -20.05 -15.15
C ARG P 27 27.08 -19.80 -16.61
N GLU P 28 26.26 -18.78 -16.87
CA GLU P 28 25.90 -18.41 -18.24
C GLU P 28 26.85 -17.37 -18.83
N LYS P 29 28.10 -17.33 -18.38
CA LYS P 29 29.14 -16.44 -18.90
C LYS P 29 28.79 -14.97 -18.69
N PHE P 30 28.01 -14.67 -17.65
CA PHE P 30 27.82 -13.31 -17.19
C PHE P 30 28.71 -13.03 -15.99
N THR P 31 28.77 -11.77 -15.58
CA THR P 31 29.61 -11.36 -14.47
C THR P 31 28.88 -11.25 -13.14
N ASP P 32 27.59 -10.87 -13.16
CA ASP P 32 26.84 -10.70 -11.93
C ASP P 32 25.36 -10.99 -12.21
N GLY P 33 24.60 -11.19 -11.14
CA GLY P 33 23.16 -11.36 -11.23
C GLY P 33 22.45 -10.83 -10.00
N HIS P 34 21.26 -10.25 -10.19
CA HIS P 34 20.50 -9.70 -9.08
C HIS P 34 19.01 -9.98 -9.28
N CYS P 35 18.25 -9.81 -8.21
CA CYS P 35 16.81 -10.05 -8.24
C CYS P 35 16.09 -8.79 -8.71
N SER P 36 15.07 -8.98 -9.55
CA SER P 36 14.21 -7.88 -9.92
C SER P 36 13.34 -7.48 -8.73
N LYS P 37 12.76 -6.29 -8.81
CA LYS P 37 12.11 -5.71 -7.64
C LYS P 37 10.77 -6.37 -7.35
N ILE P 38 9.93 -6.53 -8.37
CA ILE P 38 8.54 -6.95 -8.16
C ILE P 38 8.36 -8.41 -8.51
N LEU P 39 8.64 -8.78 -9.76
CA LEU P 39 8.43 -10.15 -10.21
C LEU P 39 9.48 -11.13 -9.68
N ARG P 40 10.51 -10.64 -8.98
CA ARG P 40 11.54 -11.48 -8.39
C ARG P 40 12.22 -12.35 -9.43
N ARG P 41 12.50 -11.77 -10.59
CA ARG P 41 13.20 -12.48 -11.65
C ARG P 41 14.70 -12.39 -11.43
N CYS P 42 15.42 -13.39 -11.94
CA CYS P 42 16.87 -13.40 -11.92
C CYS P 42 17.39 -12.74 -13.19
N LEU P 43 18.08 -11.62 -13.04
CA LEU P 43 18.56 -10.82 -14.16
C LEU P 43 20.08 -10.89 -14.22
N CYS P 44 20.60 -11.44 -15.30
CA CYS P 44 22.04 -11.54 -15.48
C CYS P 44 22.60 -10.26 -16.09
N THR P 45 23.75 -9.82 -15.58
CA THR P 45 24.39 -8.60 -16.03
C THR P 45 25.84 -8.88 -16.41
N LYS P 46 26.35 -8.07 -17.32
CA LYS P 46 27.75 -8.14 -17.74
C LYS P 46 28.11 -6.82 -18.41
N PRO P 47 29.38 -6.44 -18.42
CA PRO P 47 29.77 -5.19 -19.08
C PRO P 47 29.53 -5.27 -20.58
N CYS P 48 28.88 -4.25 -21.12
CA CYS P 48 28.60 -4.18 -22.55
C CYS P 48 29.91 -4.06 -23.34
N ALA Q 1 26.44 -3.82 -10.79
CA ALA Q 1 26.09 -3.66 -12.19
C ALA Q 1 25.49 -2.28 -12.45
N LYS Q 2 25.62 -1.38 -11.49
CA LYS Q 2 25.14 -0.02 -11.62
C LYS Q 2 26.18 0.94 -11.06
N ASP Q 3 25.97 2.22 -11.31
CA ASP Q 3 26.82 3.28 -10.77
C ASP Q 3 26.15 3.93 -9.57
N CYS Q 4 26.93 4.69 -8.82
CA CYS Q 4 26.42 5.42 -7.67
C CYS Q 4 25.44 6.49 -8.14
N LYS Q 5 24.34 6.65 -7.41
CA LYS Q 5 23.21 7.47 -7.81
C LYS Q 5 22.81 8.43 -6.70
N ARG Q 6 22.48 9.66 -7.08
CA ARG Q 6 21.98 10.67 -6.16
C ARG Q 6 21.13 11.65 -6.95
N GLU Q 7 20.05 12.12 -6.33
CA GLU Q 7 19.15 13.05 -7.02
C GLU Q 7 19.83 14.40 -7.23
N SER Q 8 19.55 15.02 -8.37
CA SER Q 8 20.14 16.32 -8.68
C SER Q 8 19.65 17.39 -7.72
N ASN Q 9 20.55 18.31 -7.37
CA ASN Q 9 20.21 19.45 -6.53
C ASN Q 9 19.75 20.66 -7.33
N THR Q 10 20.08 20.73 -8.61
CA THR Q 10 19.81 21.91 -9.41
C THR Q 10 18.79 21.70 -10.53
N PHE Q 11 18.31 20.49 -10.75
CA PHE Q 11 17.36 20.27 -11.84
C PHE Q 11 16.07 21.00 -11.53
N PRO Q 12 15.57 21.88 -12.42
CA PRO Q 12 14.52 22.82 -12.02
C PRO Q 12 13.11 22.25 -11.97
N GLY Q 13 12.74 21.40 -12.94
CA GLY Q 13 11.35 21.00 -13.05
C GLY Q 13 11.11 19.50 -13.04
N ILE Q 14 10.51 19.00 -14.11
CA ILE Q 14 10.14 17.59 -14.24
C ILE Q 14 11.03 16.96 -15.30
N CYS Q 15 11.60 15.81 -14.97
CA CYS Q 15 12.50 15.09 -15.88
C CYS Q 15 11.66 14.37 -16.92
N ILE Q 16 11.57 14.95 -18.11
CA ILE Q 16 10.86 14.33 -19.23
C ILE Q 16 11.85 13.74 -20.25
N THR Q 17 12.86 14.52 -20.62
CA THR Q 17 13.91 14.06 -21.51
C THR Q 17 15.23 13.96 -20.75
N LYS Q 18 16.19 13.26 -21.35
CA LYS Q 18 17.45 12.94 -20.71
C LYS Q 18 18.50 14.04 -20.79
N PRO Q 19 18.72 14.69 -21.94
CA PRO Q 19 19.79 15.71 -22.03
C PRO Q 19 19.64 16.82 -21.01
N PRO Q 20 18.43 17.34 -20.75
CA PRO Q 20 18.31 18.36 -19.69
C PRO Q 20 18.77 17.86 -18.33
N CYS Q 21 18.51 16.59 -18.01
CA CYS Q 21 18.97 16.03 -16.75
C CYS Q 21 20.45 15.73 -16.78
N ARG Q 22 20.99 15.31 -17.93
CA ARG Q 22 22.42 15.04 -18.02
C ARG Q 22 23.23 16.32 -17.88
N LYS Q 23 22.74 17.43 -18.47
CA LYS Q 23 23.46 18.70 -18.38
C LYS Q 23 23.53 19.19 -16.95
N ALA Q 24 22.41 19.15 -16.23
CA ALA Q 24 22.41 19.60 -14.84
C ALA Q 24 23.27 18.72 -13.96
N CYS Q 25 23.37 17.43 -14.29
CA CYS Q 25 24.18 16.51 -13.50
C CYS Q 25 25.67 16.69 -13.76
N ILE Q 26 26.04 16.94 -15.02
CA ILE Q 26 27.45 17.14 -15.34
C ILE Q 26 27.97 18.43 -14.69
N ARG Q 27 27.15 19.47 -14.66
CA ARG Q 27 27.54 20.70 -13.97
C ARG Q 27 27.72 20.45 -12.47
N GLU Q 28 27.01 19.48 -11.92
CA GLU Q 28 27.17 19.08 -10.53
C GLU Q 28 28.27 18.05 -10.33
N LYS Q 29 29.21 17.96 -11.28
CA LYS Q 29 30.36 17.06 -11.19
C LYS Q 29 29.96 15.59 -11.20
N PHE Q 30 29.00 15.24 -12.06
CA PHE Q 30 28.62 13.86 -12.29
C PHE Q 30 28.86 13.52 -13.76
N THR Q 31 28.88 12.22 -14.05
CA THR Q 31 29.20 11.75 -15.39
C THR Q 31 27.98 11.56 -16.28
N ASP Q 32 26.80 11.36 -15.69
CA ASP Q 32 25.59 11.10 -16.47
C ASP Q 32 24.37 11.41 -15.60
N GLY Q 33 23.19 11.28 -16.20
CA GLY Q 33 21.95 11.52 -15.50
C GLY Q 33 20.75 11.01 -16.29
N HIS Q 34 19.73 10.52 -15.58
CA HIS Q 34 18.53 10.00 -16.22
C HIS Q 34 17.34 10.27 -15.33
N CYS Q 35 16.15 10.08 -15.91
CA CYS Q 35 14.90 10.36 -15.21
C CYS Q 35 14.45 9.16 -14.39
N SER Q 36 13.85 9.44 -13.23
CA SER Q 36 13.18 8.39 -12.48
C SER Q 36 11.90 7.98 -13.20
N LYS Q 37 11.58 6.68 -13.12
CA LYS Q 37 10.55 6.12 -13.98
C LYS Q 37 9.16 6.69 -13.67
N ILE Q 38 8.82 6.81 -12.39
CA ILE Q 38 7.47 7.19 -12.01
C ILE Q 38 7.40 8.64 -11.56
N LEU Q 39 8.19 9.00 -10.55
CA LEU Q 39 8.14 10.34 -9.98
C LEU Q 39 8.81 11.40 -10.86
N ARG Q 40 9.45 10.99 -11.96
CA ARG Q 40 10.00 11.92 -12.94
C ARG Q 40 11.07 12.83 -12.33
N ARG Q 41 11.95 12.25 -11.53
CA ARG Q 41 13.04 12.98 -10.90
C ARG Q 41 14.32 12.79 -11.69
N CYS Q 42 15.14 13.83 -11.71
CA CYS Q 42 16.45 13.76 -12.36
C CYS Q 42 17.46 13.16 -11.39
N LEU Q 43 18.00 11.99 -11.75
CA LEU Q 43 18.92 11.25 -10.90
C LEU Q 43 20.30 11.29 -11.55
N CYS Q 44 21.29 11.81 -10.81
CA CYS Q 44 22.66 11.88 -11.30
C CYS Q 44 23.40 10.59 -10.96
N THR Q 45 24.26 10.16 -11.88
CA THR Q 45 25.03 8.94 -11.72
C THR Q 45 26.50 9.20 -12.00
N LYS Q 46 27.35 8.50 -11.25
CA LYS Q 46 28.80 8.56 -11.43
C LYS Q 46 29.37 7.22 -11.01
N PRO Q 47 30.50 6.81 -11.59
CA PRO Q 47 31.14 5.57 -11.15
C PRO Q 47 31.57 5.66 -9.69
N CYS Q 48 31.21 4.65 -8.91
CA CYS Q 48 31.55 4.62 -7.49
C CYS Q 48 33.06 4.51 -7.31
N ALA R 1 24.64 17.72 0.80
CA ALA R 1 25.77 16.86 1.14
C ALA R 1 25.33 15.41 1.30
N LYS R 2 24.24 15.05 0.62
CA LYS R 2 23.75 13.68 0.68
C LYS R 2 24.70 12.73 -0.03
N ASP R 3 24.92 11.57 0.57
CA ASP R 3 25.85 10.60 0.01
C ASP R 3 25.23 9.90 -1.21
N CYS R 4 26.10 9.40 -2.08
CA CYS R 4 25.68 8.60 -3.22
C CYS R 4 25.30 7.20 -2.75
N LYS R 5 24.43 6.56 -3.52
CA LYS R 5 23.79 5.31 -3.10
C LYS R 5 23.86 4.27 -4.20
N ARG R 6 24.04 3.01 -3.79
CA ARG R 6 24.04 1.88 -4.70
C ARG R 6 23.72 0.62 -3.90
N GLU R 7 22.99 -0.30 -4.53
CA GLU R 7 22.63 -1.54 -3.86
C GLU R 7 23.86 -2.42 -3.69
N SER R 8 23.88 -3.16 -2.59
CA SER R 8 25.02 -4.01 -2.25
C SER R 8 25.16 -5.16 -3.24
N ASN R 9 26.39 -5.42 -3.69
CA ASN R 9 26.67 -6.54 -4.58
C ASN R 9 26.98 -7.83 -3.83
N THR R 10 27.33 -7.74 -2.54
CA THR R 10 27.79 -8.89 -1.79
C THR R 10 26.84 -9.32 -0.68
N PHE R 11 25.83 -8.53 -0.36
CA PHE R 11 24.91 -8.87 0.72
C PHE R 11 24.04 -10.05 0.32
N PRO R 12 24.12 -11.19 1.02
CA PRO R 12 23.39 -12.37 0.59
C PRO R 12 21.89 -12.31 0.88
N GLY R 13 21.54 -12.14 2.15
CA GLY R 13 20.17 -12.30 2.62
C GLY R 13 19.27 -11.10 2.39
N ILE R 14 18.27 -10.98 3.25
CA ILE R 14 17.25 -9.94 3.17
C ILE R 14 17.48 -8.96 4.31
N CYS R 15 17.67 -7.69 3.96
CA CYS R 15 18.02 -6.67 4.94
C CYS R 15 16.93 -6.49 5.99
N ILE R 16 17.21 -6.91 7.22
CA ILE R 16 16.29 -6.73 8.35
C ILE R 16 16.87 -5.78 9.39
N THR R 17 18.07 -6.07 9.88
CA THR R 17 18.78 -5.17 10.79
C THR R 17 19.96 -4.53 10.05
N LYS R 18 20.38 -3.38 10.57
CA LYS R 18 21.43 -2.58 9.95
C LYS R 18 22.83 -3.18 10.05
N PRO R 19 23.24 -3.79 11.17
CA PRO R 19 24.63 -4.28 11.28
C PRO R 19 25.02 -5.23 10.15
N PRO R 20 24.18 -6.20 9.77
CA PRO R 20 24.60 -7.08 8.66
C PRO R 20 24.82 -6.35 7.35
N CYS R 21 23.98 -5.34 7.06
CA CYS R 21 24.13 -4.60 5.81
C CYS R 21 25.26 -3.58 5.90
N ARG R 22 25.44 -2.95 7.06
CA ARG R 22 26.54 -2.02 7.23
C ARG R 22 27.89 -2.72 7.09
N LYS R 23 28.00 -3.94 7.64
CA LYS R 23 29.26 -4.67 7.56
C LYS R 23 29.58 -5.05 6.12
N ALA R 24 28.57 -5.46 5.35
CA ALA R 24 28.82 -5.84 3.96
C ALA R 24 29.19 -4.63 3.11
N CYS R 25 28.53 -3.50 3.35
CA CYS R 25 28.82 -2.31 2.57
C CYS R 25 30.21 -1.76 2.88
N ILE R 26 30.63 -1.86 4.13
CA ILE R 26 31.96 -1.37 4.51
C ILE R 26 33.04 -2.20 3.82
N ARG R 27 32.83 -3.51 3.72
CA ARG R 27 33.77 -4.35 2.98
C ARG R 27 33.79 -4.03 1.49
N GLU R 28 32.73 -3.41 0.96
CA GLU R 28 32.71 -2.96 -0.42
C GLU R 28 33.25 -1.54 -0.59
N LYS R 29 34.03 -1.07 0.39
CA LYS R 29 34.65 0.26 0.36
C LYS R 29 33.60 1.38 0.37
N PHE R 30 32.45 1.11 0.96
CA PHE R 30 31.46 2.14 1.26
C PHE R 30 31.54 2.51 2.73
N THR R 31 30.93 3.65 3.07
CA THR R 31 30.99 4.14 4.44
C THR R 31 29.83 3.67 5.30
N ASP R 32 28.65 3.45 4.71
CA ASP R 32 27.49 3.06 5.48
C ASP R 32 26.57 2.20 4.63
N GLY R 33 25.68 1.49 5.30
CA GLY R 33 24.65 0.71 4.64
C GLY R 33 23.42 0.66 5.50
N HIS R 34 22.26 0.57 4.85
CA HIS R 34 21.00 0.55 5.56
C HIS R 34 20.01 -0.32 4.79
N CYS R 35 18.90 -0.64 5.44
CA CYS R 35 17.86 -1.46 4.85
C CYS R 35 16.81 -0.60 4.17
N SER R 36 16.28 -1.09 3.07
CA SER R 36 15.14 -0.44 2.44
C SER R 36 13.86 -0.81 3.18
N LYS R 37 12.93 0.14 3.23
CA LYS R 37 11.76 0.00 4.10
C LYS R 37 10.86 -1.16 3.68
N ILE R 38 10.56 -1.25 2.39
CA ILE R 38 9.53 -2.17 1.91
C ILE R 38 10.13 -3.47 1.39
N LEU R 39 11.01 -3.36 0.38
CA LEU R 39 11.58 -4.56 -0.22
C LEU R 39 12.75 -5.13 0.58
N ARG R 40 13.21 -4.42 1.61
CA ARG R 40 14.24 -4.93 2.52
C ARG R 40 15.54 -5.26 1.79
N ARG R 41 15.98 -4.33 0.95
CA ARG R 41 17.26 -4.45 0.26
C ARG R 41 18.36 -3.76 1.04
N CYS R 42 19.58 -4.21 0.84
CA CYS R 42 20.76 -3.62 1.48
C CYS R 42 21.34 -2.57 0.54
N LEU R 43 21.24 -1.31 0.94
CA LEU R 43 21.70 -0.18 0.14
C LEU R 43 22.94 0.42 0.76
N CYS R 44 24.01 0.55 -0.03
CA CYS R 44 25.27 1.12 0.46
C CYS R 44 25.33 2.61 0.13
N THR R 45 26.04 3.35 0.98
CA THR R 45 26.18 4.78 0.83
C THR R 45 27.62 5.19 1.09
N LYS R 46 28.04 6.26 0.42
CA LYS R 46 29.37 6.84 0.60
C LYS R 46 29.36 8.24 -0.01
N PRO R 47 30.25 9.12 0.45
CA PRO R 47 30.29 10.47 -0.12
C PRO R 47 30.59 10.44 -1.61
N CYS R 48 29.85 11.25 -2.35
CA CYS R 48 30.01 11.31 -3.81
C CYS R 48 31.36 11.93 -4.19
N ALA S 1 29.08 9.55 5.80
CA ALA S 1 27.98 9.16 6.67
C ALA S 1 26.71 9.95 6.34
N LYS S 2 25.55 9.38 6.68
CA LYS S 2 24.29 10.04 6.39
C LYS S 2 24.14 11.34 7.18
N ASP S 3 23.46 12.30 6.58
CA ASP S 3 23.26 13.60 7.19
C ASP S 3 22.06 13.59 8.13
N CYS S 4 22.11 14.49 9.12
CA CYS S 4 20.99 14.65 10.05
C CYS S 4 19.82 15.31 9.35
N LYS S 5 18.61 14.90 9.73
CA LYS S 5 17.38 15.30 9.05
C LYS S 5 16.38 15.88 10.03
N ARG S 6 15.71 16.95 9.61
CA ARG S 6 14.60 17.52 10.35
C ARG S 6 13.66 18.19 9.36
N GLU S 7 12.35 18.09 9.62
CA GLU S 7 11.36 18.69 8.74
C GLU S 7 11.49 20.21 8.74
N SER S 8 11.26 20.82 7.58
CA SER S 8 11.37 22.26 7.45
C SER S 8 10.30 22.95 8.29
N ASN S 9 10.66 24.10 8.87
CA ASN S 9 9.73 24.87 9.68
C ASN S 9 9.15 26.08 8.95
N THR S 10 9.79 26.53 7.88
CA THR S 10 9.37 27.72 7.15
C THR S 10 8.78 27.42 5.79
N PHE S 11 8.71 26.15 5.38
CA PHE S 11 8.16 25.83 4.05
C PHE S 11 6.66 26.02 4.07
N PRO S 12 6.09 26.82 3.15
CA PRO S 12 4.68 27.19 3.29
C PRO S 12 3.69 26.19 2.72
N GLY S 13 4.08 25.46 1.68
CA GLY S 13 3.11 24.63 0.98
C GLY S 13 3.43 23.14 0.94
N ILE S 14 3.01 22.50 -0.14
CA ILE S 14 3.17 21.06 -0.32
C ILE S 14 4.38 20.82 -1.22
N CYS S 15 5.23 19.89 -0.82
CA CYS S 15 6.50 19.65 -1.51
C CYS S 15 6.23 18.87 -2.79
N ILE S 16 6.49 19.50 -3.94
CA ILE S 16 6.28 18.88 -5.23
C ILE S 16 7.61 18.74 -5.96
N THR S 17 8.28 19.86 -6.18
CA THR S 17 9.62 19.87 -6.75
C THR S 17 10.64 20.19 -5.68
N LYS S 18 11.88 19.78 -5.94
CA LYS S 18 12.98 19.89 -4.98
C LYS S 18 13.50 21.32 -4.78
N PRO S 19 13.69 22.12 -5.84
CA PRO S 19 14.28 23.47 -5.64
C PRO S 19 13.52 24.32 -4.62
N PRO S 20 12.18 24.35 -4.64
CA PRO S 20 11.49 25.16 -3.61
C PRO S 20 11.79 24.72 -2.18
N CYS S 21 11.94 23.41 -1.96
CA CYS S 21 12.24 22.92 -0.62
C CYS S 21 13.70 23.10 -0.27
N ARG S 22 14.60 22.93 -1.25
CA ARG S 22 16.03 23.13 -1.00
C ARG S 22 16.33 24.57 -0.62
N LYS S 23 15.70 25.53 -1.31
CA LYS S 23 15.93 26.94 -0.98
C LYS S 23 15.43 27.26 0.43
N ALA S 24 14.30 26.69 0.83
CA ALA S 24 13.77 26.94 2.17
C ALA S 24 14.68 26.35 3.24
N CYS S 25 15.23 25.16 2.99
CA CYS S 25 16.11 24.53 3.97
C CYS S 25 17.43 25.30 4.10
N ILE S 26 17.96 25.80 2.98
CA ILE S 26 19.17 26.62 3.05
C ILE S 26 18.90 27.92 3.80
N ARG S 27 17.69 28.47 3.68
CA ARG S 27 17.34 29.65 4.47
C ARG S 27 17.31 29.36 5.96
N GLU S 28 17.28 28.08 6.36
CA GLU S 28 17.33 27.68 7.75
C GLU S 28 18.70 27.10 8.13
N LYS S 29 19.74 27.43 7.36
CA LYS S 29 21.12 27.02 7.59
C LYS S 29 21.32 25.51 7.41
N PHE S 30 20.43 24.85 6.70
CA PHE S 30 20.68 23.48 6.27
C PHE S 30 21.42 23.47 4.93
N THR S 31 21.89 22.30 4.53
CA THR S 31 22.64 22.17 3.29
C THR S 31 21.81 21.71 2.11
N ASP S 32 20.72 20.98 2.35
CA ASP S 32 19.88 20.49 1.26
C ASP S 32 18.52 20.10 1.81
N GLY S 33 17.52 20.13 0.94
CA GLY S 33 16.19 19.68 1.29
C GLY S 33 15.61 18.85 0.16
N HIS S 34 14.73 17.92 0.54
CA HIS S 34 14.09 17.05 -0.44
C HIS S 34 12.63 16.84 -0.04
N CYS S 35 11.84 16.41 -1.02
CA CYS S 35 10.42 16.16 -0.82
C CYS S 35 10.19 14.71 -0.42
N SER S 36 9.45 14.51 0.66
CA SER S 36 9.00 13.16 1.00
C SER S 36 8.04 12.66 -0.07
N LYS S 37 8.06 11.34 -0.30
CA LYS S 37 7.41 10.81 -1.49
C LYS S 37 5.89 10.71 -1.34
N ILE S 38 5.39 10.37 -0.16
CA ILE S 38 3.96 10.13 0.00
C ILE S 38 3.26 11.37 0.52
N LEU S 39 3.61 11.80 1.73
CA LEU S 39 2.96 12.97 2.34
C LEU S 39 3.48 14.29 1.79
N ARG S 40 4.52 14.27 0.96
CA ARG S 40 5.04 15.46 0.28
C ARG S 40 5.46 16.54 1.28
N ARG S 41 6.29 16.13 2.25
CA ARG S 41 6.84 17.06 3.22
C ARG S 41 8.22 17.53 2.79
N CYS S 42 8.54 18.77 3.14
CA CYS S 42 9.85 19.36 2.86
C CYS S 42 10.79 19.00 4.01
N LEU S 43 11.71 18.08 3.76
CA LEU S 43 12.62 17.58 4.78
C LEU S 43 14.01 18.14 4.55
N CYS S 44 14.58 18.76 5.58
CA CYS S 44 15.90 19.37 5.49
C CYS S 44 16.97 18.40 5.98
N THR S 45 18.11 18.41 5.30
CA THR S 45 19.24 17.57 5.65
C THR S 45 20.48 18.43 5.88
N LYS S 46 21.36 17.97 6.77
CA LYS S 46 22.56 18.70 7.13
C LYS S 46 23.53 17.73 7.80
N PRO S 47 24.83 17.81 7.52
CA PRO S 47 25.78 16.93 8.20
C PRO S 47 25.71 17.10 9.71
N CYS S 48 25.65 15.97 10.41
CA CYS S 48 25.58 15.98 11.87
C CYS S 48 26.87 16.51 12.47
N ALA T 1 11.39 23.03 19.07
CA ALA T 1 10.67 22.10 18.20
C ALA T 1 11.29 20.72 18.26
N LYS T 2 11.46 20.09 17.10
CA LYS T 2 12.03 18.77 16.99
C LYS T 2 13.52 18.86 16.64
N ASP T 3 14.28 17.89 17.13
CA ASP T 3 15.72 17.86 16.90
C ASP T 3 16.06 17.18 15.59
N CYS T 4 17.31 17.38 15.14
CA CYS T 4 17.83 16.63 14.01
C CYS T 4 17.88 15.14 14.35
N LYS T 5 17.64 14.31 13.33
CA LYS T 5 17.44 12.89 13.55
C LYS T 5 18.24 12.09 12.53
N ARG T 6 18.82 10.98 12.99
CA ARG T 6 19.52 10.05 12.13
C ARG T 6 19.55 8.69 12.81
N GLU T 7 19.36 7.63 12.02
CA GLU T 7 19.35 6.29 12.57
C GLU T 7 20.72 5.93 13.14
N SER T 8 20.71 5.18 14.25
CA SER T 8 21.96 4.77 14.88
C SER T 8 22.76 3.84 13.97
N ASN T 9 24.07 4.05 13.94
CA ASN T 9 24.97 3.23 13.13
C ASN T 9 25.54 2.04 13.91
N THR T 10 25.37 2.01 15.23
CA THR T 10 25.98 0.97 16.06
C THR T 10 25.00 0.15 16.88
N PHE T 11 23.72 0.51 16.88
CA PHE T 11 22.74 -0.22 17.71
C PHE T 11 22.62 -1.66 17.20
N PRO T 12 22.68 -2.65 18.09
CA PRO T 12 22.77 -4.06 17.65
C PRO T 12 21.52 -4.60 16.99
N GLY T 13 20.38 -4.53 17.68
CA GLY T 13 19.18 -5.17 17.16
C GLY T 13 17.93 -4.33 17.15
N ILE T 14 16.88 -4.86 17.79
CA ILE T 14 15.56 -4.24 17.77
C ILE T 14 15.43 -3.29 18.95
N CYS T 15 14.90 -2.09 18.70
CA CYS T 15 14.74 -1.06 19.72
C CYS T 15 13.43 -1.33 20.45
N ILE T 16 13.52 -1.90 21.64
CA ILE T 16 12.35 -2.17 22.47
C ILE T 16 12.20 -1.12 23.58
N THR T 17 13.27 -0.86 24.32
CA THR T 17 13.30 0.16 25.35
C THR T 17 14.24 1.29 24.96
N LYS T 18 14.05 2.44 25.60
CA LYS T 18 14.75 3.67 25.23
C LYS T 18 16.19 3.75 25.75
N PRO T 19 16.48 3.44 27.02
CA PRO T 19 17.84 3.63 27.54
C PRO T 19 18.90 2.92 26.71
N PRO T 20 18.67 1.68 26.25
CA PRO T 20 19.68 1.07 25.36
C PRO T 20 19.94 1.87 24.10
N CYS T 21 18.92 2.53 23.55
CA CYS T 21 19.11 3.37 22.37
C CYS T 21 19.72 4.73 22.72
N ARG T 22 19.42 5.24 23.92
CA ARG T 22 20.00 6.51 24.33
C ARG T 22 21.51 6.38 24.56
N LYS T 23 21.93 5.32 25.23
CA LYS T 23 23.35 5.14 25.52
C LYS T 23 24.16 4.99 24.24
N ALA T 24 23.62 4.28 23.25
CA ALA T 24 24.33 4.12 22.00
C ALA T 24 24.42 5.43 21.23
N CYS T 25 23.37 6.25 21.29
CA CYS T 25 23.35 7.50 20.54
C CYS T 25 24.26 8.54 21.19
N ILE T 26 24.32 8.56 22.52
CA ILE T 26 25.20 9.51 23.20
C ILE T 26 26.66 9.19 22.89
N ARG T 27 26.99 7.90 22.75
CA ARG T 27 28.34 7.52 22.36
C ARG T 27 28.67 8.00 20.95
N GLU T 28 27.65 8.12 20.09
CA GLU T 28 27.81 8.61 18.73
C GLU T 28 27.71 10.13 18.64
N LYS T 29 27.99 10.84 19.72
CA LYS T 29 28.01 12.30 19.79
C LYS T 29 26.63 12.92 19.61
N PHE T 30 25.57 12.16 19.87
CA PHE T 30 24.21 12.70 19.94
C PHE T 30 23.82 12.91 21.39
N THR T 31 22.68 13.57 21.59
CA THR T 31 22.21 13.88 22.94
C THR T 31 21.16 12.92 23.46
N ASP T 32 20.40 12.27 22.58
CA ASP T 32 19.32 11.39 23.00
C ASP T 32 19.04 10.37 21.90
N GLY T 33 18.21 9.39 22.24
CA GLY T 33 17.82 8.36 21.30
C GLY T 33 16.51 7.69 21.68
N HIS T 34 15.64 7.45 20.70
CA HIS T 34 14.37 6.81 20.95
C HIS T 34 14.08 5.81 19.86
N CYS T 35 13.12 4.93 20.12
CA CYS T 35 12.77 3.87 19.19
C CYS T 35 11.76 4.35 18.15
N SER T 36 11.98 3.96 16.90
CA SER T 36 10.97 4.20 15.87
C SER T 36 9.74 3.34 16.16
N LYS T 37 8.57 3.87 15.83
CA LYS T 37 7.33 3.30 16.34
C LYS T 37 7.04 1.93 15.72
N ILE T 38 7.22 1.79 14.42
CA ILE T 38 6.80 0.57 13.73
C ILE T 38 7.98 -0.35 13.46
N LEU T 39 8.98 0.16 12.75
CA LEU T 39 10.14 -0.65 12.40
C LEU T 39 11.10 -0.87 13.56
N ARG T 40 10.87 -0.19 14.69
CA ARG T 40 11.64 -0.40 15.92
C ARG T 40 13.14 -0.17 15.69
N ARG T 41 13.45 0.96 15.08
CA ARG T 41 14.83 1.38 14.86
C ARG T 41 15.24 2.38 15.94
N CYS T 42 16.54 2.39 16.25
CA CYS T 42 17.10 3.34 17.20
C CYS T 42 17.44 4.62 16.45
N LEU T 43 16.74 5.70 16.78
CA LEU T 43 16.91 6.99 16.12
C LEU T 43 17.66 7.93 17.05
N CYS T 44 18.79 8.43 16.59
CA CYS T 44 19.60 9.36 17.38
C CYS T 44 19.20 10.80 17.09
N THR T 45 19.10 11.60 18.14
CA THR T 45 18.67 12.99 18.03
C THR T 45 19.66 13.90 18.71
N LYS T 46 19.77 15.12 18.19
CA LYS T 46 20.60 16.17 18.77
C LYS T 46 20.22 17.49 18.12
N PRO T 47 20.52 18.62 18.77
CA PRO T 47 20.21 19.92 18.18
C PRO T 47 20.98 20.12 16.88
N CYS T 48 20.28 20.61 15.87
CA CYS T 48 20.86 20.82 14.55
C CYS T 48 21.94 21.89 14.59
N ALA U 1 12.69 14.92 22.44
CA ALA U 1 12.93 16.36 22.40
C ALA U 1 11.72 17.10 21.84
N LYS U 2 10.63 16.37 21.66
CA LYS U 2 9.40 16.97 21.14
C LYS U 2 8.79 17.92 22.17
N ASP U 3 8.15 18.97 21.68
CA ASP U 3 7.52 19.94 22.56
C ASP U 3 6.21 19.38 23.13
N CYS U 4 5.71 20.05 24.16
CA CYS U 4 4.42 19.70 24.72
C CYS U 4 3.31 20.01 23.70
N LYS U 5 2.53 18.99 23.38
CA LYS U 5 1.64 19.02 22.23
C LYS U 5 0.18 18.84 22.65
N ARG U 6 -0.71 19.53 21.95
CA ARG U 6 -2.15 19.42 22.17
C ARG U 6 -2.87 19.80 20.88
N GLU U 7 -3.98 19.13 20.60
CA GLU U 7 -4.74 19.42 19.39
C GLU U 7 -5.40 20.80 19.50
N SER U 8 -5.44 21.50 18.37
CA SER U 8 -6.01 22.84 18.36
C SER U 8 -7.51 22.81 18.60
N ASN U 9 -8.01 23.80 19.34
CA ASN U 9 -9.43 23.92 19.63
C ASN U 9 -10.17 24.81 18.65
N THR U 10 -9.44 25.52 17.77
CA THR U 10 -10.05 26.49 16.87
C THR U 10 -9.81 26.23 15.39
N PHE U 11 -8.92 25.30 15.03
CA PHE U 11 -8.64 25.04 13.62
C PHE U 11 -9.86 24.42 12.96
N PRO U 12 -10.40 25.01 11.90
CA PRO U 12 -11.73 24.61 11.43
C PRO U 12 -11.75 23.34 10.58
N GLY U 13 -10.80 23.18 9.65
CA GLY U 13 -10.90 22.12 8.67
C GLY U 13 -9.86 21.03 8.77
N ILE U 14 -9.42 20.53 7.62
CA ILE U 14 -8.45 19.46 7.53
C ILE U 14 -7.07 20.07 7.33
N CYS U 15 -6.12 19.69 8.18
CA CYS U 15 -4.77 20.25 8.14
C CYS U 15 -4.04 19.76 6.90
N ILE U 16 -3.84 20.66 5.95
CA ILE U 16 -3.12 20.36 4.72
C ILE U 16 -1.73 20.98 4.72
N THR U 17 -1.66 22.28 4.99
CA THR U 17 -0.40 23.01 5.07
C THR U 17 -0.19 23.53 6.49
N LYS U 18 1.03 23.98 6.75
CA LYS U 18 1.47 24.39 8.09
C LYS U 18 1.04 25.80 8.48
N PRO U 19 1.14 26.81 7.61
CA PRO U 19 0.83 28.19 8.03
C PRO U 19 -0.56 28.34 8.63
N PRO U 20 -1.62 27.79 7.99
CA PRO U 20 -2.96 27.97 8.58
C PRO U 20 -3.10 27.34 9.96
N CYS U 21 -2.45 26.20 10.21
CA CYS U 21 -2.50 25.59 11.53
C CYS U 21 -1.57 26.30 12.50
N ARG U 22 -0.41 26.76 12.03
CA ARG U 22 0.51 27.50 12.90
C ARG U 22 -0.11 28.81 13.35
N LYS U 23 -0.85 29.49 12.46
CA LYS U 23 -1.46 30.76 12.82
C LYS U 23 -2.53 30.57 13.90
N ALA U 24 -3.29 29.47 13.83
CA ALA U 24 -4.33 29.22 14.82
C ALA U 24 -3.73 28.91 16.18
N CYS U 25 -2.58 28.24 16.23
CA CYS U 25 -1.96 27.89 17.50
C CYS U 25 -1.35 29.11 18.17
N ILE U 26 -0.84 30.07 17.39
CA ILE U 26 -0.32 31.30 17.97
C ILE U 26 -1.44 32.10 18.63
N ARG U 27 -2.64 32.06 18.05
CA ARG U 27 -3.79 32.69 18.69
C ARG U 27 -4.11 32.02 20.02
N GLU U 28 -3.95 30.70 20.09
CA GLU U 28 -4.19 29.94 21.31
C GLU U 28 -3.00 29.97 22.27
N LYS U 29 -2.10 30.95 22.10
CA LYS U 29 -0.95 31.14 22.98
C LYS U 29 -0.01 29.94 22.96
N PHE U 30 0.21 29.39 21.77
CA PHE U 30 1.24 28.39 21.52
C PHE U 30 2.34 29.03 20.67
N THR U 31 3.44 28.28 20.50
CA THR U 31 4.59 28.79 19.77
C THR U 31 4.69 28.26 18.35
N ASP U 32 4.14 27.08 18.07
CA ASP U 32 4.21 26.51 16.74
C ASP U 32 3.06 25.54 16.55
N GLY U 33 2.83 25.15 15.30
CA GLY U 33 1.80 24.19 14.97
C GLY U 33 2.10 23.47 13.67
N HIS U 34 1.78 22.17 13.62
CA HIS U 34 2.02 21.37 12.44
C HIS U 34 0.85 20.41 12.24
N CYS U 35 0.80 19.80 11.05
CA CYS U 35 -0.25 18.86 10.71
C CYS U 35 0.14 17.45 11.12
N SER U 36 -0.78 16.73 11.73
CA SER U 36 -0.57 15.31 11.99
C SER U 36 -0.54 14.54 10.67
N LYS U 37 0.15 13.40 10.69
CA LYS U 37 0.51 12.74 9.44
C LYS U 37 -0.71 12.13 8.75
N ILE U 38 -1.45 11.28 9.45
CA ILE U 38 -2.50 10.49 8.81
C ILE U 38 -3.85 11.20 8.93
N LEU U 39 -4.32 11.41 10.16
CA LEU U 39 -5.63 12.01 10.38
C LEU U 39 -5.68 13.49 9.98
N ARG U 40 -4.54 14.11 9.69
CA ARG U 40 -4.46 15.50 9.23
C ARG U 40 -5.10 16.45 10.25
N ARG U 41 -4.70 16.31 11.50
CA ARG U 41 -5.15 17.19 12.57
C ARG U 41 -4.15 18.33 12.76
N CYS U 42 -4.64 19.44 13.32
CA CYS U 42 -3.80 20.58 13.66
C CYS U 42 -3.34 20.43 15.10
N LEU U 43 -2.05 20.18 15.29
CA LEU U 43 -1.46 19.92 16.59
C LEU U 43 -0.65 21.13 17.03
N CYS U 44 -1.04 21.74 18.13
CA CYS U 44 -0.32 22.89 18.68
C CYS U 44 0.79 22.41 19.61
N THR U 45 1.97 23.00 19.46
CA THR U 45 3.12 22.65 20.27
C THR U 45 3.72 23.90 20.90
N LYS U 46 4.40 23.69 22.02
CA LYS U 46 5.07 24.79 22.73
C LYS U 46 6.08 24.18 23.68
N PRO U 47 7.15 24.92 24.03
CA PRO U 47 8.15 24.38 24.94
C PRO U 47 7.55 24.05 26.30
N CYS U 48 7.91 22.89 26.82
CA CYS U 48 7.42 22.45 28.12
C CYS U 48 8.10 23.24 29.24
N ALA V 1 -10.29 21.89 27.76
CA ALA V 1 -9.39 22.15 28.87
C ALA V 1 -8.43 20.99 29.09
N LYS V 2 -8.02 20.34 28.00
CA LYS V 2 -7.10 19.22 28.09
C LYS V 2 -5.68 19.71 28.38
N ASP V 3 -4.85 18.78 28.85
CA ASP V 3 -3.47 19.07 29.19
C ASP V 3 -2.57 18.88 27.96
N CYS V 4 -1.26 19.05 28.17
CA CYS V 4 -0.27 18.87 27.13
C CYS V 4 0.46 17.55 27.32
N LYS V 5 0.74 16.86 26.22
CA LYS V 5 1.31 15.53 26.24
C LYS V 5 2.74 15.55 25.72
N ARG V 6 3.57 14.68 26.28
CA ARG V 6 4.95 14.51 25.86
C ARG V 6 5.47 13.19 26.41
N GLU V 7 6.11 12.40 25.55
CA GLU V 7 6.64 11.12 26.00
C GLU V 7 7.78 11.34 26.99
N SER V 8 7.87 10.43 27.97
CA SER V 8 8.90 10.54 28.99
C SER V 8 10.28 10.34 28.40
N ASN V 9 11.26 11.10 28.93
CA ASN V 9 12.64 10.96 28.53
C ASN V 9 13.43 10.01 29.42
N THR V 10 12.90 9.69 30.61
CA THR V 10 13.66 8.92 31.59
C THR V 10 12.99 7.62 32.00
N PHE V 11 11.86 7.26 31.41
CA PHE V 11 11.23 5.98 31.75
C PHE V 11 12.05 4.84 31.17
N PRO V 12 12.57 3.94 31.99
CA PRO V 12 13.57 2.97 31.50
C PRO V 12 12.97 1.74 30.82
N GLY V 13 11.80 1.28 31.27
CA GLY V 13 11.24 0.03 30.82
C GLY V 13 10.00 0.20 29.96
N ILE V 14 9.21 -0.86 29.90
CA ILE V 14 7.94 -0.87 29.18
C ILE V 14 6.85 -0.36 30.10
N CYS V 15 5.99 0.52 29.59
CA CYS V 15 4.90 1.09 30.38
C CYS V 15 3.82 0.02 30.53
N ILE V 16 3.93 -0.75 31.60
CA ILE V 16 2.95 -1.80 31.89
C ILE V 16 1.83 -1.27 32.77
N THR V 17 2.19 -0.64 33.89
CA THR V 17 1.23 -0.06 34.82
C THR V 17 1.48 1.44 34.94
N LYS V 18 0.46 2.14 35.42
CA LYS V 18 0.45 3.61 35.47
C LYS V 18 1.29 4.20 36.61
N PRO V 19 1.25 3.65 37.83
CA PRO V 19 2.03 4.26 38.93
C PRO V 19 3.51 4.41 38.59
N PRO V 20 4.16 3.41 37.98
CA PRO V 20 5.58 3.61 37.62
C PRO V 20 5.79 4.75 36.63
N CYS V 21 4.89 4.90 35.66
CA CYS V 21 5.02 5.99 34.70
C CYS V 21 4.71 7.35 35.33
N ARG V 22 3.78 7.38 36.29
CA ARG V 22 3.50 8.63 36.98
C ARG V 22 4.70 9.12 37.76
N LYS V 23 5.41 8.21 38.45
CA LYS V 23 6.57 8.61 39.21
C LYS V 23 7.66 9.19 38.31
N ALA V 24 7.90 8.55 37.16
CA ALA V 24 8.92 9.05 36.25
C ALA V 24 8.53 10.39 35.64
N CYS V 25 7.23 10.64 35.47
CA CYS V 25 6.78 11.90 34.89
C CYS V 25 6.80 13.03 35.91
N ILE V 26 6.48 12.73 37.16
CA ILE V 26 6.50 13.76 38.20
C ILE V 26 7.94 14.24 38.44
N ARG V 27 8.91 13.33 38.37
CA ARG V 27 10.30 13.73 38.52
C ARG V 27 10.74 14.64 37.37
N GLU V 28 10.11 14.50 36.20
CA GLU V 28 10.40 15.35 35.05
C GLU V 28 9.56 16.63 35.05
N LYS V 29 9.02 17.02 36.20
CA LYS V 29 8.25 18.26 36.35
C LYS V 29 6.97 18.23 35.52
N PHE V 30 6.34 17.07 35.46
CA PHE V 30 4.99 16.91 34.93
C PHE V 30 4.05 16.51 36.07
N THR V 31 2.75 16.68 35.82
CA THR V 31 1.77 16.44 36.88
C THR V 31 1.25 15.00 36.90
N ASP V 32 1.27 14.29 35.77
CA ASP V 32 0.75 12.94 35.72
C ASP V 32 1.36 12.22 34.53
N GLY V 33 1.20 10.90 34.52
CA GLY V 33 1.69 10.07 33.43
C GLY V 33 0.87 8.82 33.24
N HIS V 34 0.59 8.46 31.98
CA HIS V 34 -0.17 7.27 31.67
C HIS V 34 0.51 6.52 30.54
N CYS V 35 0.14 5.25 30.39
CA CYS V 35 0.73 4.38 29.38
C CYS V 35 -0.01 4.53 28.06
N SER V 36 0.73 4.46 26.96
CA SER V 36 0.11 4.49 25.64
C SER V 36 -0.59 3.15 25.39
N LYS V 37 -1.57 3.19 24.48
CA LYS V 37 -2.45 2.05 24.27
C LYS V 37 -1.72 0.93 23.52
N ILE V 38 -1.11 1.24 22.38
CA ILE V 38 -0.56 0.21 21.51
C ILE V 38 0.91 -0.05 21.83
N LEU V 39 1.74 0.99 21.76
CA LEU V 39 3.18 0.83 21.93
C LEU V 39 3.62 0.72 23.38
N ARG V 40 2.71 0.91 24.34
CA ARG V 40 3.01 0.81 25.77
C ARG V 40 4.15 1.75 26.14
N ARG V 41 3.99 3.02 25.79
CA ARG V 41 4.96 4.06 26.11
C ARG V 41 4.46 4.90 27.28
N CYS V 42 5.40 5.45 28.03
CA CYS V 42 5.08 6.29 29.18
C CYS V 42 4.94 7.74 28.71
N LEU V 43 3.69 8.19 28.59
CA LEU V 43 3.39 9.55 28.15
C LEU V 43 3.16 10.42 29.38
N CYS V 44 3.82 11.57 29.41
CA CYS V 44 3.71 12.51 30.51
C CYS V 44 2.76 13.64 30.14
N THR V 45 1.94 14.07 31.10
CA THR V 45 0.97 15.12 30.89
C THR V 45 1.15 16.21 31.95
N LYS V 46 0.80 17.44 31.57
CA LYS V 46 0.83 18.57 32.48
C LYS V 46 0.01 19.70 31.86
N PRO V 47 -0.52 20.61 32.67
CA PRO V 47 -1.31 21.72 32.12
C PRO V 47 -0.47 22.59 31.19
N CYS V 48 -1.07 22.95 30.07
CA CYS V 48 -0.41 23.83 29.12
C CYS V 48 -0.42 25.27 29.64
N ALA W 1 -4.47 15.64 36.28
CA ALA W 1 -4.38 14.34 35.61
C ALA W 1 -5.33 14.26 34.43
N LYS W 2 -5.82 13.04 34.16
CA LYS W 2 -6.74 12.82 33.05
C LYS W 2 -8.16 13.19 33.44
N ASP W 3 -8.93 13.64 32.46
CA ASP W 3 -10.34 13.96 32.65
C ASP W 3 -11.20 12.75 32.32
N CYS W 4 -12.46 12.80 32.72
CA CYS W 4 -13.39 11.75 32.33
C CYS W 4 -13.85 11.96 30.89
N LYS W 5 -14.38 10.88 30.31
CA LYS W 5 -14.73 10.86 28.90
C LYS W 5 -16.07 10.16 28.72
N ARG W 6 -16.97 10.79 27.99
CA ARG W 6 -18.26 10.21 27.67
C ARG W 6 -18.67 10.71 26.29
N GLU W 7 -19.29 9.84 25.51
CA GLU W 7 -19.71 10.23 24.17
C GLU W 7 -20.80 11.30 24.24
N SER W 8 -20.75 12.24 23.30
CA SER W 8 -21.74 13.31 23.25
C SER W 8 -23.14 12.76 23.04
N ASN W 9 -24.09 13.27 23.82
CA ASN W 9 -25.49 12.87 23.66
C ASN W 9 -26.21 13.66 22.58
N THR W 10 -25.72 14.85 22.23
CA THR W 10 -26.43 15.74 21.34
C THR W 10 -25.74 15.94 19.99
N PHE W 11 -24.56 15.37 19.78
CA PHE W 11 -23.88 15.55 18.50
C PHE W 11 -24.59 14.73 17.44
N PRO W 12 -25.07 15.35 16.36
CA PRO W 12 -25.97 14.64 15.43
C PRO W 12 -25.28 13.56 14.59
N GLY W 13 -24.27 13.94 13.81
CA GLY W 13 -23.71 13.03 12.84
C GLY W 13 -22.35 12.46 13.17
N ILE W 14 -21.44 12.50 12.21
CA ILE W 14 -20.12 11.90 12.32
C ILE W 14 -19.09 12.98 12.60
N CYS W 15 -18.19 12.69 13.52
CA CYS W 15 -17.18 13.66 13.97
C CYS W 15 -16.03 13.69 12.97
N ILE W 16 -16.05 14.70 12.10
CA ILE W 16 -14.97 14.90 11.13
C ILE W 16 -13.95 15.91 11.63
N THR W 17 -14.43 17.09 12.02
CA THR W 17 -13.57 18.13 12.59
C THR W 17 -13.92 18.36 14.05
N LYS W 18 -12.95 18.90 14.78
CA LYS W 18 -13.06 19.08 16.23
C LYS W 18 -13.99 20.22 16.66
N PRO W 19 -13.96 21.40 16.03
CA PRO W 19 -14.77 22.53 16.53
C PRO W 19 -16.24 22.18 16.73
N PRO W 20 -16.90 21.49 15.79
CA PRO W 20 -18.32 21.16 16.02
C PRO W 20 -18.53 20.26 17.23
N CYS W 21 -17.61 19.34 17.50
CA CYS W 21 -17.77 18.43 18.64
C CYS W 21 -17.47 19.13 19.96
N ARG W 22 -16.46 19.99 19.98
CA ARG W 22 -16.13 20.72 21.21
C ARG W 22 -17.27 21.64 21.61
N LYS W 23 -17.93 22.27 20.64
CA LYS W 23 -19.04 23.18 20.95
C LYS W 23 -20.24 22.40 21.49
N ALA W 24 -20.48 21.20 20.97
CA ALA W 24 -21.60 20.40 21.44
C ALA W 24 -21.37 19.90 22.86
N CYS W 25 -20.11 19.68 23.25
CA CYS W 25 -19.82 19.21 24.59
C CYS W 25 -19.94 20.33 25.63
N ILE W 26 -19.60 21.56 25.25
CA ILE W 26 -19.73 22.68 26.18
C ILE W 26 -21.19 22.92 26.53
N ARG W 27 -22.10 22.71 25.58
CA ARG W 27 -23.53 22.82 25.88
C ARG W 27 -23.99 21.73 26.83
N GLU W 28 -23.30 20.60 26.86
CA GLU W 28 -23.57 19.53 27.81
C GLU W 28 -22.78 19.67 29.10
N LYS W 29 -22.28 20.88 29.39
CA LYS W 29 -21.56 21.19 30.62
C LYS W 29 -20.25 20.40 30.73
N PHE W 30 -19.58 20.24 29.58
CA PHE W 30 -18.22 19.72 29.53
C PHE W 30 -17.26 20.83 29.17
N THR W 31 -15.96 20.56 29.35
CA THR W 31 -14.95 21.56 29.06
C THR W 31 -14.38 21.44 27.65
N ASP W 32 -14.23 20.21 27.14
CA ASP W 32 -13.66 20.01 25.81
C ASP W 32 -14.39 18.87 25.12
N GLY W 33 -14.21 18.80 23.80
CA GLY W 33 -14.74 17.73 22.99
C GLY W 33 -13.89 17.47 21.78
N HIS W 34 -13.68 16.19 21.45
CA HIS W 34 -12.81 15.84 20.34
C HIS W 34 -13.35 14.59 19.65
N CYS W 35 -12.89 14.38 18.42
CA CYS W 35 -13.30 13.22 17.64
C CYS W 35 -12.46 12.01 18.00
N SER W 36 -13.08 10.83 17.99
CA SER W 36 -12.33 9.60 18.08
C SER W 36 -11.63 9.32 16.76
N LYS W 37 -10.48 8.64 16.84
CA LYS W 37 -9.64 8.45 15.66
C LYS W 37 -10.34 7.64 14.58
N ILE W 38 -10.91 6.50 14.97
CA ILE W 38 -11.37 5.50 14.01
C ILE W 38 -12.88 5.60 13.82
N LEU W 39 -13.65 5.44 14.89
CA LEU W 39 -15.10 5.46 14.81
C LEU W 39 -15.67 6.85 14.60
N ARG W 40 -14.85 7.90 14.73
CA ARG W 40 -15.28 9.27 14.51
C ARG W 40 -16.46 9.64 15.39
N ARG W 41 -16.40 9.26 16.67
CA ARG W 41 -17.40 9.65 17.64
C ARG W 41 -16.99 10.95 18.31
N CYS W 42 -17.99 11.70 18.78
CA CYS W 42 -17.76 12.97 19.48
C CYS W 42 -17.65 12.66 20.97
N LEU W 43 -16.42 12.57 21.47
CA LEU W 43 -16.17 12.25 22.86
C LEU W 43 -16.03 13.54 23.67
N CYS W 44 -16.84 13.66 24.72
CA CYS W 44 -16.79 14.83 25.59
C CYS W 44 -15.91 14.55 26.80
N THR W 45 -15.15 15.56 27.21
CA THR W 45 -14.26 15.46 28.35
C THR W 45 -14.46 16.65 29.28
N LYS W 46 -14.36 16.39 30.58
CA LYS W 46 -14.42 17.43 31.60
C LYS W 46 -13.76 16.91 32.86
N PRO W 47 -13.28 17.80 33.73
CA PRO W 47 -12.61 17.35 34.97
C PRO W 47 -13.53 16.48 35.82
N CYS W 48 -13.09 15.25 36.08
CA CYS W 48 -13.94 14.32 36.81
C CYS W 48 -13.83 14.51 38.32
N ALA X 1 -27.72 9.66 31.94
CA ALA X 1 -27.53 8.72 30.84
C ALA X 1 -26.27 7.89 31.05
N LYS X 2 -25.41 7.87 30.04
CA LYS X 2 -24.14 7.15 30.14
C LYS X 2 -23.27 7.76 31.23
N ASP X 3 -22.55 6.91 31.95
CA ASP X 3 -21.67 7.36 33.02
C ASP X 3 -20.30 7.72 32.47
N CYS X 4 -19.69 8.73 33.09
CA CYS X 4 -18.34 9.14 32.71
C CYS X 4 -17.34 8.06 33.11
N LYS X 5 -16.20 8.04 32.40
CA LYS X 5 -15.22 6.99 32.56
C LYS X 5 -13.82 7.58 32.59
N ARG X 6 -12.95 6.97 33.39
CA ARG X 6 -11.56 7.41 33.50
C ARG X 6 -10.72 6.26 34.05
N GLU X 7 -9.48 6.19 33.60
CA GLU X 7 -8.56 5.19 34.12
C GLU X 7 -8.20 5.51 35.57
N SER X 8 -8.05 4.46 36.37
CA SER X 8 -7.73 4.64 37.77
C SER X 8 -6.34 5.24 37.94
N ASN X 9 -6.19 6.04 39.00
CA ASN X 9 -4.93 6.69 39.33
C ASN X 9 -4.24 6.06 40.53
N THR X 10 -4.92 5.19 41.27
CA THR X 10 -4.35 4.53 42.43
C THR X 10 -4.23 3.01 42.28
N PHE X 11 -4.85 2.41 41.27
CA PHE X 11 -4.75 0.96 41.11
C PHE X 11 -3.31 0.61 40.71
N PRO X 12 -2.58 -0.17 41.53
CA PRO X 12 -1.14 -0.29 41.31
C PRO X 12 -0.71 -1.30 40.25
N GLY X 13 -1.46 -2.38 40.08
CA GLY X 13 -1.04 -3.44 39.18
C GLY X 13 -1.94 -3.66 37.99
N ILE X 14 -1.90 -4.86 37.43
CA ILE X 14 -2.75 -5.22 36.30
C ILE X 14 -4.02 -5.87 36.85
N CYS X 15 -5.16 -5.43 36.35
CA CYS X 15 -6.43 -6.00 36.77
C CYS X 15 -6.71 -7.31 36.04
N ILE X 16 -7.43 -8.19 36.72
CA ILE X 16 -7.91 -9.44 36.13
C ILE X 16 -9.35 -9.65 36.57
N THR X 17 -9.63 -9.35 37.83
CA THR X 17 -10.96 -9.46 38.40
C THR X 17 -11.48 -8.08 38.79
N LYS X 18 -12.80 -7.95 38.85
CA LYS X 18 -13.49 -6.68 39.04
C LYS X 18 -13.42 -6.12 40.46
N PRO X 19 -13.59 -6.92 41.52
CA PRO X 19 -13.64 -6.36 42.90
C PRO X 19 -12.41 -5.52 43.23
N PRO X 20 -11.18 -5.95 42.90
CA PRO X 20 -10.03 -5.10 43.24
C PRO X 20 -10.06 -3.73 42.58
N CYS X 21 -10.62 -3.62 41.37
CA CYS X 21 -10.68 -2.33 40.69
C CYS X 21 -11.81 -1.46 41.23
N ARG X 22 -12.95 -2.07 41.60
CA ARG X 22 -14.05 -1.31 42.17
C ARG X 22 -13.63 -0.63 43.48
N LYS X 23 -12.90 -1.36 44.33
CA LYS X 23 -12.48 -0.79 45.60
C LYS X 23 -11.54 0.39 45.40
N ALA X 24 -10.68 0.32 44.38
CA ALA X 24 -9.76 1.42 44.12
C ALA X 24 -10.51 2.64 43.57
N CYS X 25 -11.56 2.41 42.77
CA CYS X 25 -12.28 3.53 42.18
C CYS X 25 -13.16 4.24 43.20
N ILE X 26 -13.79 3.49 44.11
CA ILE X 26 -14.63 4.10 45.14
C ILE X 26 -13.79 5.00 46.04
N ARG X 27 -12.54 4.62 46.29
CA ARG X 27 -11.64 5.50 47.05
C ARG X 27 -11.34 6.77 46.29
N GLU X 28 -11.38 6.74 44.96
CA GLU X 28 -11.14 7.91 44.12
C GLU X 28 -12.42 8.69 43.85
N LYS X 29 -13.43 8.55 44.72
CA LYS X 29 -14.70 9.26 44.59
C LYS X 29 -15.46 8.86 43.32
N PHE X 30 -15.52 7.57 43.07
CA PHE X 30 -16.31 7.00 41.98
C PHE X 30 -17.33 6.02 42.54
N THR X 31 -18.27 5.62 41.69
CA THR X 31 -19.35 4.73 42.10
C THR X 31 -19.17 3.29 41.63
N ASP X 32 -18.26 3.05 40.69
CA ASP X 32 -18.05 1.69 40.19
C ASP X 32 -16.68 1.61 39.54
N GLY X 33 -16.15 0.40 39.47
CA GLY X 33 -14.86 0.17 38.86
C GLY X 33 -14.78 -1.12 38.08
N HIS X 34 -14.81 -1.02 36.75
CA HIS X 34 -14.69 -2.17 35.88
C HIS X 34 -13.39 -2.08 35.10
N CYS X 35 -12.94 -3.23 34.61
CA CYS X 35 -11.64 -3.31 33.94
C CYS X 35 -11.81 -3.40 32.44
N SER X 36 -10.85 -2.82 31.73
CA SER X 36 -10.90 -2.77 30.27
C SER X 36 -10.72 -4.16 29.69
N LYS X 37 -11.25 -4.34 28.47
CA LYS X 37 -11.35 -5.68 27.90
C LYS X 37 -9.99 -6.24 27.49
N ILE X 38 -9.14 -5.41 26.88
CA ILE X 38 -7.89 -5.87 26.27
C ILE X 38 -6.67 -5.42 27.07
N LEU X 39 -6.57 -4.11 27.33
CA LEU X 39 -5.39 -3.57 28.01
C LEU X 39 -5.37 -3.88 29.50
N ARG X 40 -6.46 -4.39 30.07
CA ARG X 40 -6.52 -4.75 31.48
C ARG X 40 -6.24 -3.54 32.37
N ARG X 41 -6.92 -2.43 32.05
CA ARG X 41 -6.81 -1.21 32.84
C ARG X 41 -8.01 -1.09 33.76
N CYS X 42 -7.77 -0.61 34.98
CA CYS X 42 -8.84 -0.37 35.94
C CYS X 42 -9.52 0.95 35.57
N LEU X 43 -10.69 0.85 34.94
CA LEU X 43 -11.44 2.02 34.51
C LEU X 43 -12.50 2.37 35.55
N CYS X 44 -12.48 3.61 36.01
CA CYS X 44 -13.43 4.09 37.00
C CYS X 44 -14.61 4.77 36.32
N THR X 45 -15.81 4.46 36.80
CA THR X 45 -17.03 4.99 36.20
C THR X 45 -17.91 5.61 37.28
N LYS X 46 -18.53 6.74 36.94
CA LYS X 46 -19.48 7.41 37.81
C LYS X 46 -20.36 8.31 36.96
N PRO X 47 -21.58 8.62 37.42
CA PRO X 47 -22.45 9.50 36.63
C PRO X 47 -21.82 10.88 36.45
N CYS X 48 -21.85 11.37 35.22
CA CYS X 48 -21.24 12.64 34.88
C CYS X 48 -21.92 13.80 35.63
C1 PIO Y . 9.78 -11.50 24.35
O1 PIO Y . 8.46 -11.73 24.77
P1 PIO Y . 7.43 -10.44 24.88
C2 PIO Y . 9.94 -11.89 22.88
O2 PIO Y . 9.52 -13.23 22.71
C3 PIO Y . 11.39 -11.78 22.42
O3 PIO Y . 11.49 -12.25 21.10
C4 PIO Y . 12.33 -12.59 23.31
O4 PIO Y . 13.66 -12.32 22.94
P4 PIO Y . 14.48 -13.45 22.07
C5 PIO Y . 12.17 -12.27 24.80
O5 PIO Y . 12.90 -13.22 25.53
P5 PIO Y . 14.02 -12.69 26.62
C6 PIO Y . 10.71 -12.31 25.27
O6 PIO Y . 10.65 -11.77 26.57
O11 PIO Y . 8.19 -9.23 25.39
O12 PIO Y . 6.31 -10.77 25.82
O13 PIO Y . 6.81 -10.10 23.38
C1A PIO Y . 5.29 -10.76 19.09
O1A PIO Y . 4.20 -11.20 19.04
C1B PIO Y . 3.51 -7.84 21.57
O1B PIO Y . 3.15 -8.10 20.46
C1C PIO Y . 6.37 -11.16 22.59
C2A PIO Y . 5.81 -9.92 17.92
C2B PIO Y . 3.00 -6.58 22.26
C2C PIO Y . 5.53 -10.62 21.42
O2C PIO Y . 6.11 -11.01 20.20
C3A PIO Y . 4.79 -8.81 17.63
C3B PIO Y . 1.87 -5.97 21.43
C3C PIO Y . 5.48 -9.10 21.47
O3C PIO Y . 4.38 -8.70 22.23
O41 PIO Y . 14.72 -14.67 22.92
O42 PIO Y . 13.67 -13.84 20.86
O43 PIO Y . 15.80 -12.87 21.63
C4A PIO Y . 5.45 -7.71 16.80
C4B PIO Y . 2.45 -4.97 20.44
O51 PIO Y . 13.34 -11.95 27.74
O52 PIO Y . 14.99 -11.77 25.92
O53 PIO Y . 14.77 -13.87 27.17
C5A PIO Y . 4.64 -6.42 16.93
C5B PIO Y . 1.32 -4.20 19.76
C6A PIO Y . 5.33 -5.30 16.17
C6B PIO Y . 1.65 -4.03 18.29
C7A PIO Y . 5.01 -3.96 16.83
C7B PIO Y . 0.37 -4.04 17.46
C8A PIO Y . 5.68 -2.83 16.06
C8B PIO Y . 0.71 -4.36 16.01
S SO4 Z . 12.66 -16.14 47.64
O1 SO4 Z . 11.89 -14.93 47.91
O2 SO4 Z . 12.57 -16.48 46.23
O3 SO4 Z . 14.06 -15.91 47.99
O4 SO4 Z . 12.13 -17.25 48.44
S SO4 AA . 6.85 -13.61 46.53
O1 SO4 AA . 7.43 -12.54 45.71
O2 SO4 AA . 5.63 -14.10 45.89
O3 SO4 AA . 7.80 -14.70 46.66
O4 SO4 AA . 6.52 -13.08 47.85
C1 PIO BA . 9.28 -14.70 17.34
O1 PIO BA . 10.34 -14.04 16.70
P1 PIO BA . 9.98 -12.88 15.58
C2 PIO BA . 9.15 -14.16 18.77
O2 PIO BA . 10.38 -14.35 19.44
C3 PIO BA . 8.06 -14.90 19.55
O3 PIO BA . 8.04 -14.42 20.87
C4 PIO BA . 8.30 -16.42 19.56
O4 PIO BA . 7.17 -17.05 20.12
P4 PIO BA . 7.13 -17.38 21.74
C5 PIO BA . 8.54 -17.01 18.17
O5 PIO BA . 9.04 -18.32 18.31
P5 PIO BA . 8.30 -19.55 17.50
C6 PIO BA . 9.56 -16.21 17.33
O6 PIO BA . 9.49 -16.66 16.00
O11 PIO BA . 8.72 -13.28 14.84
O12 PIO BA . 11.12 -12.77 14.60
O13 PIO BA . 9.75 -11.43 16.34
C1A PIO BA . 9.62 -8.54 19.72
O1A PIO BA . 8.70 -8.67 20.45
C1B PIO BA . 9.59 -7.34 15.37
O1B PIO BA . 10.30 -8.05 14.77
C1C PIO BA . 10.79 -10.87 17.09
C2A PIO BA . 10.26 -7.16 19.58
C2B PIO BA . 9.13 -6.02 14.74
C2C PIO BA . 10.36 -9.52 17.65
O2C PIO BA . 10.09 -9.66 19.02
C3A PIO BA . 9.32 -6.11 20.16
C3B PIO BA . 10.34 -5.32 14.13
C3C PIO BA . 9.11 -9.07 16.89
O3C PIO BA . 9.17 -7.68 16.66
O41 PIO BA . 5.80 -18.00 22.09
O42 PIO BA . 8.24 -18.33 22.10
O43 PIO BA . 7.30 -16.09 22.52
C4A PIO BA . 8.23 -5.73 19.15
C4B PIO BA . 10.19 -5.25 12.61
O51 PIO BA . 6.87 -19.16 17.19
O52 PIO BA . 8.29 -20.78 18.37
O53 PIO BA . 9.04 -19.82 16.22
C5A PIO BA . 8.00 -4.23 19.19
C5B PIO BA . 11.39 -4.52 12.01
C6A PIO BA . 7.31 -3.84 20.50
C6B PIO BA . 12.14 -5.47 11.08
C7A PIO BA . 6.61 -2.49 20.33
C7B PIO BA . 11.46 -5.48 9.71
C8A PIO BA . 6.15 -1.99 21.69
C8B PIO BA . 11.78 -6.78 8.98
C1 PIO CA . -0.43 -15.13 16.22
O1 PIO CA . -1.68 -14.57 16.52
P1 PIO CA . -1.77 -12.95 16.83
C2 PIO CA . -0.35 -15.39 14.72
O2 PIO CA . -1.52 -16.08 14.31
C3 PIO CA . 0.88 -16.23 14.33
O3 PIO CA . 0.81 -16.55 12.96
C4 PIO CA . 0.95 -17.54 15.12
O4 PIO CA . 2.16 -18.19 14.83
P4 PIO CA . 2.14 -19.44 13.75
C5 PIO CA . 0.89 -17.31 16.64
O5 PIO CA . 0.73 -18.56 17.27
P5 PIO CA . 1.70 -18.96 18.53
C6 PIO CA . -0.29 -16.41 17.06
O6 PIO CA . -0.09 -16.04 18.41
O11 PIO CA . -0.38 -12.41 17.08
O12 PIO CA . -2.63 -12.71 18.05
O13 PIO CA . -2.46 -12.19 15.54
C1A PIO CA . -2.24 -11.97 10.80
O1A PIO CA . -3.29 -12.31 10.36
C1B PIO CA . -2.25 -8.58 13.83
O1B PIO CA . -1.07 -8.52 13.87
C1C PIO CA . -1.69 -11.97 14.40
C2A PIO CA . -1.33 -11.09 9.96
C2B PIO CA . -3.05 -7.32 13.47
C2C PIO CA . -2.59 -11.96 13.16
O2C PIO CA . -1.83 -12.39 12.07
C3A PIO CA . -1.95 -9.72 9.71
C3B PIO CA . -2.43 -6.66 12.25
C3C PIO CA . -3.14 -10.55 12.96
O3C PIO CA . -2.91 -9.78 14.09
O41 PIO CA . 1.56 -18.96 12.44
O42 PIO CA . 3.56 -19.92 13.52
O43 PIO CA . 1.31 -20.56 14.30
C4A PIO CA . -1.21 -9.07 8.53
C4B PIO CA . -2.21 -5.17 12.52
O51 PIO CA . 1.49 -17.98 19.66
O52 PIO CA . 3.15 -18.91 18.08
O53 PIO CA . 1.36 -20.35 18.99
C5A PIO CA . -0.77 -7.66 8.91
C5B PIO CA . -2.93 -4.34 11.46
C6A PIO CA . 0.24 -7.18 7.87
C6B PIO CA . -2.59 -2.87 11.63
C7A PIO CA . 0.99 -5.96 8.40
C7B PIO CA . -3.60 -2.22 12.57
C8A PIO CA . 2.21 -5.70 7.52
C8B PIO CA . -3.01 -0.92 13.13
C1 GOL DA . 0.31 -15.22 27.01
O1 GOL DA . 0.11 -14.55 25.78
C2 GOL DA . -0.26 -14.37 28.14
O2 GOL DA . -0.01 -15.04 29.37
C3 GOL DA . 0.42 -13.01 28.16
O3 GOL DA . 0.05 -12.30 29.30
C1 PIO EA . -1.05 -16.13 8.41
O1 PIO EA . 0.27 -16.38 8.04
P1 PIO EA . 1.14 -15.18 7.33
C2 PIO EA . -1.10 -15.76 9.89
O2 PIO EA . -0.40 -16.71 10.64
C3 PIO EA . -2.53 -15.67 10.43
O3 PIO EA . -2.50 -15.45 11.81
C4 PIO EA . -3.32 -16.97 10.15
O4 PIO EA . -4.65 -16.80 10.57
P4 PIO EA . -5.16 -17.60 11.92
C5 PIO EA . -3.29 -17.35 8.67
O5 PIO EA . -3.87 -18.63 8.55
P5 PIO EA . -4.72 -19.02 7.19
C6 PIO EA . -1.88 -17.38 8.08
O6 PIO EA . -1.97 -17.50 6.69
O11 PIO EA . 0.20 -14.29 6.55
O12 PIO EA . 2.17 -15.77 6.40
O13 PIO EA . 1.92 -14.30 8.49
C1A PIO EA . 3.49 -10.81 8.82
O1A PIO EA . 2.86 -10.57 7.85
C1B PIO EA . 2.53 -12.03 13.08
O1B PIO EA . 1.50 -12.43 13.48
C1C PIO EA . 1.32 -13.10 8.89
C2A PIO EA . 4.37 -9.73 9.42
C2B PIO EA . 3.15 -10.77 13.66
C2C PIO EA . 2.16 -12.40 9.94
O2C PIO EA . 3.42 -12.07 9.42
C3A PIO EA . 5.40 -9.28 8.37
C3B PIO EA . 2.88 -9.59 12.73
C3C PIO EA . 2.34 -13.33 11.15
O3C PIO EA . 3.20 -12.72 12.06
O41 PIO EA . -4.63 -16.89 13.15
O42 PIO EA . -4.63 -19.02 11.91
O43 PIO EA . -6.66 -17.62 11.96
C4A PIO EA . 5.52 -7.76 8.39
C4B PIO EA . 3.32 -8.29 13.39
O51 PIO EA . -5.94 -18.12 7.10
O52 PIO EA . -5.17 -20.45 7.29
O53 PIO EA . -3.86 -18.84 5.97
C5A PIO EA . 6.50 -7.36 9.50
C5B PIO EA . 2.16 -7.29 13.35
C6A PIO EA . 7.19 -6.06 9.12
C6B PIO EA . 1.91 -6.89 11.90
C7A PIO EA . 6.55 -4.88 9.88
C7B PIO EA . 2.36 -5.43 11.70
C8A PIO EA . 6.70 -5.11 11.39
C8B PIO EA . 1.41 -4.52 12.48
S SO4 FA . 10.16 -13.50 2.90
O1 SO4 FA . 10.19 -12.05 3.09
O2 SO4 FA . 9.79 -13.81 1.52
O3 SO4 FA . 11.49 -14.05 3.18
O4 SO4 FA . 9.19 -14.08 3.81
C1 PIO GA . -9.85 -10.88 7.34
O1 PIO GA . -10.60 -9.77 7.78
P1 PIO GA . -9.82 -8.35 8.10
C2 PIO GA . -9.78 -10.84 5.81
O2 PIO GA . -11.09 -10.79 5.30
C3 PIO GA . -9.07 -12.08 5.26
O3 PIO GA . -9.08 -12.03 3.86
C4 PIO GA . -9.76 -13.37 5.72
O4 PIO GA . -8.98 -14.46 5.32
P4 PIO GA . -9.58 -15.49 4.19
C5 PIO GA . -9.95 -13.44 7.24
O5 PIO GA . -10.85 -14.49 7.50
P5 PIO GA . -10.59 -15.47 8.80
C6 PIO GA . -10.53 -12.16 7.86
O6 PIO GA . -10.36 -12.21 9.25
O11 PIO GA . -8.64 -8.63 8.99
O12 PIO GA . -10.76 -7.41 8.80
O13 PIO GA . -9.31 -7.67 6.68
C1A PIO GA . -7.99 -3.83 5.91
O1A PIO GA . -9.10 -3.61 5.54
C1B PIO GA . -8.33 -5.51 2.08
O1B PIO GA . -7.92 -6.56 1.71
C1C PIO GA . -8.73 -6.40 6.72
C2A PIO GA . -7.35 -2.83 6.89
C2B PIO GA . -8.51 -4.37 1.08
C2C PIO GA . -7.83 -6.21 5.50
O2C PIO GA . -7.25 -4.93 5.46
C3A PIO GA . -6.94 -1.59 6.11
C3B PIO GA . -7.68 -3.16 1.53
C3C PIO GA . -8.63 -6.48 4.21
O3C PIO GA . -8.65 -5.31 3.42
O41 PIO GA . -11.09 -15.56 4.31
O42 PIO GA . -9.01 -16.87 4.40
O43 PIO GA . -9.21 -14.99 2.81
C4A PIO GA . -7.59 -0.35 6.71
C4B PIO GA . -6.28 -3.61 1.92
O51 PIO GA . -9.45 -16.43 8.49
O52 PIO GA . -11.84 -16.27 9.08
O53 PIO GA . -10.24 -14.65 10.00
C5A PIO GA . -7.66 0.75 5.66
C5B PIO GA . -5.25 -2.60 1.41
C6A PIO GA . -7.97 2.10 6.31
C6B PIO GA . -5.38 -1.29 2.19
C7A PIO GA . -9.41 2.12 6.82
C7B PIO GA . -4.02 -0.63 2.30
C8A PIO GA . -9.76 3.52 7.30
C8B PIO GA . -4.18 0.78 2.86
C1 PIO HA . -9.41 -9.66 -0.45
O1 PIO HA . -8.25 -10.40 -0.72
P1 PIO HA . -6.97 -9.63 -1.41
C2 PIO HA . -9.51 -9.46 1.08
O2 PIO HA . -9.37 -10.70 1.71
C3 PIO HA . -10.85 -8.84 1.46
O3 PIO HA . -10.94 -8.74 2.87
C4 PIO HA . -12.02 -9.68 0.95
O4 PIO HA . -13.23 -9.06 1.30
P4 PIO HA . -14.00 -9.57 2.67
C5 PIO HA . -11.96 -9.85 -0.56
O5 PIO HA . -12.95 -10.76 -0.96
P5 PIO HA . -14.05 -10.28 -2.11
C6 PIO HA . -10.60 -10.40 -1.04
O6 PIO HA . -10.55 -10.31 -2.45
O11 PIO HA . -7.47 -8.59 -2.39
O12 PIO HA . -6.10 -10.64 -2.14
O13 PIO HA . -6.07 -8.90 -0.24
C1A PIO HA . -3.66 -7.03 1.94
O1A PIO HA . -4.49 -6.24 2.21
C1B PIO HA . -4.12 -10.16 4.86
O1B PIO HA . -4.43 -10.78 5.82
C1C PIO HA . -5.75 -9.63 0.91
C2A PIO HA . -2.24 -6.55 1.61
C2B PIO HA . -2.93 -9.20 4.91
C2C PIO HA . -5.34 -8.65 2.01
O2C PIO HA . -3.97 -8.40 1.93
C3A PIO HA . -1.28 -7.74 1.52
C3B PIO HA . -3.30 -7.99 5.78
C3C PIO HA . -5.69 -9.24 3.38
O3C PIO HA . -4.83 -10.31 3.66
O41 PIO HA . -13.00 -10.14 3.64
O42 PIO HA . -15.02 -10.62 2.32
O43 PIO HA . -14.70 -8.39 3.33
C4A PIO HA . 0.07 -7.32 2.10
C4B PIO HA . -2.42 -6.81 5.38
O51 PIO HA . -13.99 -8.78 -2.27
O52 PIO HA . -13.71 -10.93 -3.42
O53 PIO HA . -15.43 -10.69 -1.67
C5A PIO HA . 1.21 -7.80 1.20
C5B PIO HA . -3.08 -5.51 5.85
C6A PIO HA . 1.00 -7.30 -0.22
C6B PIO HA . -2.26 -4.32 5.35
C7A PIO HA . 1.79 -8.17 -1.20
C7B PIO HA . -3.15 -3.09 5.25
C8A PIO HA . 1.42 -7.81 -2.63
C8B PIO HA . -3.39 -2.53 6.65
C1 PIO IA . -13.62 -1.00 -3.04
O1 PIO IA . -13.69 0.33 -2.58
P1 PIO IA . -12.62 0.82 -1.43
C2 PIO IA . -13.02 -1.01 -4.45
O2 PIO IA . -13.64 -0.01 -5.22
C3 PIO IA . -13.17 -2.36 -5.15
O3 PIO IA . -12.75 -2.22 -6.49
C4 PIO IA . -14.61 -2.86 -5.14
O4 PIO IA . -14.67 -4.15 -5.71
P4 PIO IA . -15.06 -4.30 -7.30
C5 PIO IA . -15.15 -2.93 -3.71
O5 PIO IA . -16.51 -3.31 -3.75
P5 PIO IA . -17.02 -4.55 -2.79
C6 PIO IA . -15.05 -1.58 -2.99
O6 PIO IA . -15.41 -1.75 -1.64
O11 PIO IA . -12.37 -0.29 -0.45
O12 PIO IA . -13.18 2.03 -0.70
O13 PIO IA . -11.21 1.25 -2.16
C1A PIO IA . -8.33 3.85 -3.13
O1A PIO IA . -7.53 3.00 -3.00
C1B PIO IA . -9.82 3.13 -7.24
O1B PIO IA . -10.35 3.26 -8.29
C1C PIO IA . -11.29 2.18 -3.21
C2A PIO IA . -8.09 5.23 -2.50
C2B PIO IA . -8.30 3.30 -7.11
C2C PIO IA . -9.92 2.29 -3.87
O2C PIO IA . -9.51 3.63 -3.86
C3A PIO IA . -6.69 5.27 -1.92
C3B PIO IA . -7.59 2.25 -7.96
C3C PIO IA . -10.02 1.80 -5.32
O3C PIO IA . -10.57 2.82 -6.11
O41 PIO IA . -15.04 -5.76 -7.68
O42 PIO IA . -14.07 -3.55 -8.14
O43 PIO IA . -16.44 -3.73 -7.53
C4A PIO IA . -6.06 6.63 -2.20
C4B PIO IA . -6.31 1.83 -7.27
O51 PIO IA . -17.16 -4.05 -1.36
O52 PIO IA . -16.01 -5.67 -2.83
O53 PIO IA . -18.35 -5.05 -3.29
C5A PIO IA . -5.77 7.35 -0.88
C5B PIO IA . -5.45 3.07 -6.99
C6A PIO IA . -4.59 8.30 -1.08
C6B PIO IA . -4.11 2.65 -6.39
C7A PIO IA . -3.75 8.34 0.19
C7B PIO IA . -3.46 1.61 -7.30
C8A PIO IA . -2.39 8.96 -0.12
C8B PIO IA . -2.78 0.54 -6.43
S SO4 JA . -12.17 9.20 4.22
O1 SO4 JA . -13.58 9.10 4.57
O2 SO4 JA . -12.02 9.13 2.76
O3 SO4 JA . -11.65 10.49 4.69
O4 SO4 JA . -11.42 8.12 4.84
C1 PIO KA . -12.38 0.26 -10.71
O1 PIO KA . -11.74 -0.98 -10.90
P1 PIO KA . -10.17 -1.02 -11.39
C2 PIO KA . -12.78 0.40 -9.23
O2 PIO KA . -13.55 -0.73 -8.87
C3 PIO KA . -13.62 1.65 -8.98
O3 PIO KA . -13.99 1.70 -7.63
C4 PIO KA . -14.87 1.63 -9.86
O4 PIO KA . -15.62 2.80 -9.62
P4 PIO KA . -16.88 2.71 -8.55
C5 PIO KA . -14.51 1.55 -11.35
O5 PIO KA . -15.70 1.40 -12.10
P5 PIO KA . -16.07 2.56 -13.21
C6 PIO KA . -13.59 0.36 -11.66
O6 PIO KA . -13.11 0.49 -12.98
O11 PIO KA . -9.82 0.30 -12.04
O12 PIO KA . -9.97 -2.12 -12.38
O13 PIO KA . -9.16 -1.28 -10.10
C1A PIO KA . -6.46 -2.54 -7.91
O1A PIO KA . -5.87 -1.52 -7.85
C1B PIO KA . -8.96 -2.24 -4.23
O1B PIO KA . -9.96 -2.86 -4.06
C1C PIO KA . -9.64 -1.11 -8.80
C2A PIO KA . -5.79 -3.85 -7.52
C2B PIO KA . -8.30 -1.49 -3.08
C2C PIO KA . -8.59 -1.56 -7.80
O2C PIO KA . -7.79 -2.55 -8.36
C3A PIO KA . -4.30 -3.78 -7.85
C3B PIO KA . -7.11 -0.71 -3.60
C3C PIO KA . -9.29 -2.10 -6.55
O3C PIO KA . -8.37 -2.21 -5.50
O41 PIO KA . -18.01 1.94 -9.17
O42 PIO KA . -17.35 4.11 -8.20
O43 PIO KA . -16.43 2.01 -7.29
C4A PIO KA . -3.56 -4.93 -7.17
C4B PIO KA . -5.87 -1.62 -3.61
O51 PIO KA . -15.90 3.93 -12.59
O52 PIO KA . -17.50 2.37 -13.65
O53 PIO KA . -15.16 2.42 -14.40
C5A PIO KA . -2.32 -5.31 -7.99
C5B PIO KA . -4.97 -1.25 -2.43
C6A PIO KA . -2.32 -6.82 -8.23
C6B PIO KA . -3.89 -0.28 -2.90
C7A PIO KA . -0.89 -7.35 -8.07
C7B PIO KA . -4.12 1.08 -2.24
C8A PIO KA . -0.40 -7.07 -6.64
C8B PIO KA . -3.04 2.06 -2.70
C1 PIO LA . -11.69 10.17 -10.46
O1 PIO LA . -11.21 11.28 -9.73
P1 PIO LA . -9.88 11.08 -8.78
C2 PIO LA . -11.07 10.20 -11.86
O2 PIO LA . -11.28 11.46 -12.44
C3 PIO LA . -11.68 9.13 -12.78
O3 PIO LA . -11.12 9.24 -14.06
C4 PIO LA . -13.21 9.31 -12.88
O4 PIO LA . -13.74 8.27 -13.66
P4 PIO LA . -13.98 8.52 -15.27
C5 PIO LA . -13.88 9.30 -11.50
O5 PIO LA . -15.23 9.68 -11.68
P5 PIO LA . -16.39 8.94 -10.78
C6 PIO LA . -13.24 10.26 -10.51
O6 PIO LA . -13.73 9.97 -9.22
O11 PIO LA . -9.78 9.65 -8.32
O12 PIO LA . -9.96 11.98 -7.57
O13 PIO LA . -8.53 11.48 -9.64
C1A PIO LA . -4.57 11.65 -9.16
O1A PIO LA . -4.71 12.80 -9.43
C1B PIO LA . -4.98 11.29 -13.08
O1B PIO LA . -4.61 12.41 -13.17
C1C PIO LA . -7.29 11.06 -9.16
C2A PIO LA . -3.84 11.27 -7.88
C2B PIO LA . -4.02 10.14 -13.39
C2C PIO LA . -6.41 10.67 -10.35
O2C PIO LA . -5.04 10.66 -10.02
C3A PIO LA . -2.65 12.21 -7.67
C3B PIO LA . -2.69 10.37 -12.68
C3C PIO LA . -6.66 11.64 -11.51
O3C PIO LA . -6.29 11.02 -12.70
O41 PIO LA . -14.85 9.75 -15.47
O42 PIO LA . -14.65 7.33 -15.88
O43 PIO LA . -12.64 8.75 -15.94
C4A PIO LA . -1.58 11.51 -6.82
C4B PIO LA . -1.85 9.11 -12.77
O51 PIO LA . -16.24 9.35 -9.33
O52 PIO LA . -16.23 7.43 -10.90
O53 PIO LA . -17.75 9.35 -11.28
C5A PIO LA . -0.96 12.50 -5.83
C5B PIO LA . -0.39 9.47 -13.08
C6A PIO LA . 0.38 13.00 -6.37
C6B PIO LA . 0.28 10.03 -11.83
C7A PIO LA . 0.35 14.53 -6.51
C7B PIO LA . 1.54 9.23 -11.53
C8A PIO LA . 0.59 15.17 -5.15
C8B PIO LA . 2.53 10.10 -10.76
C1 GOL MA . -6.35 15.40 -0.53
O1 GOL MA . -5.58 14.22 -0.60
C2 GOL MA . -5.90 16.36 -1.62
O2 GOL MA . -7.02 16.96 -2.22
C3 GOL MA . -5.01 17.44 -1.02
O3 GOL MA . -4.56 18.32 -2.04
C1 PIO NA . -8.23 11.30 -17.58
O1 PIO NA . -8.46 10.02 -18.11
P1 PIO NA . -7.17 9.00 -18.36
C2 PIO NA . -8.62 11.29 -16.09
O2 PIO NA . -9.88 10.67 -15.95
C3 PIO NA . -8.69 12.71 -15.50
O3 PIO NA . -9.17 12.63 -14.18
C4 PIO NA . -9.63 13.60 -16.31
O4 PIO NA . -9.60 14.90 -15.77
P4 PIO NA . -10.75 15.34 -14.68
C5 PIO NA . -9.17 13.68 -17.77
O5 PIO NA . -10.14 14.42 -18.49
P5 PIO NA . -9.62 15.63 -19.47
C6 PIO NA . -9.03 12.30 -18.43
O6 PIO NA . -8.39 12.46 -19.67
O11 PIO NA . -6.00 9.79 -18.89
O12 PIO NA . -7.56 7.92 -19.33
O13 PIO NA . -6.75 8.31 -16.92
C1A PIO NA . -5.43 6.06 -14.29
O1A PIO NA . -4.86 7.02 -13.90
C1B PIO NA . -8.25 6.42 -11.70
O1B PIO NA . -8.89 7.08 -10.95
C1C PIO NA . -7.78 7.78 -16.14
C2A PIO NA . -4.72 4.71 -14.32
C2B PIO NA . -7.09 5.57 -11.18
C2C PIO NA . -7.22 7.48 -14.75
O2C PIO NA . -6.75 6.17 -14.72
C3A PIO NA . -3.22 4.92 -14.26
C3B PIO NA . -6.08 6.48 -10.49
C3C PIO NA . -8.30 7.66 -13.69
O3C PIO NA . -8.54 6.43 -13.07
O41 PIO NA . -10.71 14.41 -13.50
O42 PIO NA . -12.12 15.29 -15.33
O43 PIO NA . -10.48 16.75 -14.21
C4A PIO NA . -2.55 3.70 -13.65
C4B PIO NA . -5.08 5.62 -9.71
O51 PIO NA . -9.44 16.90 -18.65
O52 PIO NA . -10.66 15.86 -20.53
O53 PIO NA . -8.31 15.26 -20.11
C5A PIO NA . -2.25 2.70 -14.76
C5B PIO NA . -3.68 6.22 -9.89
C6A PIO NA . -1.29 1.63 -14.24
C6B PIO NA . -3.65 7.63 -9.30
C7A PIO NA . 0.13 2.18 -14.21
C7B PIO NA . -3.92 7.57 -7.80
C8A PIO NA . 1.05 1.17 -13.52
C8B PIO NA . -2.60 7.42 -7.04
C1 PIO OA . -1.92 18.61 -16.54
O1 PIO OA . -0.94 19.02 -15.62
P1 PIO OA . -0.55 18.02 -14.36
C2 PIO OA . -1.24 18.31 -17.89
O2 PIO OA . -0.49 19.44 -18.27
C3 PIO OA . -2.26 18.01 -18.99
O3 PIO OA . -1.59 17.88 -20.22
C4 PIO OA . -3.32 19.11 -19.12
O4 PIO OA . -4.31 18.68 -20.02
P4 PIO OA . -4.26 19.26 -21.56
C5 PIO OA . -4.00 19.43 -17.78
O5 PIO OA . -4.78 20.59 -17.97
P5 PIO OA . -6.25 20.68 -17.23
C6 PIO OA . -2.98 19.71 -16.66
O6 PIO OA . -3.68 19.79 -15.44
O11 PIO OA . -1.78 17.27 -13.93
O12 PIO OA . -0.05 18.86 -13.20
O13 PIO OA . 0.61 16.96 -14.82
C1A PIO OA . 3.77 15.18 -17.51
O1A PIO OA . 4.06 15.84 -18.44
C1B PIO OA . 4.17 14.08 -13.34
O1B PIO OA . 3.34 13.23 -13.40
C1C PIO OA . 1.59 17.38 -15.74
C2A PIO OA . 4.65 14.00 -17.10
C2B PIO OA . 5.32 13.97 -12.33
C2C PIO OA . 2.77 16.39 -15.75
O2C PIO OA . 2.60 15.46 -16.79
C3A PIO OA . 5.11 13.23 -18.34
C3B PIO OA . 5.14 12.71 -11.49
C3C PIO OA . 2.81 15.65 -14.41
O3C PIO OA . 4.11 15.18 -14.20
O41 PIO OA . -2.91 18.97 -22.18
O42 PIO OA . -5.34 18.60 -22.38
O43 PIO OA . -4.49 20.76 -21.54
C4A PIO OA . 6.01 12.07 -17.91
C4B PIO OA . 4.56 13.11 -10.13
O51 PIO OA . -7.27 19.90 -18.04
O52 PIO OA . -6.68 22.12 -17.15
O53 PIO OA . -6.17 20.11 -15.84
C5A PIO OA . 6.13 11.05 -19.05
C5B PIO OA . 5.68 13.20 -9.10
C6A PIO OA . 7.14 9.98 -18.68
C6B PIO OA . 5.35 14.30 -8.09
C7A PIO OA . 7.97 9.59 -19.90
C7B PIO OA . 5.98 15.61 -8.57
C8A PIO OA . 7.04 9.04 -20.98
C8B PIO OA . 7.49 15.44 -8.70
C1 PIO PA . 2.64 18.07 -22.55
O1 PIO PA . 1.90 17.26 -23.43
P1 PIO PA . 2.07 15.62 -23.36
C2 PIO PA . 1.87 18.22 -21.23
O2 PIO PA . 0.58 18.71 -21.51
C3 PIO PA . 2.58 19.18 -20.28
O3 PIO PA . 1.80 19.32 -19.12
C4 PIO PA . 2.77 20.57 -20.91
O4 PIO PA . 3.58 21.32 -20.05
P4 PIO PA . 3.12 22.86 -19.68
C5 PIO PA . 3.42 20.52 -22.30
O5 PIO PA . 3.17 21.76 -22.92
P5 PIO PA . 4.40 22.50 -23.73
C6 PIO PA . 2.88 19.42 -23.23
O6 PIO PA . 3.81 19.24 -24.27
O11 PIO PA . 1.03 14.99 -24.26
O12 PIO PA . 3.45 15.24 -23.84
O13 PIO PA . 1.86 15.09 -21.81
C1A PIO PA . -0.40 13.82 -18.09
O1A PIO PA . -1.38 14.41 -17.77
C1B PIO PA . 1.21 11.13 -21.28
O1B PIO PA . 0.24 10.98 -21.93
C1C PIO PA . 0.56 14.83 -21.34
C2A PIO PA . -0.15 12.42 -17.56
C2B PIO PA . 1.64 10.06 -20.28
C2C PIO PA . 0.64 13.81 -20.21
O2C PIO PA . 0.51 14.44 -18.97
C3A PIO PA . 1.17 12.38 -16.80
C3B PIO PA . 1.01 8.73 -20.66
C3C PIO PA . 1.98 13.09 -20.28
O3C PIO PA . 1.98 12.28 -21.43
O41 PIO PA . 2.63 22.90 -18.25
O42 PIO PA . 4.30 23.79 -19.83
O43 PIO PA . 2.01 23.30 -20.60
C4A PIO PA . 1.30 11.07 -16.02
C4B PIO PA . 2.09 7.79 -21.15
O51 PIO PA . 4.22 24.00 -23.62
O52 PIO PA . 4.36 22.10 -25.18
O53 PIO PA . 5.71 22.10 -23.13
C5A PIO PA . 2.48 10.27 -16.54
C5B PIO PA . 2.04 6.50 -20.33
C6A PIO PA . 3.07 9.43 -15.41
C6B PIO PA . 2.56 6.78 -18.92
C7A PIO PA . 4.59 9.42 -15.53
C7B PIO PA . 1.48 6.42 -17.90
C8A PIO PA . 5.09 7.98 -15.44
C8B PIO PA . 2.14 6.05 -16.57
C1 PIO QA . -0.58 -5.74 -28.37
O1 PIO QA . 0.19 -4.65 -28.81
P1 PIO QA . -0.17 -3.15 -28.24
C2 PIO QA . 0.06 -6.34 -27.11
O2 PIO QA . 1.41 -6.67 -27.40
C3 PIO QA . -0.67 -7.60 -26.65
O3 PIO QA . 0.05 -8.18 -25.58
C4 PIO QA . -0.81 -8.65 -27.77
O4 PIO QA . -1.70 -9.63 -27.32
P4 PIO QA . -1.35 -11.21 -27.63
C5 PIO QA . -1.33 -8.09 -29.10
O5 PIO QA . -1.08 -9.04 -30.09
P5 PIO QA . -2.14 -9.20 -31.35
C6 PIO QA . -0.65 -6.76 -29.52
O6 PIO QA . -1.39 -6.19 -30.57
O11 PIO QA . -1.63 -2.87 -28.46
O12 PIO QA . 0.66 -2.13 -28.99
O13 PIO QA . 0.18 -3.07 -26.63
C1A PIO QA . 2.16 -4.02 -22.77
O1A PIO QA . 3.34 -3.99 -22.76
C1B PIO QA . 0.29 0.37 -23.62
O1B PIO QA . -0.86 0.15 -23.43
C1C PIO QA . 1.51 -3.18 -26.22
C2A PIO QA . 1.40 -4.05 -21.44
C2B PIO QA . 0.80 1.81 -23.61
C2C PIO QA . 1.63 -2.86 -24.74
O2C PIO QA . 1.46 -4.03 -23.98
C3A PIO QA . 1.44 -2.67 -20.80
C3B PIO QA . 1.05 2.23 -22.17
C3C PIO QA . 0.56 -1.84 -24.34
O3C PIO QA . 1.18 -0.69 -23.85
O41 PIO QA . -2.28 -11.73 -28.70
O42 PIO QA . 0.08 -11.33 -28.09
O43 PIO QA . -1.54 -12.02 -26.36
C4A PIO QA . 0.65 -2.68 -19.50
C4B PIO QA . -0.23 2.80 -21.58
O51 PIO QA . -1.59 -10.20 -32.33
O52 PIO QA . -2.33 -7.87 -32.04
O53 PIO QA . -3.48 -9.69 -30.83
C5A PIO QA . -0.65 -1.88 -19.68
C5B PIO QA . -0.61 2.04 -20.31
C6A PIO QA . -1.01 -1.17 -18.39
C6B PIO QA . -1.17 3.03 -19.28
C7A PIO QA . -2.39 -1.61 -17.92
C7B PIO QA . -0.47 2.84 -17.94
C8A PIO QA . -3.04 -0.50 -17.09
C8B PIO QA . 1.04 2.83 -18.12
C1 GOL RA . 4.15 -27.49 -38.93
O1 GOL RA . 5.24 -28.15 -39.55
C2 GOL RA . 4.52 -27.10 -37.51
O2 GOL RA . 4.52 -25.70 -37.39
C3 GOL RA . 5.91 -27.64 -37.16
O3 GOL RA . 6.23 -27.30 -35.83
C1 GOL SA . -1.83 1.84 -48.22
O1 GOL SA . -3.18 2.26 -48.25
C2 GOL SA . -1.59 0.83 -49.34
O2 GOL SA . -0.23 0.84 -49.71
C3 GOL SA . -2.46 1.18 -50.54
O3 GOL SA . -2.90 -0.01 -51.17
C1 PIO TA . 3.61 -9.22 -22.68
O1 PIO TA . 2.56 -9.97 -22.13
P1 PIO TA . 1.99 -9.57 -20.63
C2 PIO TA . 3.04 -8.32 -23.78
O2 PIO TA . 2.26 -9.11 -24.66
C3 PIO TA . 4.13 -7.60 -24.58
O3 PIO TA . 3.54 -6.90 -25.64
C4 PIO TA . 5.16 -8.58 -25.16
O4 PIO TA . 6.21 -7.86 -25.74
P4 PIO TA . 6.17 -7.57 -27.36
C5 PIO TA . 5.74 -9.49 -24.06
O5 PIO TA . 6.56 -10.46 -24.68
P5 PIO TA . 8.00 -10.86 -23.97
C6 PIO TA . 4.66 -10.20 -23.23
O6 PIO TA . 5.28 -10.86 -22.15
O11 PIO TA . 3.14 -9.13 -19.76
O12 PIO TA . 1.35 -10.80 -20.01
O13 PIO TA . 0.86 -8.37 -20.73
C1A PIO TA . -2.21 -6.05 -22.89
O1A PIO TA . -1.29 -5.38 -23.22
C1B PIO TA . -2.46 -5.91 -18.57
O1B PIO TA . -1.56 -5.20 -18.27
C1C PIO TA . 0.04 -8.31 -21.86
C2A PIO TA . -3.60 -5.42 -22.79
C2B PIO TA . -3.57 -6.19 -17.57
C2C PIO TA . -1.36 -7.81 -21.48
O2C PIO TA . -2.05 -7.42 -22.64
C3A PIO TA . -3.47 -3.90 -22.69
C3B PIO TA . -3.08 -5.91 -16.15
C3C PIO TA . -1.25 -6.69 -20.44
O3C PIO TA . -2.50 -6.51 -19.84
O41 PIO TA . 6.37 -8.87 -28.10
O42 PIO TA . 4.84 -6.97 -27.74
O43 PIO TA . 7.28 -6.61 -27.73
C4A PIO TA . -3.71 -3.47 -21.24
C4B PIO TA . -4.05 -6.53 -15.15
O51 PIO TA . 7.74 -11.55 -22.66
O52 PIO TA . 8.80 -9.61 -23.73
O53 PIO TA . 8.77 -11.78 -24.89
C5A PIO TA . -4.01 -1.97 -21.18
C5B PIO TA . -4.13 -8.03 -15.36
C6A PIO TA . -5.19 -1.62 -22.06
C6B PIO TA . -4.93 -8.67 -14.23
C7A PIO TA . -5.26 -0.10 -22.23
C7B PIO TA . -4.09 -8.67 -12.95
C8A PIO TA . -6.31 0.25 -23.29
C8B PIO TA . -3.24 -9.93 -12.89
C1 PIO UA . 9.74 -2.11 -20.26
O1 PIO UA . 9.95 -0.73 -20.06
P1 PIO UA . 8.66 0.29 -20.03
C2 PIO UA . 10.13 -2.85 -18.98
O2 PIO UA . 11.41 -2.42 -18.59
C3 PIO UA . 10.15 -4.36 -19.16
O3 PIO UA . 10.61 -4.96 -17.98
C4 PIO UA . 11.08 -4.77 -20.32
O4 PIO UA . 10.99 -6.16 -20.50
P4 PIO UA . 12.09 -7.14 -19.76
C5 PIO UA . 10.69 -4.08 -21.63
O5 PIO UA . 11.69 -4.35 -22.58
P5 PIO UA . 11.24 -4.95 -24.05
C6 PIO UA . 10.55 -2.55 -21.48
O6 PIO UA . 9.93 -2.05 -22.64
O11 PIO UA . 7.46 -0.39 -20.65
O12 PIO UA . 8.97 1.54 -20.81
O13 PIO UA . 8.32 0.75 -18.47
C1A PIO UA . 6.17 2.28 -15.64
O1A PIO UA . 6.65 3.25 -15.16
C1B PIO UA . 8.97 -0.57 -13.43
O1B PIO UA . 9.80 -0.23 -12.66
C1C PIO UA . 8.09 -0.24 -17.51
C2A PIO UA . 4.81 1.79 -15.14
C2B PIO UA . 7.66 -1.18 -12.93
C2C PIO UA . 7.49 0.43 -16.27
O2C PIO UA . 6.83 1.60 -16.67
C3A PIO UA . 4.02 2.98 -14.61
C3B PIO UA . 6.75 -0.10 -12.34
C3C PIO UA . 8.62 0.77 -15.31
O3C PIO UA . 9.16 -0.42 -14.80
O41 PIO UA . 12.26 -6.71 -18.32
O42 PIO UA . 13.41 -7.05 -20.48
O43 PIO UA . 11.60 -8.57 -19.80
C4A PIO UA . 4.14 3.05 -13.09
C4B PIO UA . 5.92 -0.70 -11.21
O51 PIO UA . 12.48 -5.20 -24.87
O52 PIO UA . 10.38 -3.93 -24.75
O53 PIO UA . 10.48 -6.23 -23.87
C5A PIO UA . 3.45 4.31 -12.58
C5B PIO UA . 4.44 -0.48 -11.45
C6A PIO UA . 2.43 3.94 -11.51
C6B PIO UA . 3.69 -1.79 -11.20
C7A PIO UA . 1.47 5.12 -11.30
C7B PIO UA . 2.75 -1.62 -10.00
C8A PIO UA . 0.88 5.58 -12.62
C8B PIO UA . 3.40 -2.27 -8.77
C1 PIO VA . 12.21 -4.41 -13.34
O1 PIO VA . 11.66 -5.69 -13.30
P1 PIO VA . 10.33 -5.95 -12.36
C2 PIO VA . 11.69 -3.65 -14.58
O2 PIO VA . 11.89 -4.45 -15.71
C3 PIO VA . 12.40 -2.31 -14.78
O3 PIO VA . 11.96 -1.74 -15.99
C4 PIO VA . 13.92 -2.48 -14.85
O4 PIO VA . 14.51 -1.21 -14.93
P4 PIO VA . 15.12 -0.73 -16.39
C5 PIO VA . 14.47 -3.21 -13.61
O5 PIO VA . 15.83 -3.48 -13.81
P5 PIO VA . 16.85 -3.35 -12.53
C6 PIO VA . 13.74 -4.54 -13.35
O6 PIO VA . 14.14 -5.03 -12.10
O11 PIO VA . 10.27 -4.90 -11.28
O12 PIO VA . 10.40 -7.32 -11.73
O13 PIO VA . 8.98 -5.88 -13.30
C1A PIO VA . 5.01 -6.22 -12.93
O1A PIO VA . 4.70 -7.22 -13.49
C1B PIO VA . 6.53 -4.28 -17.12
O1B PIO VA . 6.42 -5.04 -18.01
C1C PIO VA . 8.30 -4.66 -13.40
C2A PIO VA . 3.92 -5.32 -12.36
C2B PIO VA . 5.77 -2.95 -17.18
C2C PIO VA . 6.83 -4.93 -13.70
O2C PIO VA . 6.35 -5.88 -12.78
C3A PIO VA . 3.03 -6.12 -11.41
C3B PIO VA . 4.27 -3.21 -17.23
C3C PIO VA . 6.71 -5.48 -15.12
O3C PIO VA . 7.31 -4.58 -16.01
O41 PIO VA . 14.02 -0.77 -17.43
O42 PIO VA . 16.24 -1.65 -16.80
O43 PIO VA . 15.64 0.69 -16.26
C4A PIO VA . 1.88 -6.75 -12.19
C4B PIO VA . 3.75 -3.50 -15.83
O51 PIO VA . 18.22 -3.00 -13.04
O52 PIO VA . 16.90 -4.67 -11.79
O53 PIO VA . 16.34 -2.27 -11.61
C5A PIO VA . 0.83 -7.30 -11.23
C5B PIO VA . 3.29 -2.19 -15.18
C6A PIO VA . 0.19 -8.55 -11.83
C6B PIO VA . 1.98 -2.41 -14.44
C7A PIO VA . 0.95 -9.79 -11.35
C7B PIO VA . 0.82 -2.01 -15.33
C8A PIO VA . -0.03 -10.93 -11.10
C8B PIO VA . -0.49 -2.07 -14.54
C1 GOL WA . 6.63 -13.84 -7.25
O1 GOL WA . 6.07 -13.13 -6.16
C2 GOL WA . 5.86 -13.49 -8.53
O2 GOL WA . 4.59 -12.97 -8.19
C3 GOL WA . 5.69 -14.73 -9.38
O3 GOL WA . 5.00 -14.39 -10.57
C1 PIO XA . 12.93 4.73 -9.22
O1 PIO XA . 12.36 6.00 -9.06
P1 PIO XA . 10.72 6.15 -9.02
C2 PIO XA . 13.16 4.11 -7.83
O2 PIO XA . 13.90 5.01 -7.05
C3 PIO XA . 13.92 2.78 -7.92
O3 PIO XA . 14.17 2.31 -6.62
C4 PIO XA . 15.25 2.94 -8.67
O4 PIO XA . 15.85 1.68 -8.82
P4 PIO XA . 17.03 1.24 -7.75
C5 PIO XA . 15.06 3.57 -10.06
O5 PIO XA . 16.33 3.88 -10.58
P5 PIO XA . 16.74 3.28 -12.05
C6 PIO XA . 14.23 4.87 -10.02
O6 PIO XA . 13.92 5.25 -11.34
O11 PIO XA . 10.11 5.20 -10.02
O12 PIO XA . 10.35 7.57 -9.38
O13 PIO XA . 10.17 5.81 -7.50
C1A PIO XA . 6.68 6.37 -5.94
O1A PIO XA . 6.66 7.00 -4.94
C1B PIO XA . 8.71 4.94 -2.92
O1B PIO XA . 9.48 4.27 -2.33
C1C PIO XA . 9.60 4.55 -7.25
C2A PIO XA . 5.38 5.88 -6.57
C2B PIO XA . 7.50 5.53 -2.20
C2C PIO XA . 8.25 4.73 -6.56
O2C PIO XA . 7.91 6.09 -6.55
C3A PIO XA . 4.21 6.23 -5.64
C3B PIO XA . 7.06 4.57 -1.09
C3C PIO XA . 8.35 4.20 -5.12
O3C PIO XA . 8.89 5.18 -4.28
O41 PIO XA . 16.52 1.41 -6.34
O42 PIO XA . 18.25 2.11 -7.96
O43 PIO XA . 17.40 -0.20 -7.98
C4A PIO XA . 3.71 7.65 -5.95
C4B PIO XA . 6.16 3.49 -1.68
O51 PIO XA . 16.24 1.87 -12.17
O52 PIO XA . 18.25 3.31 -12.19
O53 PIO XA . 16.12 4.13 -13.13
C5A PIO XA . 3.75 8.50 -4.69
C5B PIO XA . 4.71 3.80 -1.38
C6A PIO XA . 2.54 9.42 -4.65
C6B PIO XA . 3.85 2.54 -1.54
C7A PIO XA . 1.84 9.30 -3.28
C7B PIO XA . 2.84 2.74 -2.65
C8A PIO XA . 0.61 10.18 -3.26
C8B PIO XA . 1.86 3.85 -2.25
C1 GOL YA . 10.81 7.58 -18.97
O1 GOL YA . 12.21 7.48 -18.82
C2 GOL YA . 10.47 8.53 -20.12
O2 GOL YA . 9.31 9.28 -19.83
C3 GOL YA . 11.65 9.44 -20.44
O3 GOL YA . 12.20 9.08 -21.69
C1 PIO ZA . 13.16 2.43 -1.52
O1 PIO ZA . 13.13 1.02 -1.67
P1 PIO ZA . 11.91 0.17 -0.96
C2 PIO ZA . 12.75 3.08 -2.85
O2 PIO ZA . 13.54 2.53 -3.88
C3 PIO ZA . 12.93 4.60 -2.83
O3 PIO ZA . 12.62 5.12 -4.09
C4 PIO ZA . 14.38 4.99 -2.47
O4 PIO ZA . 14.48 6.38 -2.38
P4 PIO ZA . 14.99 7.23 -3.71
C5 PIO ZA . 14.79 4.37 -1.12
O5 PIO ZA . 16.17 4.62 -0.92
P5 PIO ZA . 16.63 5.39 0.47
C6 PIO ZA . 14.57 2.84 -1.08
O6 PIO ZA . 14.78 2.40 0.24
O11 PIO ZA . 11.42 0.90 0.27
O12 PIO ZA . 12.41 -1.20 -0.57
O13 PIO ZA . 10.67 -0.05 -2.02
C1A PIO ZA . 7.03 -0.02 -3.88
O1A PIO ZA . 6.67 1.10 -3.85
C1B PIO ZA . 9.94 0.03 -6.96
O1B PIO ZA . 10.58 1.00 -7.22
C1C PIO ZA . 9.82 1.02 -2.33
C2A PIO ZA . 6.04 -1.14 -4.17
C2B PIO ZA . 9.16 -0.68 -8.04
C2C PIO ZA . 9.22 0.78 -3.70
O2C PIO ZA . 8.37 -0.33 -3.64
C3A PIO ZA . 6.52 -2.42 -3.48
C3B PIO ZA . 8.03 0.23 -8.50
C3C PIO ZA . 10.35 0.49 -4.70
O3C PIO ZA . 9.90 -0.44 -5.63
O41 PIO ZA . 16.49 7.16 -3.82
O42 PIO ZA . 14.56 8.67 -3.58
O43 PIO ZA . 14.38 6.63 -4.96
C4A PIO ZA . 5.33 -3.10 -2.79
C4B PIO ZA . 7.06 0.42 -7.33
O51 PIO ZA . 15.69 6.56 0.72
O52 PIO ZA . 18.04 5.90 0.31
O53 PIO ZA . 16.57 4.42 1.62
C5A PIO ZA . 5.21 -4.53 -3.29
C5B PIO ZA . 5.91 1.32 -7.76
C6A PIO ZA . 4.86 -4.53 -4.77
C6B PIO ZA . 4.69 1.04 -6.87
C7A PIO ZA . 3.96 -5.72 -5.09
C7B PIO ZA . 3.83 2.29 -6.77
C8A PIO ZA . 3.03 -5.36 -6.24
C8B PIO ZA . 2.46 1.92 -6.21
S SO4 AB . 9.83 -8.84 0.95
O1 SO4 AB . 8.87 -9.84 0.46
O2 SO4 AB . 10.95 -8.74 0.03
O3 SO4 AB . 10.32 -9.27 2.26
O4 SO4 AB . 9.16 -7.55 1.07
C1 PIO BB . 9.05 9.27 4.63
O1 PIO BB . 7.96 10.16 4.52
P1 PIO BB . 6.79 9.88 3.40
C2 PIO BB . 8.88 8.41 5.89
O2 PIO BB . 8.66 9.27 6.99
C3 PIO BB . 10.10 7.54 6.18
O3 PIO BB . 9.94 6.91 7.42
C4 PIO BB . 11.40 8.37 6.22
O4 PIO BB . 12.50 7.51 6.35
P4 PIO BB . 13.18 7.32 7.84
C5 PIO BB . 11.57 9.20 4.95
O5 PIO BB . 12.69 10.04 5.10
P5 PIO BB . 13.74 10.17 3.84
C6 PIO BB . 10.35 10.09 4.66
O6 PIO BB . 10.52 10.72 3.41
O11 PIO BB . 7.39 9.21 2.18
O12 PIO BB . 6.11 11.16 3.00
O13 PIO BB . 5.64 8.90 4.05
C1A PIO BB . 3.31 6.58 5.16
O1A PIO BB . 3.04 5.46 5.44
C1B PIO BB . 3.84 7.59 9.43
O1B PIO BB . 2.95 8.03 10.08
C1C PIO BB . 5.01 9.37 5.21
C2A PIO BB . 2.21 7.44 4.52
C2B PIO BB . 4.27 6.14 9.61
C2C PIO BB . 4.88 8.18 6.17
O2C PIO BB . 4.61 7.02 5.40
C3A PIO BB . 0.93 7.33 5.36
C3B PIO BB . 3.65 5.26 8.54
C3C PIO BB . 3.86 8.49 7.26
O3C PIO BB . 4.50 8.41 8.50
O41 PIO BB . 12.15 6.75 8.80
O42 PIO BB . 13.65 8.66 8.36
O43 PIO BB . 14.37 6.39 7.75
C4A PIO BB . -0.22 6.92 4.46
C4B PIO BB . 2.59 4.34 9.18
O51 PIO BB . 14.36 8.82 3.56
O52 PIO BB . 14.83 11.16 4.20
O53 PIO BB . 13.02 10.65 2.61
C5A PIO BB . 0.01 5.50 3.94
C5B PIO BB . 1.57 3.90 8.14
C6A PIO BB . -1.05 5.17 2.88
C6B PIO BB . 2.24 2.99 7.12
C7A PIO BB . -0.59 5.71 1.53
C7B PIO BB . 1.48 1.66 7.04
C8A PIO BB . -1.59 5.30 0.45
C8B PIO BB . 2.40 0.55 7.54
C1 GOL CB . -0.56 14.19 0.16
O1 GOL CB . -0.51 14.50 -1.22
C2 GOL CB . -1.46 15.19 0.87
O2 GOL CB . -1.01 15.41 2.19
C3 GOL CB . -1.48 16.51 0.11
O3 GOL CB . -2.28 17.45 0.82
C1 PIO DB . 8.84 6.67 12.25
O1 PIO DB . 9.53 5.44 12.17
P1 PIO DB . 8.66 4.08 11.87
C2 PIO DB . 8.84 7.31 10.85
O2 PIO DB . 10.15 7.38 10.38
C3 PIO DB . 8.23 8.73 10.89
O3 PIO DB . 8.38 9.32 9.63
C4 PIO DB . 8.93 9.62 11.92
O4 PIO DB . 8.24 10.84 12.01
P4 PIO DB . 8.89 12.17 11.29
C5 PIO DB . 8.97 8.98 13.32
O5 PIO DB . 9.78 9.77 14.14
P5 PIO DB . 9.31 10.02 15.71
C6 PIO DB . 9.53 7.55 13.30
O6 PIO DB . 9.33 6.97 14.57
O11 PIO DB . 7.32 4.16 12.57
O12 PIO DB . 9.42 2.86 12.36
O13 PIO DB . 8.42 3.93 10.25
C1A PIO DB . 6.81 1.24 7.64
O1A PIO DB . 5.64 1.26 7.80
C1B PIO DB . 7.26 3.96 5.22
O1B PIO DB . 6.68 4.99 5.22
C1C PIO DB . 7.11 3.98 9.78
C2A PIO DB . 7.45 0.23 6.70
C2B PIO DB . 7.02 2.95 4.10
C2C PIO DB . 7.07 3.44 8.35
O2C PIO DB . 7.61 2.16 8.33
C3A PIO DB . 6.38 -0.74 6.21
C3B PIO DB . 6.07 3.55 3.07
C3C PIO DB . 7.89 4.35 7.43
O3C PIO DB . 8.16 3.66 6.25
O41 PIO DB . 7.93 13.33 11.42
O42 PIO DB . 9.14 11.88 9.84
O43 PIO DB . 10.19 12.53 11.97
C4A PIO DB . 6.98 -1.70 5.18
C4B PIO DB . 4.63 3.25 3.46
O51 PIO DB . 7.86 10.39 15.75
O52 PIO DB . 10.14 11.13 16.31
O53 PIO DB . 9.53 8.74 16.49
C5A PIO DB . 7.43 -2.97 5.91
C5B PIO DB . 3.86 2.76 2.23
C6A PIO DB . 7.75 -4.06 4.88
C6B PIO DB . 2.79 1.77 2.67
C7A PIO DB . 7.96 -5.39 5.60
C7B PIO DB . 3.44 0.45 3.04
C8A PIO DB . 8.12 -6.50 4.56
C8B PIO DB . 2.50 -0.36 3.94
C1 GOL EB . 9.16 1.59 25.29
O1 GOL EB . 8.34 1.41 24.15
C2 GOL EB . 10.37 2.44 24.91
O2 GOL EB . 10.07 3.21 23.77
C3 GOL EB . 10.73 3.36 26.08
O3 GOL EB . 11.44 2.64 27.06
C1 PIO FB . 0.27 11.14 14.86
O1 PIO FB . -1.07 11.40 14.50
P1 PIO FB . -1.65 10.82 13.07
C2 PIO FB . 0.28 10.15 16.03
O2 PIO FB . -0.54 10.65 17.06
C3 PIO FB . 1.69 9.96 16.60
O3 PIO FB . 1.62 9.10 17.71
C4 PIO FB . 2.28 11.31 17.04
O4 PIO FB . 3.58 11.09 17.51
P4 PIO FB . 3.82 10.99 19.13
C5 PIO FB . 2.31 12.32 15.89
O5 PIO FB . 2.69 13.57 16.42
P5 PIO FB . 3.92 14.40 15.68
C6 PIO FB . 0.95 12.47 15.20
O6 PIO FB . 1.15 13.19 13.99
O11 PIO FB . -0.50 10.66 12.10
O12 PIO FB . -2.66 11.78 12.50
O13 PIO FB . -2.37 9.36 13.30
C1A PIO FB . -3.71 6.26 12.77
O1A PIO FB . -2.71 5.64 12.88
C1B PIO FB . -3.50 4.78 16.39
O1B PIO FB . -3.03 4.68 17.48
C1C PIO FB . -2.88 9.04 14.56
C2A PIO FB . -4.58 6.11 11.51
C2B PIO FB . -3.38 3.62 15.40
C2C PIO FB . -3.06 7.51 14.63
O2C PIO FB . -4.11 7.13 13.79
C3A PIO FB . -5.82 5.29 11.85
C3B PIO FB . -4.67 2.79 15.42
C3C PIO FB . -3.36 7.08 16.06
O3C PIO FB . -4.17 5.94 16.02
O41 PIO FB . 3.85 12.38 19.72
O42 PIO FB . 5.13 10.30 19.41
O43 PIO FB . 2.70 10.20 19.77
C4A PIO FB . -6.80 5.35 10.68
C4B PIO FB . -4.93 2.19 14.05
O51 PIO FB . 5.19 13.61 15.78
O52 PIO FB . 4.09 15.73 16.39
O53 PIO FB . 3.57 14.65 14.24
C5A PIO FB . -7.05 3.94 10.14
C5B PIO FB . -5.92 1.04 14.17
C6A PIO FB . -5.97 3.56 9.14
C6B PIO FB . -6.45 0.68 12.78
C7A PIO FB . -5.83 4.65 8.07
C7B PIO FB . -7.64 -0.29 12.93
C8A PIO FB . -4.74 4.26 7.08
C8B PIO FB . -8.31 -0.47 11.57
S SO4 GB . -8.56 12.46 6.52
O1 SO4 GB . -7.98 12.87 5.25
O2 SO4 GB . -9.97 12.13 6.34
O3 SO4 GB . -8.44 13.56 7.47
O4 SO4 GB . -7.85 11.30 7.04
S SO4 HB . -7.84 41.99 5.90
O1 SO4 HB . -9.04 42.81 5.75
O2 SO4 HB . -7.50 41.41 4.61
O3 SO4 HB . -6.74 42.83 6.38
O4 SO4 HB . -8.10 40.93 6.86
S SO4 IB . -7.47 37.43 10.93
O1 SO4 IB . -8.60 38.21 10.42
O2 SO4 IB . -6.61 37.04 9.82
O3 SO4 IB . -6.71 38.24 11.88
O4 SO4 IB . -7.97 36.23 11.61
C1 GOL JB . -2.52 38.39 7.74
O1 GOL JB . -2.66 38.54 9.14
C2 GOL JB . -3.64 37.49 7.22
O2 GOL JB . -4.17 38.04 6.03
C3 GOL JB . -3.09 36.10 6.93
O3 GOL JB . -2.54 35.55 8.10
C1 GOL KB . -4.65 10.27 3.60
O1 GOL KB . -4.79 8.92 3.99
C2 GOL KB . -3.34 10.82 4.14
O2 GOL KB . -3.48 11.11 5.50
C3 GOL KB . -2.95 12.08 3.36
O3 GOL KB . -2.74 11.77 2.01
C1 PIO LB . -1.34 6.68 21.39
O1 PIO LB . -0.13 5.98 21.56
P1 PIO LB . -0.02 4.44 20.99
C2 PIO LB . -1.27 7.48 20.08
O2 PIO LB . -0.08 8.24 20.07
C3 PIO LB . -2.47 8.43 19.92
O3 PIO LB . -2.29 9.21 18.77
C4 PIO LB . -2.60 9.36 21.14
O4 PIO LB . -3.76 10.14 20.98
P4 PIO LB . -3.61 11.65 20.32
C5 PIO LB . -2.71 8.57 22.44
O5 PIO LB . -2.69 9.48 23.51
P5 PIO LB . -3.59 9.14 24.85
C6 PIO LB . -1.56 7.56 22.63
O6 PIO LB . -1.85 6.73 23.72
O11 PIO LB . -1.14 3.61 21.57
O12 PIO LB . 1.31 3.84 21.38
O13 PIO LB . -0.16 4.47 19.35
C1A PIO LB . 0.76 2.11 15.76
O1A PIO LB . -0.41 2.16 15.58
C1B PIO LB . 2.04 5.89 14.73
O1B PIO LB . 3.09 5.57 14.26
C1C PIO LB . 0.98 4.19 18.58
C2A PIO LB . 1.56 0.92 15.22
C2B PIO LB . 0.95 6.48 13.84
C2C PIO LB . 0.53 3.98 17.13
O2C PIO LB . 1.41 3.12 16.48
C3A PIO LB . 0.67 -0.32 15.24
C3B PIO LB . 0.96 5.75 12.50
C3C PIO LB . 0.50 5.32 16.40
O3C PIO LB . 1.81 5.70 16.10
O41 PIO LB . -4.98 12.29 20.21
O42 PIO LB . -3.00 11.54 18.95
O43 PIO LB . -2.73 12.50 21.21
C4A PIO LB . 1.02 -1.23 14.06
C4B PIO LB . 0.53 4.30 12.70
O51 PIO LB . -3.18 7.80 25.41
O52 PIO LB . -5.06 9.09 24.47
O53 PIO LB . -3.38 10.21 25.89
C5A PIO LB . 1.07 -0.42 12.77
C5B PIO LB . -0.11 3.78 11.42
C6A PIO LB . 2.12 -1.01 11.83
C6B PIO LB . -0.86 2.48 11.70
C7A PIO LB . 1.47 -1.48 10.54
C7B PIO LB . -1.55 2.01 10.41
C8A PIO LB . 2.46 -2.31 9.74
C8B PIO LB . -2.43 3.12 9.86
C1 PIO MB . -10.75 5.40 20.86
O1 PIO MB . -11.85 5.25 20.02
P1 PIO MB . -11.60 4.92 18.42
C2 PIO MB . -10.76 4.25 21.87
O2 PIO MB . -12.06 4.13 22.40
C3 PIO MB . -9.77 4.46 23.03
O3 PIO MB . -9.95 3.40 23.94
C4 PIO MB . -9.98 5.81 23.72
O4 PIO MB . -8.98 6.02 24.70
P4 PIO MB . -9.12 5.35 26.19
C5 PIO MB . -9.92 6.98 22.73
O5 PIO MB . -10.30 8.16 23.38
P5 PIO MB . -9.24 9.42 23.41
C6 PIO MB . -10.83 6.79 21.51
O6 PIO MB . -10.47 7.75 20.54
O11 PIO MB . -10.47 5.78 17.90
O12 PIO MB . -12.86 5.22 17.65
O13 PIO MB . -11.21 3.33 18.26
C1A PIO MB . -11.79 -0.35 15.72
O1A PIO MB . -10.62 -0.54 15.76
C1B PIO MB . -12.11 -1.10 20.40
O1B PIO MB . -12.69 -1.09 21.44
C1C PIO MB . -12.19 2.45 17.80
C2A PIO MB . -12.60 -0.80 14.50
C2B PIO MB . -11.04 -2.16 20.15
C2C PIO MB . -11.56 1.09 17.55
O2C PIO MB . -12.42 0.27 16.81
C3A PIO MB . -11.67 -1.11 13.30
C3B PIO MB . -11.56 -3.17 19.13
C3C PIO MB . -11.25 0.43 18.89
O3C PIO MB . -12.39 -0.16 19.43
O41 PIO MB . -8.25 6.09 27.18
O42 PIO MB . -8.68 3.91 26.12
O43 PIO MB . -10.56 5.40 26.66
C4A PIO MB . -12.06 -0.37 12.01
C4B PIO MB . -10.86 -4.52 19.35
O51 PIO MB . -7.86 8.92 23.07
O52 PIO MB . -9.22 10.04 24.80
O53 PIO MB . -9.66 10.47 22.41
C5A PIO MB . -13.45 0.25 12.07
C5B PIO MB . -9.37 -4.37 19.05
C6A PIO MB . -13.79 1.19 10.90
C6B PIO MB . -8.74 -5.77 18.93
C7A PIO MB . -12.56 1.85 10.26
C7B PIO MB . -7.31 -5.74 19.46
C8A PIO MB . -12.86 3.32 10.04
C8B PIO MB . -6.89 -7.16 19.85
C1 GOL NB . -11.06 6.43 10.04
O1 GOL NB . -10.79 7.71 9.51
C2 GOL NB . -12.45 5.99 9.60
O2 GOL NB . -12.52 4.59 9.63
C3 GOL NB . -12.73 6.47 8.18
O3 GOL NB . -12.57 7.87 8.13
C1 GOL OB . -18.20 -1.69 20.35
O1 GOL OB . -19.45 -1.65 19.70
C2 GOL OB . -17.54 -0.31 20.28
O2 GOL OB . -16.72 -0.12 21.41
C3 GOL OB . -18.62 0.77 20.25
O3 GOL OB . -18.02 2.04 20.07
C1 PIO PB . -11.65 -0.27 25.79
O1 PIO PB . -10.33 -0.35 26.22
P1 PIO PB . -9.56 -1.80 26.01
C2 PIO PB . -11.86 1.05 25.04
O2 PIO PB . -11.56 2.14 25.88
C3 PIO PB . -13.32 1.18 24.57
O3 PIO PB . -13.48 2.44 23.96
C4 PIO PB . -14.32 1.06 25.73
O4 PIO PB . -15.60 0.85 25.19
P4 PIO PB . -16.60 2.14 24.94
C5 PIO PB . -14.04 -0.12 26.69
O5 PIO PB . -14.68 0.17 27.91
P5 PIO PB . -16.02 -0.70 28.31
C6 PIO PB . -12.57 -0.38 27.01
O6 PIO PB . -12.45 -1.67 27.54
O11 PIO PB . -10.56 -2.93 26.16
O12 PIO PB . -8.45 -1.94 27.02
O13 PIO PB . -8.91 -1.81 24.51
C1A PIO PB . -5.85 -1.83 21.83
O1A PIO PB . -6.45 -2.13 20.86
C1B PIO PB . -6.99 1.39 20.30
O1B PIO PB . -6.19 2.16 19.86
C1C PIO PB . -8.07 -0.72 24.23
C2A PIO PB . -4.57 -2.58 22.20
C2B PIO PB . -7.81 0.52 19.36
C2C PIO PB . -7.71 -0.75 22.76
O2C PIO PB . -6.31 -0.78 22.64
C3A PIO PB . -3.70 -2.71 20.96
C3B PIO PB . -6.94 -0.02 18.22
C3C PIO PB . -8.24 0.51 22.08
O3C PIO PB . -7.15 1.30 21.69
O41 PIO PB . -16.85 2.84 26.26
O42 PIO PB . -17.91 1.65 24.38
O43 PIO PB . -15.96 3.10 23.96
C4A PIO PB . -3.30 -4.18 20.78
C4B PIO PB . -7.52 -1.34 17.71
O51 PIO PB . -16.85 -0.96 27.08
O52 PIO PB . -16.83 0.08 29.33
O53 PIO PB . -15.58 -2.02 28.91
C5A PIO PB . -3.55 -4.63 19.34
C5B PIO PB . -6.88 -1.70 16.39
C6A PIO PB . -3.07 -3.54 18.38
C6B PIO PB . -7.74 -2.73 15.65
C7A PIO PB . -3.89 -3.60 17.09
C7B PIO PB . -7.30 -4.14 16.04
C8A PIO PB . -2.99 -4.03 15.93
C8B PIO PB . -6.61 -4.81 14.84
#